data_3N23
#
_entry.id   3N23
#
_cell.length_a   117.160
_cell.length_b   118.930
_cell.length_c   494.100
_cell.angle_alpha   90.000
_cell.angle_beta   90.000
_cell.angle_gamma   90.000
#
_symmetry.space_group_name_H-M   'P 21 21 21'
#
loop_
_entity.id
_entity.type
_entity.pdbx_description
1 polymer 'Sodium/potassium-transporting ATPase subunit alpha-1'
2 polymer 'Sodium/potassium-transporting ATPase subunit beta-1'
3 polymer 'Na+/K+ ATPase gamma subunit transcript variant a'
4 non-polymer OUABAIN
5 non-polymer 'MAGNESIUM ION'
#
loop_
_entity_poly.entity_id
_entity_poly.type
_entity_poly.pdbx_seq_one_letter_code
_entity_poly.pdbx_strand_id
1 'polypeptide(L)'
;MDELKKEVSMDDHKLSLDELHRKYGTDLSRGLTPARAAEILARDGPNALTPPPTTPEWVKFCRQLFGGFSMLLWIGAILC
FLAYGIQAATEEEPQNDNLYLGVVLSAVVIITGCFSYYQEAKSSKIMESFKNMVPQQALVIRNGEKMSINAEEVVVGDLV
EVKGGDRIPADLRIISANGCKVDNSSLTGESEPQTRSPDFTNENPLETRNIAFFSTNCVEGTARGIVVYTGDRTVMGRIA
TLASGLEGGQTPIAAEIEHFIHIITGVAVFLGVSFFILSLILEYTWLEAVIFLIGIIVANVPEGLLATVTVCLTLTAKRM
ARKNCLVKNLEAVETLGSTSTICS(PHD)KTGTLTQNRMTVAHMWSDNQIHEADTTENQSGVSFDKTSATWLALSRIAGL
CNRAVFQANQENLPILKRAVAGDASESALLKCIELCCGSVKEMRERYTKIVEIPFNSTNKYQLSIHKNPNTAEPRHLLVM
KGAPERILDRCSSILIHGKEQPLDEELKDAFQNAYLELGGLGERVLGFCHLFLPDEQFPEGFQFDTDDVNFPLDNLCFVG
LISMIDPPRAAVPDAVGKCRSAGIKVIMVTGDHPITAKAIAKGVGIISEGNETVEDIAARLNIPVSQVNPRDAKACVVHG
SDLKDMTSEQLDDILKYHTEIVFARTSPQQKLIIVEGCQRQGAIVAVTGDGVNDSPASKKADIGVAMGIAGSDVSKQAAD
MILLDDNFASIVTGVEEGRLIFDNLKKSIAYTLTSNIPEITPFLIFIIANIPLPLGTVTILCIDLGTDMVPAISLAYEQA
ESDIMKRQPRNPKTDKLVNEQLISMAYGQIGMIQALGGFFTYFVILAENGFLPIHLLGLRVNWDDRWINDVEDSYGQQWT
YEQRKIVEFTCHTPFFVTIVVVQWADLVICKTRRNSVFQQGMKNKILIFGLFEETALAAFLSYCPGMGVALRMYPLKPTW
WFCAFPYSLLIFVYDEVRKLIIRRRPGGWVEKETYY
;
A,C
2 'polypeptide(L)'
;RTGGSWFKILLFYVIFYGCLAGIFIGTIQVMLLTISEFKPTYQDRVAPPGLTQIPQSQKTEISFRPNDPQSYESYVVSIV
RFLEKYKDLAQKDDMIFEDCGNVPSELKERGEYNNERGERKVCRFRLEWLGNCSGLNDETYGYKDGKPCVIIKLNRVLGF
KPKPPKNESLETYPVMKYNPYVLPVHCTGKRDEDKEKVGTMEYFGLGGYPGFPLQYYPYYGKLLQPKYLQPLMAVQFTNL
TMDTEIRIECKAYGENIGYSEKDRFQGRFDVKIEVKS
;
B,D
3 'polypeptide(L)' DPFYYDYETVRNGGLIFAALAFIVGLIIILS G,E
#
# COMPACT_ATOMS: atom_id res chain seq x y z
N MET A 1 -30.20 -61.80 8.56
CA MET A 1 -29.80 -61.11 7.34
C MET A 1 -28.34 -61.40 7.02
N ASP A 2 -27.52 -60.36 7.07
CA ASP A 2 -26.08 -60.50 6.80
C ASP A 2 -25.40 -61.38 7.85
N GLU A 3 -25.99 -61.44 9.04
CA GLU A 3 -25.42 -62.22 10.13
C GLU A 3 -25.15 -63.65 9.68
N LEU A 4 -25.92 -64.12 8.72
CA LEU A 4 -25.72 -65.45 8.19
C LEU A 4 -24.43 -65.51 7.41
N LYS A 5 -23.98 -64.35 6.94
CA LYS A 5 -22.80 -64.25 6.11
C LYS A 5 -21.56 -63.97 6.92
N LYS A 6 -21.72 -63.83 8.23
CA LYS A 6 -20.58 -63.53 9.09
C LYS A 6 -19.96 -64.80 9.60
N GLU A 7 -20.43 -65.90 9.04
CA GLU A 7 -20.01 -67.19 9.52
C GLU A 7 -19.50 -68.09 8.40
N VAL A 8 -18.56 -68.96 8.77
CA VAL A 8 -17.97 -69.89 7.83
C VAL A 8 -19.06 -70.62 7.04
N SER A 9 -18.69 -71.08 5.84
CA SER A 9 -19.64 -71.77 4.98
C SER A 9 -19.53 -73.27 5.16
N MET A 10 -20.42 -74.01 4.50
CA MET A 10 -20.33 -75.45 4.48
C MET A 10 -20.25 -75.97 3.07
N ASP A 11 -19.88 -77.24 2.94
CA ASP A 11 -19.70 -77.88 1.65
C ASP A 11 -19.79 -79.40 1.79
N ASP A 12 -19.50 -80.11 0.70
CA ASP A 12 -19.76 -81.53 0.62
C ASP A 12 -18.70 -82.19 -0.25
N HIS A 13 -17.57 -81.52 -0.38
CA HIS A 13 -16.41 -82.08 -1.05
C HIS A 13 -16.03 -83.44 -0.48
N LYS A 14 -16.58 -83.77 0.68
CA LYS A 14 -16.30 -85.04 1.34
C LYS A 14 -17.16 -86.17 0.77
N LEU A 15 -17.71 -85.95 -0.42
CA LEU A 15 -18.55 -86.93 -1.07
C LEU A 15 -17.81 -87.62 -2.22
N SER A 16 -17.97 -88.94 -2.31
CA SER A 16 -17.32 -89.72 -3.36
C SER A 16 -17.77 -89.26 -4.75
N LEU A 17 -16.90 -89.45 -5.73
CA LEU A 17 -17.20 -89.07 -7.10
C LEU A 17 -18.61 -89.49 -7.49
N ASP A 18 -19.09 -90.58 -6.89
CA ASP A 18 -20.42 -91.10 -7.18
C ASP A 18 -21.49 -90.24 -6.53
N GLU A 19 -21.53 -90.26 -5.20
CA GLU A 19 -22.50 -89.47 -4.46
C GLU A 19 -22.76 -88.12 -5.13
N LEU A 20 -21.70 -87.34 -5.30
CA LEU A 20 -21.80 -86.03 -5.91
C LEU A 20 -22.56 -86.10 -7.24
N HIS A 21 -22.54 -87.28 -7.86
CA HIS A 21 -23.23 -87.48 -9.12
C HIS A 21 -24.66 -87.93 -8.90
N ARG A 22 -24.90 -88.66 -7.82
CA ARG A 22 -26.23 -89.16 -7.50
C ARG A 22 -27.09 -88.05 -6.89
N LYS A 23 -26.43 -87.05 -6.30
CA LYS A 23 -27.14 -85.93 -5.69
C LYS A 23 -27.57 -84.91 -6.74
N TYR A 24 -26.78 -84.80 -7.80
CA TYR A 24 -27.07 -83.85 -8.88
C TYR A 24 -27.64 -84.57 -10.09
N GLY A 25 -27.76 -85.89 -10.00
CA GLY A 25 -28.29 -86.69 -11.08
C GLY A 25 -27.68 -86.27 -12.41
N THR A 26 -26.36 -86.31 -12.47
CA THR A 26 -25.66 -85.92 -13.68
C THR A 26 -24.62 -86.97 -14.03
N ASP A 27 -23.98 -86.80 -15.19
CA ASP A 27 -23.03 -87.78 -15.70
C ASP A 27 -21.62 -87.23 -15.58
N LEU A 28 -20.67 -88.11 -15.28
CA LEU A 28 -19.30 -87.70 -15.04
C LEU A 28 -18.48 -87.65 -16.32
N SER A 29 -18.84 -88.46 -17.30
CA SER A 29 -18.13 -88.44 -18.58
C SER A 29 -18.98 -87.81 -19.69
N ARG A 30 -20.29 -87.75 -19.43
CA ARG A 30 -21.26 -87.21 -20.40
C ARG A 30 -21.73 -85.80 -20.03
N GLY A 31 -22.05 -85.61 -18.75
CA GLY A 31 -22.70 -84.39 -18.31
C GLY A 31 -24.18 -84.49 -18.63
N LEU A 32 -25.01 -83.81 -17.84
CA LEU A 32 -26.45 -83.91 -18.00
C LEU A 32 -26.94 -83.54 -19.40
N THR A 33 -28.24 -83.65 -19.59
CA THR A 33 -28.87 -83.45 -20.89
C THR A 33 -29.19 -81.98 -21.12
N PRO A 34 -28.96 -81.49 -22.34
CA PRO A 34 -29.33 -80.12 -22.71
C PRO A 34 -30.75 -79.81 -22.26
N ALA A 35 -31.58 -80.85 -22.18
CA ALA A 35 -32.93 -80.72 -21.67
C ALA A 35 -32.92 -80.55 -20.15
N ARG A 36 -32.17 -81.41 -19.48
CA ARG A 36 -31.98 -81.29 -18.03
C ARG A 36 -31.21 -80.02 -17.73
N ALA A 37 -30.65 -79.41 -18.78
CA ALA A 37 -29.81 -78.23 -18.63
C ALA A 37 -30.64 -76.95 -18.59
N ALA A 38 -31.35 -76.67 -19.68
CA ALA A 38 -32.23 -75.51 -19.73
C ALA A 38 -33.21 -75.56 -18.57
N GLU A 39 -33.60 -76.77 -18.19
CA GLU A 39 -34.52 -76.99 -17.08
C GLU A 39 -33.97 -76.44 -15.76
N ILE A 40 -32.89 -77.07 -15.27
CA ILE A 40 -32.27 -76.65 -14.01
C ILE A 40 -31.87 -75.19 -14.09
N LEU A 41 -32.03 -74.60 -15.26
CA LEU A 41 -31.72 -73.20 -15.48
C LEU A 41 -32.87 -72.34 -14.97
N ALA A 42 -34.06 -72.54 -15.53
CA ALA A 42 -35.23 -71.76 -15.14
C ALA A 42 -35.63 -72.05 -13.70
N ARG A 43 -35.05 -73.09 -13.11
CA ARG A 43 -35.35 -73.43 -11.72
C ARG A 43 -34.81 -72.37 -10.78
N ASP A 44 -33.50 -72.12 -10.85
CA ASP A 44 -32.84 -71.17 -9.97
C ASP A 44 -32.70 -69.79 -10.60
N GLY A 45 -31.90 -69.73 -11.67
CA GLY A 45 -31.66 -68.48 -12.38
C GLY A 45 -30.43 -68.60 -13.24
N PRO A 46 -29.90 -67.48 -13.72
CA PRO A 46 -28.65 -67.50 -14.49
C PRO A 46 -27.44 -67.48 -13.57
N ASN A 47 -26.28 -67.84 -14.10
CA ASN A 47 -25.05 -67.83 -13.31
C ASN A 47 -24.35 -66.49 -13.38
N ALA A 48 -24.78 -65.55 -12.53
CA ALA A 48 -24.12 -64.26 -12.39
C ALA A 48 -24.61 -63.55 -11.15
N LEU A 49 -23.87 -62.53 -10.73
CA LEU A 49 -24.25 -61.75 -9.57
C LEU A 49 -25.37 -60.79 -9.92
N THR A 50 -26.47 -60.86 -9.16
CA THR A 50 -27.62 -59.99 -9.39
C THR A 50 -27.18 -58.56 -9.67
N PRO A 51 -27.95 -57.87 -10.52
CA PRO A 51 -27.64 -56.49 -10.88
C PRO A 51 -27.37 -55.63 -9.66
N PRO A 52 -26.15 -55.13 -9.53
CA PRO A 52 -25.77 -54.29 -8.39
C PRO A 52 -26.70 -53.09 -8.24
N PRO A 53 -27.34 -52.98 -7.07
CA PRO A 53 -28.26 -51.87 -6.81
C PRO A 53 -27.55 -50.52 -6.84
N THR A 54 -26.93 -50.21 -7.97
CA THR A 54 -26.20 -48.94 -8.12
C THR A 54 -26.82 -48.09 -9.23
N THR A 55 -28.12 -47.85 -9.14
CA THR A 55 -28.83 -47.06 -10.13
C THR A 55 -29.42 -45.79 -9.51
N PRO A 56 -28.61 -44.75 -9.44
CA PRO A 56 -29.05 -43.47 -8.87
C PRO A 56 -29.92 -42.69 -9.84
N GLU A 57 -30.19 -41.43 -9.52
CA GLU A 57 -31.02 -40.58 -10.37
C GLU A 57 -30.95 -39.12 -9.94
N TRP A 58 -31.46 -38.23 -10.78
CA TRP A 58 -31.45 -36.80 -10.49
C TRP A 58 -31.82 -36.53 -9.04
N VAL A 59 -32.75 -37.33 -8.52
CA VAL A 59 -33.19 -37.17 -7.13
C VAL A 59 -32.00 -37.15 -6.17
N LYS A 60 -30.86 -37.62 -6.65
CA LYS A 60 -29.65 -37.66 -5.84
C LYS A 60 -29.36 -36.29 -5.21
N PHE A 61 -29.67 -35.23 -5.95
CA PHE A 61 -29.46 -33.87 -5.47
C PHE A 61 -29.90 -33.72 -4.02
N CYS A 62 -30.94 -34.45 -3.65
CA CYS A 62 -31.47 -34.41 -2.29
C CYS A 62 -30.39 -34.78 -1.27
N ARG A 63 -29.63 -35.82 -1.58
CA ARG A 63 -28.56 -36.28 -0.69
C ARG A 63 -27.65 -35.13 -0.30
N GLN A 64 -27.66 -34.07 -1.10
CA GLN A 64 -26.83 -32.90 -0.83
C GLN A 64 -27.51 -31.94 0.14
N LEU A 65 -28.69 -32.34 0.61
CA LEU A 65 -29.44 -31.51 1.56
C LEU A 65 -29.65 -32.29 2.84
N PHE A 66 -28.93 -33.38 2.99
CA PHE A 66 -28.99 -34.19 4.18
C PHE A 66 -28.01 -33.63 5.21
N GLY A 67 -26.93 -33.04 4.70
CA GLY A 67 -25.88 -32.51 5.56
C GLY A 67 -26.45 -31.54 6.57
N GLY A 68 -26.23 -31.80 7.86
CA GLY A 68 -26.74 -30.95 8.90
C GLY A 68 -26.66 -29.49 8.48
N PHE A 69 -25.50 -29.09 7.97
CA PHE A 69 -25.25 -27.71 7.54
C PHE A 69 -26.26 -27.26 6.51
N SER A 70 -26.41 -28.05 5.45
CA SER A 70 -27.40 -27.78 4.41
C SER A 70 -28.79 -27.58 5.00
N MET A 71 -29.04 -28.26 6.12
CA MET A 71 -30.33 -28.13 6.79
C MET A 71 -30.53 -26.73 7.32
N LEU A 72 -29.58 -26.23 8.12
CA LEU A 72 -29.69 -24.86 8.61
C LEU A 72 -30.04 -23.94 7.47
N LEU A 73 -29.18 -23.89 6.46
CA LEU A 73 -29.42 -23.04 5.30
C LEU A 73 -30.88 -23.15 4.84
N TRP A 74 -31.42 -24.36 4.85
CA TRP A 74 -32.81 -24.54 4.46
C TRP A 74 -33.76 -24.08 5.59
N ILE A 75 -33.51 -24.53 6.82
CA ILE A 75 -34.35 -24.17 7.95
C ILE A 75 -34.35 -22.67 8.19
N GLY A 76 -33.24 -22.06 7.84
CA GLY A 76 -33.07 -20.64 8.04
C GLY A 76 -33.72 -19.89 6.91
N ALA A 77 -33.24 -20.13 5.68
CA ALA A 77 -33.78 -19.45 4.51
C ALA A 77 -35.29 -19.68 4.35
N ILE A 78 -35.81 -20.67 5.05
CA ILE A 78 -37.26 -20.88 5.10
C ILE A 78 -37.83 -20.10 6.28
N LEU A 79 -37.12 -20.15 7.39
CA LEU A 79 -37.50 -19.43 8.60
C LEU A 79 -37.37 -17.92 8.39
N CYS A 80 -36.43 -17.51 7.54
CA CYS A 80 -36.29 -16.11 7.20
C CYS A 80 -37.09 -15.85 5.93
N PHE A 81 -37.73 -16.91 5.44
CA PHE A 81 -38.59 -16.81 4.26
C PHE A 81 -40.01 -16.56 4.70
N LEU A 82 -40.19 -16.47 6.02
CA LEU A 82 -41.50 -16.32 6.61
C LEU A 82 -41.63 -14.96 7.27
N ALA A 83 -40.50 -14.37 7.66
CA ALA A 83 -40.50 -13.06 8.29
C ALA A 83 -41.14 -12.01 7.39
N TYR A 84 -40.90 -12.13 6.09
CA TYR A 84 -41.46 -11.21 5.11
C TYR A 84 -42.97 -11.31 5.11
N GLY A 85 -43.48 -12.54 5.15
CA GLY A 85 -44.91 -12.77 5.10
C GLY A 85 -45.60 -12.34 6.38
N ILE A 86 -44.88 -12.45 7.49
CA ILE A 86 -45.44 -12.06 8.79
C ILE A 86 -45.68 -10.58 8.81
N GLN A 87 -44.66 -9.81 8.45
CA GLN A 87 -44.87 -8.37 8.39
C GLN A 87 -45.80 -8.00 7.23
N ALA A 88 -45.56 -8.58 6.05
CA ALA A 88 -46.29 -8.23 4.82
C ALA A 88 -47.79 -8.10 5.01
N ALA A 89 -48.34 -9.01 5.79
CA ALA A 89 -49.76 -8.96 6.09
C ALA A 89 -50.12 -7.57 6.61
N THR A 90 -49.12 -6.87 7.13
CA THR A 90 -49.29 -5.56 7.74
C THR A 90 -48.85 -4.40 6.83
N GLU A 91 -47.53 -4.22 6.69
CA GLU A 91 -46.93 -3.19 5.83
C GLU A 91 -45.69 -3.70 5.08
N GLU A 92 -45.64 -3.50 3.77
CA GLU A 92 -44.52 -3.97 2.95
C GLU A 92 -43.33 -3.01 3.05
N GLU A 93 -42.56 -3.14 4.12
CA GLU A 93 -41.40 -2.30 4.28
C GLU A 93 -40.13 -3.04 3.89
N PRO A 94 -39.73 -4.02 4.69
CA PRO A 94 -38.52 -4.79 4.48
C PRO A 94 -38.83 -5.95 3.56
N GLN A 95 -38.83 -5.68 2.28
CA GLN A 95 -39.10 -6.73 1.32
C GLN A 95 -37.82 -7.19 0.58
N ASN A 96 -36.79 -6.37 0.66
CA ASN A 96 -35.50 -6.76 0.12
C ASN A 96 -34.63 -7.39 1.21
N ASP A 97 -34.97 -7.09 2.44
CA ASP A 97 -34.20 -7.61 3.55
C ASP A 97 -34.52 -9.08 3.79
N ASN A 98 -35.71 -9.36 4.31
CA ASN A 98 -36.10 -10.73 4.62
C ASN A 98 -36.32 -11.54 3.34
N LEU A 99 -37.21 -11.06 2.48
CA LEU A 99 -37.51 -11.77 1.25
C LEU A 99 -36.24 -12.10 0.50
N TYR A 100 -35.40 -11.10 0.22
CA TYR A 100 -34.16 -11.36 -0.50
C TYR A 100 -33.32 -12.39 0.23
N LEU A 101 -33.02 -12.12 1.49
CA LEU A 101 -32.12 -12.97 2.27
C LEU A 101 -32.48 -14.45 2.13
N GLY A 102 -33.77 -14.75 2.19
CA GLY A 102 -34.24 -16.10 2.01
C GLY A 102 -33.84 -16.67 0.67
N VAL A 103 -34.17 -15.96 -0.41
CA VAL A 103 -33.81 -16.42 -1.74
C VAL A 103 -32.30 -16.65 -1.84
N VAL A 104 -31.54 -15.73 -1.26
CA VAL A 104 -30.09 -15.85 -1.28
C VAL A 104 -29.65 -17.17 -0.71
N LEU A 105 -29.97 -17.39 0.55
CA LEU A 105 -29.59 -18.63 1.20
C LEU A 105 -30.14 -19.79 0.39
N SER A 106 -31.33 -19.60 -0.16
CA SER A 106 -31.98 -20.63 -0.98
C SER A 106 -31.07 -21.09 -2.11
N ALA A 107 -30.72 -20.15 -2.99
CA ALA A 107 -29.87 -20.46 -4.13
C ALA A 107 -28.51 -20.98 -3.67
N VAL A 108 -28.01 -20.45 -2.57
CA VAL A 108 -26.76 -20.93 -2.00
C VAL A 108 -26.82 -22.44 -1.88
N VAL A 109 -27.83 -22.94 -1.17
CA VAL A 109 -28.01 -24.36 -1.00
C VAL A 109 -27.86 -25.00 -2.36
N ILE A 110 -28.50 -24.42 -3.37
CA ILE A 110 -28.56 -25.00 -4.70
C ILE A 110 -27.19 -25.16 -5.37
N ILE A 111 -26.37 -24.14 -5.33
CA ILE A 111 -25.03 -24.22 -5.91
C ILE A 111 -24.13 -25.15 -5.09
N THR A 112 -24.11 -24.90 -3.78
CA THR A 112 -23.26 -25.68 -2.91
C THR A 112 -23.50 -27.14 -3.28
N GLY A 113 -24.74 -27.46 -3.60
CA GLY A 113 -25.12 -28.79 -4.06
C GLY A 113 -24.32 -29.17 -5.29
N CYS A 114 -24.31 -28.28 -6.28
CA CYS A 114 -23.64 -28.57 -7.54
C CYS A 114 -22.19 -29.00 -7.36
N PHE A 115 -21.46 -28.30 -6.51
CA PHE A 115 -20.08 -28.67 -6.25
C PHE A 115 -20.00 -30.01 -5.54
N SER A 116 -21.14 -30.44 -5.01
CA SER A 116 -21.19 -31.73 -4.36
C SER A 116 -21.73 -32.78 -5.32
N TYR A 117 -22.52 -32.36 -6.29
CA TYR A 117 -23.07 -33.30 -7.26
C TYR A 117 -22.14 -33.46 -8.45
N TYR A 118 -21.39 -32.43 -8.77
CA TYR A 118 -20.48 -32.54 -9.90
C TYR A 118 -19.28 -33.39 -9.50
N GLN A 119 -19.08 -33.55 -8.20
CA GLN A 119 -17.98 -34.37 -7.69
C GLN A 119 -18.22 -35.86 -7.96
N GLU A 120 -19.27 -36.41 -7.37
CA GLU A 120 -19.57 -37.83 -7.54
C GLU A 120 -20.14 -38.13 -8.93
N ALA A 121 -19.97 -37.20 -9.85
CA ALA A 121 -20.32 -37.45 -11.25
C ALA A 121 -19.05 -37.61 -12.05
N LYS A 122 -18.16 -36.63 -11.91
CA LYS A 122 -16.89 -36.64 -12.63
C LYS A 122 -16.02 -37.83 -12.20
N SER A 123 -16.08 -38.16 -10.91
CA SER A 123 -15.31 -39.26 -10.37
C SER A 123 -15.73 -40.59 -10.98
N SER A 124 -17.03 -40.78 -11.14
CA SER A 124 -17.57 -42.01 -11.72
C SER A 124 -17.07 -42.21 -13.14
N LYS A 125 -17.48 -41.31 -14.04
CA LYS A 125 -17.08 -41.40 -15.44
C LYS A 125 -15.57 -41.58 -15.57
N ILE A 126 -14.82 -40.88 -14.72
CA ILE A 126 -13.36 -40.95 -14.74
C ILE A 126 -12.89 -42.34 -14.31
N MET A 127 -13.79 -43.11 -13.71
CA MET A 127 -13.47 -44.45 -13.25
C MET A 127 -14.32 -45.50 -13.94
N GLU A 128 -15.22 -45.04 -14.82
CA GLU A 128 -16.09 -45.93 -15.57
C GLU A 128 -15.51 -46.28 -16.93
N SER A 129 -14.62 -45.42 -17.42
CA SER A 129 -13.98 -45.63 -18.72
C SER A 129 -12.71 -46.44 -18.58
N PHE A 130 -12.57 -47.14 -17.46
CA PHE A 130 -11.39 -47.96 -17.21
C PHE A 130 -11.53 -49.33 -17.85
N LYS A 131 -10.69 -50.27 -17.41
CA LYS A 131 -10.72 -51.62 -17.96
C LYS A 131 -12.03 -52.33 -17.63
N ASN A 132 -12.97 -52.28 -18.58
CA ASN A 132 -14.26 -52.91 -18.39
C ASN A 132 -14.18 -54.44 -18.43
N MET A 133 -14.74 -55.08 -17.42
CA MET A 133 -14.73 -56.54 -17.33
C MET A 133 -15.75 -57.15 -18.28
N VAL A 134 -15.25 -57.98 -19.21
CA VAL A 134 -16.12 -58.64 -20.18
C VAL A 134 -16.10 -60.15 -20.00
N PRO A 135 -17.13 -60.69 -19.36
CA PRO A 135 -17.23 -62.13 -19.12
C PRO A 135 -17.03 -62.93 -20.39
N GLN A 136 -16.28 -64.02 -20.31
CA GLN A 136 -16.03 -64.88 -21.46
C GLN A 136 -16.96 -66.08 -21.49
N GLN A 137 -16.57 -67.12 -22.21
CA GLN A 137 -17.37 -68.32 -22.32
C GLN A 137 -16.72 -69.49 -21.58
N ALA A 138 -17.55 -70.40 -21.07
CA ALA A 138 -17.05 -71.56 -20.33
C ALA A 138 -17.15 -72.81 -21.19
N LEU A 139 -16.42 -73.86 -20.80
CA LEU A 139 -16.40 -75.12 -21.54
C LEU A 139 -17.04 -76.28 -20.77
N VAL A 140 -18.24 -76.66 -21.18
CA VAL A 140 -19.01 -77.66 -20.46
C VAL A 140 -19.21 -78.92 -21.29
N ILE A 141 -19.51 -80.02 -20.61
CA ILE A 141 -19.73 -81.31 -21.26
C ILE A 141 -21.17 -81.77 -21.09
N ARG A 142 -21.96 -81.63 -22.14
CA ARG A 142 -23.35 -82.04 -22.09
C ARG A 142 -23.63 -83.06 -23.18
N ASN A 143 -23.98 -84.27 -22.75
CA ASN A 143 -24.21 -85.38 -23.68
C ASN A 143 -22.90 -85.90 -24.25
N GLY A 144 -21.83 -85.73 -23.49
CA GLY A 144 -20.53 -86.25 -23.88
C GLY A 144 -19.80 -85.33 -24.83
N GLU A 145 -20.56 -84.37 -25.34
CA GLU A 145 -20.06 -83.35 -26.22
C GLU A 145 -19.57 -82.17 -25.40
N LYS A 146 -18.38 -81.67 -25.69
CA LYS A 146 -17.90 -80.47 -25.01
C LYS A 146 -18.22 -79.24 -25.84
N MET A 147 -18.74 -78.20 -25.20
CA MET A 147 -19.09 -76.96 -25.89
C MET A 147 -18.80 -75.74 -25.05
N SER A 148 -18.86 -74.57 -25.67
CA SER A 148 -18.66 -73.30 -24.97
C SER A 148 -19.93 -72.47 -24.99
N ILE A 149 -20.23 -71.84 -23.86
CA ILE A 149 -21.48 -71.12 -23.71
C ILE A 149 -21.32 -69.86 -22.88
N ASN A 150 -22.38 -69.05 -22.87
CA ASN A 150 -22.47 -67.92 -21.95
C ASN A 150 -22.33 -68.44 -20.52
N ALA A 151 -21.46 -67.80 -19.76
CA ALA A 151 -21.20 -68.22 -18.38
C ALA A 151 -22.47 -68.21 -17.54
N GLU A 152 -23.48 -67.46 -17.98
CA GLU A 152 -24.74 -67.39 -17.24
C GLU A 152 -25.56 -68.67 -17.38
N GLU A 153 -25.20 -69.49 -18.34
CA GLU A 153 -26.00 -70.68 -18.67
C GLU A 153 -25.55 -71.91 -17.90
N VAL A 154 -24.46 -71.76 -17.17
CA VAL A 154 -23.91 -72.84 -16.36
C VAL A 154 -24.82 -73.13 -15.17
N VAL A 155 -25.25 -74.38 -15.06
CA VAL A 155 -26.17 -74.76 -14.00
C VAL A 155 -25.53 -75.68 -12.99
N VAL A 156 -26.20 -75.85 -11.86
CA VAL A 156 -25.67 -76.70 -10.80
C VAL A 156 -25.81 -78.18 -11.14
N GLY A 157 -24.80 -78.74 -11.80
CA GLY A 157 -24.79 -80.15 -12.13
C GLY A 157 -24.00 -80.54 -13.35
N ASP A 158 -23.68 -79.57 -14.22
CA ASP A 158 -23.00 -79.89 -15.47
C ASP A 158 -21.49 -80.01 -15.33
N LEU A 159 -20.87 -80.70 -16.30
CA LEU A 159 -19.44 -80.88 -16.30
C LEU A 159 -18.75 -79.65 -16.89
N VAL A 160 -17.70 -79.18 -16.24
CA VAL A 160 -16.98 -78.01 -16.72
C VAL A 160 -15.49 -78.32 -16.89
N GLU A 161 -14.95 -77.96 -18.04
CA GLU A 161 -13.54 -78.21 -18.31
C GLU A 161 -12.74 -76.92 -18.32
N VAL A 162 -11.82 -76.77 -17.36
CA VAL A 162 -10.98 -75.58 -17.30
C VAL A 162 -9.53 -75.88 -17.72
N LYS A 163 -8.85 -74.85 -18.22
CA LYS A 163 -7.48 -74.96 -18.73
C LYS A 163 -6.64 -73.79 -18.23
N GLY A 164 -5.38 -73.75 -18.64
CA GLY A 164 -4.48 -72.69 -18.21
C GLY A 164 -4.70 -71.40 -18.96
N GLY A 165 -5.34 -70.44 -18.32
CA GLY A 165 -5.56 -69.16 -18.97
C GLY A 165 -6.91 -68.60 -18.64
N ASP A 166 -7.95 -69.42 -18.72
CA ASP A 166 -9.30 -68.93 -18.41
C ASP A 166 -9.52 -68.89 -16.89
N ARG A 167 -10.75 -68.63 -16.50
CA ARG A 167 -11.09 -68.49 -15.10
C ARG A 167 -12.23 -69.44 -14.75
N ILE A 168 -12.50 -69.56 -13.46
CA ILE A 168 -13.52 -70.47 -12.97
C ILE A 168 -14.94 -69.90 -13.15
N PRO A 169 -15.69 -70.47 -14.09
CA PRO A 169 -17.06 -70.05 -14.43
C PRO A 169 -18.00 -70.07 -13.23
N ALA A 170 -17.82 -71.05 -12.35
CA ALA A 170 -18.68 -71.19 -11.18
C ALA A 170 -17.98 -72.05 -10.15
N ASP A 171 -18.64 -72.30 -9.03
CA ASP A 171 -18.04 -73.14 -7.99
C ASP A 171 -18.04 -74.63 -8.35
N LEU A 172 -16.86 -75.22 -8.32
CA LEU A 172 -16.64 -76.56 -8.87
C LEU A 172 -16.17 -77.57 -7.84
N ARG A 173 -16.44 -78.84 -8.13
CA ARG A 173 -15.95 -79.96 -7.34
C ARG A 173 -15.18 -80.87 -8.30
N ILE A 174 -13.86 -80.66 -8.35
CA ILE A 174 -12.99 -81.39 -9.27
C ILE A 174 -13.20 -82.90 -9.22
N ILE A 175 -13.16 -83.54 -10.39
CA ILE A 175 -13.25 -84.99 -10.49
C ILE A 175 -12.13 -85.53 -11.37
N SER A 176 -11.39 -84.61 -11.98
CA SER A 176 -10.26 -84.96 -12.84
C SER A 176 -9.34 -83.76 -13.01
N ALA A 177 -8.03 -83.98 -12.89
CA ALA A 177 -7.07 -82.88 -12.93
C ALA A 177 -5.61 -83.34 -13.09
N ASN A 178 -4.93 -82.77 -14.08
CA ASN A 178 -3.55 -83.13 -14.40
C ASN A 178 -2.57 -81.98 -14.23
N GLY A 179 -1.81 -82.00 -13.14
CA GLY A 179 -0.88 -80.93 -12.85
C GLY A 179 -1.59 -79.59 -12.88
N CYS A 180 -2.66 -79.48 -12.10
CA CYS A 180 -3.55 -78.34 -12.17
C CYS A 180 -3.37 -77.38 -11.01
N LYS A 181 -2.87 -76.18 -11.32
CA LYS A 181 -2.76 -75.12 -10.33
C LYS A 181 -3.80 -74.02 -10.61
N VAL A 182 -3.97 -73.11 -9.65
CA VAL A 182 -5.02 -72.10 -9.75
C VAL A 182 -4.64 -70.90 -8.88
N ASP A 183 -5.40 -69.82 -8.95
CA ASP A 183 -5.11 -68.59 -8.19
C ASP A 183 -6.21 -68.25 -7.17
N ASN A 184 -5.91 -68.47 -5.89
CA ASN A 184 -6.83 -68.17 -4.81
C ASN A 184 -6.53 -66.82 -4.16
N SER A 185 -6.23 -65.81 -4.98
CA SER A 185 -5.94 -64.48 -4.47
C SER A 185 -7.21 -63.67 -4.31
N SER A 186 -8.34 -64.36 -4.30
CA SER A 186 -9.62 -63.69 -4.07
C SER A 186 -10.26 -64.23 -2.80
N LEU A 187 -9.85 -65.41 -2.38
CA LEU A 187 -10.36 -65.97 -1.14
C LEU A 187 -9.30 -65.84 -0.05
N THR A 188 -8.14 -66.44 -0.30
CA THR A 188 -7.04 -66.48 0.67
C THR A 188 -6.12 -65.29 0.47
N GLY A 189 -6.28 -64.61 -0.67
CA GLY A 189 -5.38 -63.55 -1.04
C GLY A 189 -3.98 -64.08 -1.15
N GLU A 190 -3.83 -65.28 -1.70
CA GLU A 190 -2.51 -65.88 -1.87
C GLU A 190 -2.15 -66.19 -3.31
N SER A 191 -1.18 -65.45 -3.83
CA SER A 191 -0.82 -65.51 -5.23
C SER A 191 -0.20 -66.84 -5.60
N GLU A 192 0.76 -67.28 -4.81
CA GLU A 192 1.40 -68.52 -5.14
C GLU A 192 0.31 -69.53 -5.47
N PRO A 193 0.39 -70.11 -6.68
CA PRO A 193 -0.59 -71.07 -7.21
C PRO A 193 -0.93 -72.17 -6.20
N GLN A 194 -2.13 -72.73 -6.31
CA GLN A 194 -2.56 -73.79 -5.40
C GLN A 194 -3.02 -75.02 -6.19
N THR A 195 -2.20 -76.06 -6.18
CA THR A 195 -2.52 -77.29 -6.88
C THR A 195 -3.97 -77.72 -6.64
N ARG A 196 -4.56 -78.36 -7.64
CA ARG A 196 -5.95 -78.82 -7.53
C ARG A 196 -6.07 -80.29 -7.90
N SER A 197 -6.57 -81.09 -6.96
CA SER A 197 -6.74 -82.52 -7.18
C SER A 197 -8.14 -82.98 -6.79
N PRO A 198 -8.69 -83.91 -7.55
CA PRO A 198 -10.03 -84.44 -7.28
C PRO A 198 -10.14 -85.04 -5.88
N ASP A 199 -8.99 -85.26 -5.24
CA ASP A 199 -8.96 -85.82 -3.90
C ASP A 199 -9.04 -84.74 -2.84
N PHE A 200 -9.94 -84.92 -1.88
CA PHE A 200 -10.13 -83.96 -0.80
C PHE A 200 -8.90 -83.90 0.10
N THR A 201 -8.51 -82.69 0.48
CA THR A 201 -7.35 -82.50 1.35
C THR A 201 -7.77 -82.15 2.77
N ASN A 202 -8.17 -80.89 2.97
CA ASN A 202 -8.60 -80.42 4.29
C ASN A 202 -10.11 -80.44 4.44
N GLU A 203 -10.57 -80.60 5.68
CA GLU A 203 -11.99 -80.64 5.96
C GLU A 203 -12.64 -79.28 5.71
N ASN A 204 -11.83 -78.26 5.54
CA ASN A 204 -12.32 -76.91 5.28
C ASN A 204 -12.49 -76.63 3.79
N PRO A 205 -13.73 -76.37 3.38
CA PRO A 205 -14.03 -76.09 1.98
C PRO A 205 -13.21 -74.92 1.45
N LEU A 206 -12.28 -74.42 2.26
CA LEU A 206 -11.43 -73.31 1.87
C LEU A 206 -9.98 -73.76 1.66
N GLU A 207 -9.71 -75.01 2.00
CA GLU A 207 -8.36 -75.56 1.86
C GLU A 207 -8.36 -76.76 0.91
N THR A 208 -9.51 -77.41 0.77
CA THR A 208 -9.63 -78.57 -0.09
C THR A 208 -9.08 -78.28 -1.49
N ARG A 209 -8.46 -79.29 -2.10
CA ARG A 209 -7.88 -79.14 -3.43
C ARG A 209 -8.83 -79.68 -4.51
N ASN A 210 -9.98 -80.16 -4.08
CA ASN A 210 -10.98 -80.71 -5.00
C ASN A 210 -12.12 -79.74 -5.28
N ILE A 211 -11.98 -78.52 -4.77
CA ILE A 211 -12.97 -77.47 -5.02
C ILE A 211 -12.29 -76.24 -5.61
N ALA A 212 -12.71 -75.86 -6.80
CA ALA A 212 -12.31 -74.60 -7.39
C ALA A 212 -13.40 -73.58 -7.09
N PHE A 213 -13.01 -72.37 -6.68
CA PHE A 213 -13.98 -71.33 -6.34
C PHE A 213 -14.10 -70.32 -7.45
N PHE A 214 -15.33 -69.90 -7.74
CA PHE A 214 -15.59 -68.91 -8.78
C PHE A 214 -14.72 -67.67 -8.57
N SER A 215 -14.71 -66.79 -9.56
CA SER A 215 -13.98 -65.52 -9.50
C SER A 215 -12.48 -65.73 -9.54
N THR A 216 -12.06 -66.99 -9.50
CA THR A 216 -10.64 -67.32 -9.58
C THR A 216 -10.27 -67.66 -11.02
N ASN A 217 -9.05 -68.13 -11.23
CA ASN A 217 -8.62 -68.44 -12.57
C ASN A 217 -7.56 -69.52 -12.57
N CYS A 218 -7.80 -70.57 -13.34
CA CYS A 218 -6.86 -71.69 -13.44
C CYS A 218 -5.53 -71.26 -14.04
N VAL A 219 -4.49 -71.27 -13.23
CA VAL A 219 -3.16 -70.83 -13.65
C VAL A 219 -2.54 -71.72 -14.73
N GLU A 220 -2.54 -73.04 -14.51
CA GLU A 220 -1.91 -73.97 -15.44
C GLU A 220 -2.47 -75.38 -15.29
N GLY A 221 -2.12 -76.27 -16.22
CA GLY A 221 -2.62 -77.63 -16.22
C GLY A 221 -4.08 -77.68 -16.61
N THR A 222 -4.66 -78.88 -16.66
CA THR A 222 -6.07 -79.01 -16.99
C THR A 222 -6.82 -79.68 -15.85
N ALA A 223 -8.15 -79.74 -15.97
CA ALA A 223 -8.97 -80.37 -14.95
C ALA A 223 -10.42 -80.31 -15.36
N ARG A 224 -11.23 -81.07 -14.64
CA ARG A 224 -12.66 -81.07 -14.89
C ARG A 224 -13.41 -81.36 -13.59
N GLY A 225 -14.57 -80.74 -13.43
CA GLY A 225 -15.36 -80.89 -12.21
C GLY A 225 -16.83 -80.57 -12.42
N ILE A 226 -17.64 -80.94 -11.44
CA ILE A 226 -19.05 -80.62 -11.49
C ILE A 226 -19.33 -79.31 -10.80
N VAL A 227 -20.33 -78.61 -11.30
CA VAL A 227 -20.73 -77.35 -10.71
C VAL A 227 -21.69 -77.60 -9.56
N VAL A 228 -21.31 -77.18 -8.36
CA VAL A 228 -22.14 -77.35 -7.18
C VAL A 228 -22.77 -76.03 -6.75
N TYR A 229 -22.09 -74.93 -7.06
CA TYR A 229 -22.57 -73.60 -6.71
C TYR A 229 -22.60 -72.69 -7.93
N THR A 230 -23.71 -71.97 -8.10
CA THR A 230 -23.85 -71.05 -9.23
C THR A 230 -24.28 -69.67 -8.77
N GLY A 231 -23.95 -68.65 -9.55
CA GLY A 231 -24.30 -67.29 -9.22
C GLY A 231 -23.93 -66.91 -7.80
N ASP A 232 -24.86 -66.29 -7.10
CA ASP A 232 -24.63 -65.87 -5.71
C ASP A 232 -24.37 -67.07 -4.82
N ARG A 233 -24.79 -68.24 -5.27
CA ARG A 233 -24.61 -69.48 -4.51
C ARG A 233 -23.14 -69.84 -4.39
N THR A 234 -22.30 -69.12 -5.13
CA THR A 234 -20.86 -69.37 -5.12
C THR A 234 -20.22 -68.83 -3.83
N VAL A 235 -19.16 -69.49 -3.38
CA VAL A 235 -18.46 -69.09 -2.18
C VAL A 235 -18.19 -67.59 -2.17
N MET A 236 -17.40 -67.13 -3.15
CA MET A 236 -17.06 -65.72 -3.25
C MET A 236 -18.30 -64.88 -3.57
N GLY A 237 -19.28 -65.50 -4.21
CA GLY A 237 -20.51 -64.81 -4.58
C GLY A 237 -21.20 -64.22 -3.37
N ARG A 238 -21.37 -65.02 -2.33
CA ARG A 238 -22.04 -64.59 -1.11
C ARG A 238 -21.33 -63.37 -0.51
N ILE A 239 -20.01 -63.34 -0.64
CA ILE A 239 -19.22 -62.23 -0.13
C ILE A 239 -19.57 -60.92 -0.83
N ALA A 240 -19.78 -61.01 -2.14
CA ALA A 240 -20.12 -59.83 -2.93
C ALA A 240 -21.41 -59.18 -2.42
N THR A 241 -22.42 -60.00 -2.15
CA THR A 241 -23.69 -59.50 -1.66
C THR A 241 -23.53 -58.81 -0.32
N LEU A 242 -22.76 -59.44 0.58
CA LEU A 242 -22.52 -58.88 1.90
C LEU A 242 -21.67 -57.62 1.83
N ALA A 243 -20.86 -57.53 0.77
CA ALA A 243 -19.98 -56.37 0.59
C ALA A 243 -20.78 -55.15 0.12
N SER A 244 -21.48 -55.31 -0.99
CA SER A 244 -22.29 -54.22 -1.53
C SER A 244 -23.63 -54.10 -0.81
N GLY A 245 -23.86 -55.01 0.13
CA GLY A 245 -25.10 -55.01 0.89
C GLY A 245 -24.89 -54.61 2.34
N LEU A 246 -23.71 -54.07 2.63
CA LEU A 246 -23.37 -53.64 3.98
C LEU A 246 -23.79 -52.18 4.22
N GLU A 247 -23.64 -51.73 5.45
CA GLU A 247 -23.99 -50.36 5.81
C GLU A 247 -22.82 -49.41 5.60
N GLY A 248 -23.13 -48.17 5.25
CA GLY A 248 -22.10 -47.16 5.01
C GLY A 248 -21.46 -46.68 6.30
N GLY A 249 -22.22 -45.93 7.09
CA GLY A 249 -21.72 -45.40 8.35
C GLY A 249 -21.41 -43.92 8.28
N GLN A 250 -21.20 -43.31 9.43
CA GLN A 250 -20.89 -41.89 9.50
C GLN A 250 -19.39 -41.64 9.48
N THR A 251 -18.95 -40.73 8.63
CA THR A 251 -17.54 -40.40 8.51
C THR A 251 -17.06 -39.55 9.69
N PRO A 252 -15.75 -39.46 9.86
CA PRO A 252 -15.16 -38.67 10.95
C PRO A 252 -15.40 -37.18 10.75
N ILE A 253 -14.96 -36.64 9.62
CA ILE A 253 -15.12 -35.23 9.33
C ILE A 253 -16.57 -34.78 9.51
N ALA A 254 -17.49 -35.62 9.07
CA ALA A 254 -18.91 -35.34 9.18
C ALA A 254 -19.30 -35.19 10.64
N ALA A 255 -18.62 -35.92 11.50
CA ALA A 255 -18.91 -35.87 12.93
C ALA A 255 -18.65 -34.45 13.43
N GLU A 256 -17.48 -33.93 13.10
CA GLU A 256 -17.13 -32.58 13.53
C GLU A 256 -18.16 -31.58 13.06
N ILE A 257 -18.54 -31.70 11.80
CA ILE A 257 -19.52 -30.79 11.19
C ILE A 257 -20.84 -30.76 11.99
N GLU A 258 -21.49 -31.91 12.11
CA GLU A 258 -22.76 -32.02 12.83
C GLU A 258 -22.62 -31.50 14.27
N HIS A 259 -21.51 -31.80 14.91
CA HIS A 259 -21.29 -31.32 16.28
C HIS A 259 -21.13 -29.82 16.33
N PHE A 260 -20.52 -29.25 15.29
CA PHE A 260 -20.30 -27.81 15.22
C PHE A 260 -21.62 -27.03 15.26
N ILE A 261 -22.62 -27.55 14.55
CA ILE A 261 -23.94 -26.92 14.50
C ILE A 261 -24.52 -26.81 15.90
N HIS A 262 -24.51 -27.91 16.63
CA HIS A 262 -25.06 -27.93 17.98
C HIS A 262 -24.59 -26.74 18.79
N ILE A 263 -23.35 -26.32 18.58
CA ILE A 263 -22.83 -25.17 19.29
C ILE A 263 -23.39 -23.90 18.69
N ILE A 264 -23.37 -23.78 17.35
CA ILE A 264 -23.93 -22.59 16.69
C ILE A 264 -25.37 -22.32 17.09
N THR A 265 -26.26 -23.21 16.68
CA THR A 265 -27.65 -23.14 17.10
C THR A 265 -27.71 -22.94 18.61
N GLY A 266 -26.77 -23.59 19.32
CA GLY A 266 -26.71 -23.52 20.77
C GLY A 266 -26.72 -22.12 21.36
N VAL A 267 -26.01 -21.18 20.72
CA VAL A 267 -26.02 -19.81 21.19
C VAL A 267 -27.11 -19.02 20.48
N ALA A 268 -27.40 -19.39 19.23
CA ALA A 268 -28.34 -18.63 18.39
C ALA A 268 -29.77 -18.59 18.94
N VAL A 269 -30.09 -19.55 19.79
CA VAL A 269 -31.36 -19.56 20.48
C VAL A 269 -31.19 -19.05 21.90
N PHE A 270 -29.98 -19.13 22.43
CA PHE A 270 -29.74 -18.53 23.72
C PHE A 270 -29.83 -17.02 23.61
N LEU A 271 -29.16 -16.43 22.61
CA LEU A 271 -29.29 -15.00 22.35
C LEU A 271 -30.67 -14.69 21.82
N GLY A 272 -31.10 -15.46 20.83
CA GLY A 272 -32.41 -15.26 20.24
C GLY A 272 -33.52 -15.06 21.26
N VAL A 273 -33.57 -15.95 22.27
CA VAL A 273 -34.60 -15.86 23.30
C VAL A 273 -34.15 -15.00 24.47
N SER A 274 -32.85 -14.96 24.74
CA SER A 274 -32.34 -14.13 25.83
C SER A 274 -32.69 -12.68 25.54
N PHE A 275 -32.69 -12.34 24.25
CA PHE A 275 -32.97 -10.98 23.83
C PHE A 275 -34.45 -10.74 23.59
N PHE A 276 -35.23 -11.82 23.56
CA PHE A 276 -36.67 -11.71 23.44
C PHE A 276 -37.28 -11.31 24.78
N ILE A 277 -36.75 -11.88 25.87
CA ILE A 277 -37.16 -11.48 27.20
C ILE A 277 -36.67 -10.06 27.48
N LEU A 278 -35.45 -9.77 27.05
CA LEU A 278 -34.88 -8.46 27.27
C LEU A 278 -35.76 -7.44 26.55
N SER A 279 -36.18 -7.74 25.34
CA SER A 279 -37.00 -6.82 24.55
C SER A 279 -38.32 -6.53 25.22
N LEU A 280 -38.94 -7.56 25.79
CA LEU A 280 -40.19 -7.39 26.51
C LEU A 280 -40.01 -6.39 27.64
N ILE A 281 -39.05 -6.68 28.52
CA ILE A 281 -38.76 -5.82 29.67
C ILE A 281 -38.40 -4.39 29.23
N LEU A 282 -38.22 -4.21 27.93
CA LEU A 282 -37.92 -2.89 27.38
C LEU A 282 -39.13 -2.30 26.67
N GLU A 283 -40.33 -2.61 27.17
CA GLU A 283 -41.55 -2.03 26.61
C GLU A 283 -41.76 -2.48 25.16
N TYR A 284 -41.94 -3.78 24.95
CA TYR A 284 -42.15 -4.29 23.60
C TYR A 284 -43.26 -5.33 23.53
N THR A 285 -44.32 -5.00 22.81
CA THR A 285 -45.49 -5.87 22.66
C THR A 285 -45.10 -7.26 22.19
N TRP A 286 -46.07 -8.17 22.21
CA TRP A 286 -45.84 -9.57 21.88
C TRP A 286 -45.70 -9.79 20.37
N LEU A 287 -45.72 -8.70 19.62
CA LEU A 287 -45.67 -8.74 18.17
C LEU A 287 -44.27 -8.34 17.70
N GLU A 288 -43.43 -8.00 18.66
CA GLU A 288 -42.11 -7.45 18.39
C GLU A 288 -41.04 -8.31 19.02
N ALA A 289 -41.15 -8.48 20.34
CA ALA A 289 -40.17 -9.26 21.10
C ALA A 289 -39.95 -10.63 20.47
N VAL A 290 -40.88 -11.07 19.64
CA VAL A 290 -40.73 -12.32 18.91
C VAL A 290 -40.20 -12.08 17.51
N ILE A 291 -40.63 -10.99 16.88
CA ILE A 291 -40.15 -10.65 15.55
C ILE A 291 -38.66 -10.29 15.59
N PHE A 292 -38.13 -10.15 16.81
CA PHE A 292 -36.70 -10.01 17.02
C PHE A 292 -36.05 -11.38 17.21
N LEU A 293 -36.69 -12.24 17.99
CA LEU A 293 -36.16 -13.57 18.27
C LEU A 293 -35.83 -14.26 16.96
N ILE A 294 -36.78 -14.22 16.03
CA ILE A 294 -36.59 -14.74 14.69
C ILE A 294 -35.42 -14.01 14.06
N GLY A 295 -35.20 -12.80 14.51
CA GLY A 295 -34.11 -12.00 13.99
C GLY A 295 -32.78 -12.67 14.19
N ILE A 296 -32.44 -12.97 15.43
CA ILE A 296 -31.10 -13.45 15.73
C ILE A 296 -30.83 -14.87 15.22
N ILE A 297 -30.88 -15.00 13.90
CA ILE A 297 -30.57 -16.26 13.24
C ILE A 297 -29.53 -16.01 12.17
N VAL A 298 -29.88 -15.19 11.19
CA VAL A 298 -28.98 -14.79 10.13
C VAL A 298 -27.64 -14.36 10.70
N ALA A 299 -27.69 -13.38 11.58
CA ALA A 299 -26.52 -12.90 12.27
C ALA A 299 -25.77 -14.08 12.88
N ASN A 300 -26.52 -15.06 13.36
CA ASN A 300 -25.92 -16.16 14.10
C ASN A 300 -25.61 -17.41 13.28
N VAL A 301 -26.07 -17.45 12.04
CA VAL A 301 -25.81 -18.60 11.18
C VAL A 301 -25.04 -18.22 9.93
N PRO A 302 -23.78 -18.69 9.82
CA PRO A 302 -22.94 -18.46 8.65
C PRO A 302 -23.62 -18.90 7.37
N GLU A 303 -23.75 -17.96 6.44
CA GLU A 303 -24.42 -18.23 5.18
C GLU A 303 -23.37 -18.72 4.20
N GLY A 304 -22.16 -18.20 4.35
CA GLY A 304 -21.09 -18.49 3.42
C GLY A 304 -20.17 -19.58 3.92
N LEU A 305 -20.30 -19.96 5.18
CA LEU A 305 -19.46 -21.00 5.72
C LEU A 305 -19.58 -22.28 4.91
N LEU A 306 -20.81 -22.72 4.64
CA LEU A 306 -21.04 -23.95 3.92
C LEU A 306 -20.32 -23.95 2.60
N ALA A 307 -20.63 -22.98 1.76
CA ALA A 307 -19.96 -22.90 0.48
C ALA A 307 -18.44 -22.78 0.67
N THR A 308 -18.01 -22.32 1.84
CA THR A 308 -16.58 -22.21 2.11
C THR A 308 -15.95 -23.61 2.30
N VAL A 309 -16.27 -24.23 3.42
CA VAL A 309 -15.79 -25.56 3.72
C VAL A 309 -15.76 -26.40 2.46
N THR A 310 -16.90 -26.47 1.77
CA THR A 310 -17.01 -27.29 0.57
C THR A 310 -15.92 -26.95 -0.46
N VAL A 311 -15.76 -25.67 -0.75
CA VAL A 311 -14.71 -25.26 -1.68
C VAL A 311 -13.35 -25.70 -1.18
N CYS A 312 -13.13 -25.58 0.11
CA CYS A 312 -11.87 -26.03 0.69
C CYS A 312 -11.62 -27.50 0.38
N LEU A 313 -12.48 -28.37 0.88
CA LEU A 313 -12.34 -29.80 0.65
C LEU A 313 -12.14 -30.11 -0.82
N THR A 314 -13.06 -29.65 -1.66
CA THR A 314 -12.92 -29.86 -3.09
C THR A 314 -11.49 -29.54 -3.50
N LEU A 315 -11.02 -28.36 -3.11
CA LEU A 315 -9.66 -27.95 -3.46
C LEU A 315 -8.60 -28.96 -2.99
N THR A 316 -8.53 -29.21 -1.69
CA THR A 316 -7.54 -30.13 -1.19
C THR A 316 -7.54 -31.45 -1.96
N ALA A 317 -8.74 -31.96 -2.27
CA ALA A 317 -8.86 -33.22 -3.02
C ALA A 317 -8.34 -33.09 -4.45
N LYS A 318 -8.36 -31.89 -4.99
CA LYS A 318 -7.84 -31.64 -6.33
C LYS A 318 -6.31 -31.72 -6.29
N ARG A 319 -5.75 -31.42 -5.13
CA ARG A 319 -4.30 -31.44 -4.94
C ARG A 319 -3.81 -32.86 -4.73
N MET A 320 -4.74 -33.77 -4.58
CA MET A 320 -4.42 -35.19 -4.44
C MET A 320 -4.59 -35.92 -5.76
N ALA A 321 -5.54 -35.48 -6.57
CA ALA A 321 -5.69 -36.02 -7.91
C ALA A 321 -4.46 -35.67 -8.73
N ARG A 322 -3.77 -34.62 -8.30
CA ARG A 322 -2.53 -34.19 -8.94
C ARG A 322 -1.37 -35.11 -8.52
N LYS A 323 -1.52 -35.77 -7.38
CA LYS A 323 -0.53 -36.74 -6.93
C LYS A 323 -1.04 -38.18 -7.10
N ASN A 324 -1.93 -38.37 -8.07
CA ASN A 324 -2.46 -39.69 -8.44
C ASN A 324 -3.29 -40.40 -7.37
N CYS A 325 -3.83 -39.64 -6.42
CA CYS A 325 -4.75 -40.16 -5.43
C CYS A 325 -6.16 -39.64 -5.67
N LEU A 326 -7.06 -40.55 -6.04
CA LEU A 326 -8.42 -40.18 -6.38
C LEU A 326 -9.41 -40.54 -5.27
N VAL A 327 -10.58 -39.92 -5.32
CA VAL A 327 -11.62 -40.14 -4.32
C VAL A 327 -12.99 -40.17 -4.97
N LYS A 328 -13.96 -40.80 -4.30
CA LYS A 328 -15.34 -40.77 -4.75
C LYS A 328 -16.15 -39.90 -3.81
N ASN A 329 -15.73 -39.80 -2.55
CA ASN A 329 -16.45 -38.99 -1.57
C ASN A 329 -15.70 -37.75 -1.15
N LEU A 330 -16.41 -36.70 -0.76
CA LEU A 330 -15.77 -35.46 -0.43
C LEU A 330 -15.32 -35.43 1.03
N GLU A 331 -16.03 -36.17 1.85
CA GLU A 331 -15.71 -36.22 3.27
C GLU A 331 -14.45 -37.06 3.50
N ALA A 332 -14.26 -38.04 2.63
CA ALA A 332 -13.11 -38.94 2.75
C ALA A 332 -11.79 -38.18 2.81
N VAL A 333 -11.66 -37.16 1.98
CA VAL A 333 -10.42 -36.41 1.89
C VAL A 333 -9.82 -36.17 3.26
N GLU A 334 -10.66 -36.07 4.29
CA GLU A 334 -10.17 -35.78 5.62
C GLU A 334 -9.76 -37.01 6.41
N THR A 335 -10.55 -38.08 6.31
CA THR A 335 -10.40 -39.25 7.19
C THR A 335 -8.98 -39.77 7.34
N LEU A 336 -8.19 -39.69 6.27
CA LEU A 336 -6.88 -40.33 6.22
C LEU A 336 -5.88 -39.84 7.26
N GLY A 337 -6.13 -38.66 7.83
CA GLY A 337 -5.23 -38.08 8.81
C GLY A 337 -5.81 -38.12 10.21
N SER A 338 -7.08 -38.50 10.29
CA SER A 338 -7.77 -38.71 11.55
C SER A 338 -7.62 -40.16 11.92
N THR A 339 -6.88 -40.89 11.08
CA THR A 339 -6.70 -42.32 11.24
C THR A 339 -5.72 -42.62 12.36
N SER A 340 -5.99 -43.70 13.09
CA SER A 340 -5.13 -44.11 14.20
C SER A 340 -4.64 -45.54 14.05
N THR A 341 -5.31 -46.29 13.17
CA THR A 341 -4.98 -47.69 12.94
C THR A 341 -5.32 -48.13 11.52
N ILE A 342 -4.30 -48.54 10.77
CA ILE A 342 -4.51 -48.97 9.39
C ILE A 342 -4.53 -50.49 9.26
N CYS A 343 -5.61 -51.01 8.72
CA CYS A 343 -5.69 -52.42 8.40
C CYS A 343 -5.35 -52.61 6.92
N SER A 344 -4.42 -53.53 6.65
CA SER A 344 -3.95 -53.75 5.29
C SER A 344 -4.02 -55.19 4.79
N LYS A 346 -2.47 -58.06 2.36
CA LYS A 346 -1.07 -58.35 2.04
C LYS A 346 -0.85 -58.45 0.55
N THR A 347 -1.50 -59.42 -0.08
CA THR A 347 -1.35 -59.60 -1.52
C THR A 347 -2.12 -58.58 -2.31
N GLY A 348 -1.46 -57.98 -3.30
CA GLY A 348 -2.06 -56.98 -4.16
C GLY A 348 -1.98 -55.61 -3.54
N THR A 349 -1.85 -55.57 -2.22
CA THR A 349 -1.83 -54.32 -1.47
C THR A 349 -0.41 -53.94 -1.07
N LEU A 350 0.11 -54.63 -0.06
CA LEU A 350 1.48 -54.42 0.37
C LEU A 350 2.45 -54.99 -0.65
N THR A 351 2.01 -56.00 -1.41
CA THR A 351 2.88 -56.67 -2.37
C THR A 351 2.53 -56.31 -3.82
N GLN A 352 3.15 -57.02 -4.76
CA GLN A 352 2.90 -56.81 -6.17
C GLN A 352 2.19 -58.00 -6.78
N ASN A 353 2.05 -59.08 -6.02
CA ASN A 353 1.40 -60.28 -6.51
C ASN A 353 2.02 -60.73 -7.84
N ARG A 354 3.30 -61.07 -7.80
CA ARG A 354 4.00 -61.57 -8.97
C ARG A 354 5.30 -62.26 -8.57
N MET A 355 5.35 -63.58 -8.73
CA MET A 355 6.53 -64.33 -8.36
C MET A 355 7.75 -63.66 -8.96
N THR A 356 8.78 -63.46 -8.14
CA THR A 356 9.98 -62.78 -8.62
C THR A 356 11.25 -63.28 -7.96
N VAL A 357 12.30 -63.44 -8.76
CA VAL A 357 13.55 -64.00 -8.28
C VAL A 357 14.16 -63.10 -7.21
N ALA A 358 14.21 -63.62 -6.00
CA ALA A 358 14.59 -62.86 -4.83
C ALA A 358 16.06 -63.02 -4.46
N HIS A 359 16.50 -64.26 -4.28
CA HIS A 359 17.88 -64.54 -3.88
C HIS A 359 18.52 -65.67 -4.68
N MET A 360 19.85 -65.77 -4.61
CA MET A 360 20.59 -66.81 -5.30
C MET A 360 21.82 -67.23 -4.50
N TRP A 361 22.12 -68.52 -4.50
CA TRP A 361 23.30 -69.04 -3.82
C TRP A 361 24.30 -69.61 -4.82
N SER A 362 25.19 -68.75 -5.31
CA SER A 362 26.25 -69.17 -6.21
C SER A 362 27.60 -68.71 -5.63
N ASP A 363 28.65 -69.50 -5.84
CA ASP A 363 29.96 -69.20 -5.28
C ASP A 363 29.94 -69.26 -3.76
N ASN A 364 29.19 -70.20 -3.21
CA ASN A 364 29.02 -70.32 -1.77
C ASN A 364 28.74 -68.96 -1.12
N GLN A 365 27.94 -68.16 -1.80
CA GLN A 365 27.63 -66.80 -1.36
C GLN A 365 26.18 -66.44 -1.66
N ILE A 366 25.48 -65.93 -0.65
CA ILE A 366 24.10 -65.48 -0.82
C ILE A 366 24.06 -64.13 -1.52
N HIS A 367 23.47 -64.10 -2.72
CA HIS A 367 23.27 -62.85 -3.43
C HIS A 367 21.80 -62.48 -3.34
N GLU A 368 21.47 -61.21 -3.62
CA GLU A 368 20.08 -60.79 -3.61
C GLU A 368 19.72 -59.91 -4.81
N ALA A 369 18.63 -60.26 -5.48
CA ALA A 369 18.18 -59.56 -6.68
C ALA A 369 17.36 -58.34 -6.31
N ASP A 370 17.20 -57.44 -7.27
CA ASP A 370 16.33 -56.29 -7.09
C ASP A 370 14.89 -56.73 -7.34
N THR A 371 13.99 -56.32 -6.47
CA THR A 371 12.63 -56.88 -6.46
C THR A 371 11.51 -55.89 -6.75
N THR A 372 11.87 -54.62 -6.98
CA THR A 372 10.86 -53.58 -7.20
C THR A 372 10.36 -53.59 -8.64
N GLU A 373 9.23 -52.93 -8.86
CA GLU A 373 8.65 -52.87 -10.20
C GLU A 373 9.59 -52.15 -11.15
N ASN A 374 10.12 -51.02 -10.71
CA ASN A 374 10.96 -50.19 -11.54
C ASN A 374 12.46 -50.40 -11.28
N GLN A 375 12.80 -51.53 -10.69
CA GLN A 375 14.19 -51.86 -10.41
C GLN A 375 14.93 -50.66 -9.85
N SER A 376 14.54 -50.27 -8.64
CA SER A 376 15.14 -49.12 -7.98
C SER A 376 16.40 -49.52 -7.21
N GLY A 377 16.54 -50.82 -6.98
CA GLY A 377 17.69 -51.35 -6.26
C GLY A 377 18.95 -51.39 -7.09
N VAL A 378 19.82 -52.36 -6.80
CA VAL A 378 21.10 -52.46 -7.48
C VAL A 378 21.38 -53.91 -7.90
N SER A 379 22.30 -54.09 -8.84
CA SER A 379 22.68 -55.42 -9.30
C SER A 379 23.57 -56.10 -8.27
N PHE A 380 23.55 -57.43 -8.29
CA PHE A 380 24.28 -58.22 -7.32
C PHE A 380 25.69 -58.52 -7.81
N ASP A 381 25.80 -59.21 -8.93
CA ASP A 381 27.09 -59.58 -9.49
C ASP A 381 26.90 -60.13 -10.89
N LYS A 382 27.87 -59.90 -11.76
CA LYS A 382 27.80 -60.41 -13.13
C LYS A 382 29.17 -60.86 -13.61
N THR A 383 30.19 -60.60 -12.79
CA THR A 383 31.56 -60.93 -13.15
C THR A 383 31.84 -62.43 -13.08
N SER A 384 31.60 -63.03 -11.92
CA SER A 384 31.87 -64.45 -11.73
C SER A 384 31.36 -65.29 -12.89
N ALA A 385 32.12 -66.32 -13.23
CA ALA A 385 31.73 -67.22 -14.31
C ALA A 385 30.50 -68.03 -13.91
N THR A 386 30.46 -68.44 -12.63
CA THR A 386 29.37 -69.26 -12.12
C THR A 386 28.01 -68.68 -12.47
N TRP A 387 27.90 -67.36 -12.33
CA TRP A 387 26.67 -66.66 -12.65
C TRP A 387 26.18 -67.01 -14.05
N LEU A 388 27.11 -66.99 -15.02
CA LEU A 388 26.78 -67.26 -16.40
C LEU A 388 26.28 -68.67 -16.58
N ALA A 389 26.95 -69.63 -15.95
CA ALA A 389 26.54 -71.03 -15.99
C ALA A 389 25.19 -71.22 -15.30
N LEU A 390 24.87 -70.30 -14.40
CA LEU A 390 23.58 -70.33 -13.72
C LEU A 390 22.51 -69.66 -14.57
N SER A 391 22.87 -68.52 -15.14
CA SER A 391 21.97 -67.75 -16.00
C SER A 391 21.54 -68.53 -17.24
N ARG A 392 22.48 -69.29 -17.77
CA ARG A 392 22.24 -70.12 -18.93
C ARG A 392 21.17 -71.16 -18.62
N ILE A 393 21.33 -71.85 -17.48
CA ILE A 393 20.43 -72.93 -17.07
C ILE A 393 19.00 -72.45 -16.85
N ALA A 394 18.86 -71.34 -16.13
CA ALA A 394 17.55 -70.78 -15.87
C ALA A 394 16.90 -70.31 -17.16
N GLY A 395 17.72 -69.88 -18.12
CA GLY A 395 17.24 -69.39 -19.39
C GLY A 395 16.93 -70.50 -20.39
N LEU A 396 17.66 -71.60 -20.30
CA LEU A 396 17.50 -72.70 -21.25
C LEU A 396 16.62 -73.83 -20.72
N CYS A 397 16.92 -74.29 -19.50
CA CYS A 397 16.01 -75.22 -18.83
C CYS A 397 14.79 -74.45 -18.39
N ASN A 398 13.95 -74.12 -19.36
CA ASN A 398 12.83 -73.22 -19.13
C ASN A 398 11.93 -73.19 -20.35
N ARG A 399 10.62 -73.18 -20.12
CA ARG A 399 9.66 -73.29 -21.21
C ARG A 399 8.76 -72.07 -21.30
N ALA A 400 8.98 -71.10 -20.42
CA ALA A 400 8.21 -69.87 -20.44
C ALA A 400 8.65 -68.97 -21.59
N VAL A 401 7.68 -68.29 -22.20
CA VAL A 401 7.96 -67.37 -23.29
C VAL A 401 7.10 -66.11 -23.17
N PHE A 402 7.67 -64.97 -23.54
CA PHE A 402 6.93 -63.72 -23.47
C PHE A 402 5.82 -63.70 -24.52
N GLN A 403 4.60 -63.43 -24.08
CA GLN A 403 3.47 -63.31 -25.00
C GLN A 403 3.87 -62.38 -26.15
N ALA A 404 3.34 -62.65 -27.33
CA ALA A 404 3.70 -61.88 -28.52
C ALA A 404 3.26 -60.43 -28.40
N ASN A 405 4.04 -59.52 -28.97
CA ASN A 405 3.71 -58.10 -29.02
C ASN A 405 3.74 -57.42 -27.65
N GLN A 406 4.92 -57.38 -27.03
CA GLN A 406 5.03 -56.75 -25.72
C GLN A 406 6.36 -56.04 -25.56
N GLU A 407 7.04 -55.79 -26.67
CA GLU A 407 8.33 -55.12 -26.64
C GLU A 407 8.18 -53.66 -26.22
N ASN A 408 6.94 -53.27 -25.98
CA ASN A 408 6.64 -51.91 -25.54
C ASN A 408 6.64 -51.81 -24.02
N LEU A 409 5.92 -52.72 -23.37
CA LEU A 409 5.81 -52.72 -21.92
C LEU A 409 7.08 -53.26 -21.25
N PRO A 410 7.44 -52.68 -20.09
CA PRO A 410 8.62 -53.10 -19.35
C PRO A 410 8.60 -54.61 -19.10
N ILE A 411 9.77 -55.18 -18.89
CA ILE A 411 9.88 -56.62 -18.72
C ILE A 411 9.00 -57.13 -17.58
N LEU A 412 8.99 -56.42 -16.46
CA LEU A 412 8.28 -56.89 -15.28
C LEU A 412 6.76 -56.76 -15.38
N LYS A 413 6.28 -56.11 -16.44
CA LYS A 413 4.84 -55.90 -16.63
C LYS A 413 4.25 -56.69 -17.80
N ARG A 414 5.10 -57.26 -18.64
CA ARG A 414 4.62 -58.03 -19.78
C ARG A 414 4.17 -59.43 -19.37
N ALA A 415 2.98 -59.82 -19.80
CA ALA A 415 2.43 -61.13 -19.45
C ALA A 415 3.33 -62.24 -19.95
N VAL A 416 3.31 -63.37 -19.24
CA VAL A 416 4.13 -64.49 -19.63
C VAL A 416 3.29 -65.76 -19.74
N ALA A 417 3.57 -66.56 -20.77
CA ALA A 417 2.93 -67.85 -20.93
C ALA A 417 3.73 -68.92 -20.20
N GLY A 418 3.30 -69.25 -18.98
CA GLY A 418 3.99 -70.23 -18.16
C GLY A 418 3.54 -70.14 -16.71
N ASP A 419 4.03 -71.07 -15.90
CA ASP A 419 3.66 -71.10 -14.49
C ASP A 419 4.41 -70.05 -13.69
N ALA A 420 4.12 -70.00 -12.40
CA ALA A 420 4.70 -69.02 -11.50
C ALA A 420 6.22 -68.97 -11.61
N SER A 421 6.88 -69.97 -11.03
CA SER A 421 8.33 -69.98 -10.93
C SER A 421 9.05 -69.66 -12.24
N GLU A 422 8.64 -70.32 -13.32
CA GLU A 422 9.34 -70.17 -14.60
C GLU A 422 9.16 -68.80 -15.23
N SER A 423 8.02 -68.17 -14.98
CA SER A 423 7.83 -66.81 -15.45
C SER A 423 8.88 -65.91 -14.80
N ALA A 424 9.02 -66.08 -13.49
CA ALA A 424 10.00 -65.34 -12.72
C ALA A 424 11.38 -65.45 -13.35
N LEU A 425 11.83 -66.68 -13.56
CA LEU A 425 13.14 -66.92 -14.14
C LEU A 425 13.23 -66.16 -15.46
N LEU A 426 12.27 -66.42 -16.34
CA LEU A 426 12.28 -65.84 -17.68
C LEU A 426 12.53 -64.35 -17.56
N LYS A 427 11.76 -63.70 -16.70
CA LYS A 427 11.86 -62.26 -16.54
C LYS A 427 13.21 -61.85 -15.94
N CYS A 428 13.69 -62.64 -14.99
CA CYS A 428 14.90 -62.30 -14.24
C CYS A 428 16.16 -62.32 -15.12
N ILE A 429 16.24 -63.32 -16.00
CA ILE A 429 17.35 -63.41 -16.95
C ILE A 429 17.19 -62.38 -18.07
N GLU A 430 15.97 -62.26 -18.57
CA GLU A 430 15.66 -61.32 -19.64
C GLU A 430 16.09 -59.92 -19.25
N LEU A 431 16.10 -59.66 -17.95
CA LEU A 431 16.39 -58.33 -17.44
C LEU A 431 17.88 -58.02 -17.46
N CYS A 432 18.66 -58.74 -16.67
CA CYS A 432 20.08 -58.42 -16.51
C CYS A 432 21.03 -59.29 -17.34
N CYS A 433 20.53 -59.87 -18.44
CA CYS A 433 21.37 -60.66 -19.33
C CYS A 433 20.90 -60.67 -20.77
N GLY A 434 20.01 -59.74 -21.11
CA GLY A 434 19.51 -59.61 -22.47
C GLY A 434 18.42 -60.61 -22.80
N SER A 435 18.08 -60.71 -24.08
CA SER A 435 17.03 -61.61 -24.54
C SER A 435 17.37 -63.07 -24.28
N VAL A 436 16.41 -63.81 -23.74
CA VAL A 436 16.59 -65.22 -23.46
C VAL A 436 16.40 -66.06 -24.72
N LYS A 437 15.57 -65.56 -25.63
CA LYS A 437 15.40 -66.21 -26.91
C LYS A 437 16.73 -66.26 -27.64
N GLU A 438 17.59 -65.29 -27.36
CA GLU A 438 18.94 -65.30 -27.91
C GLU A 438 19.70 -66.52 -27.42
N MET A 439 19.37 -66.95 -26.20
CA MET A 439 20.02 -68.10 -25.60
C MET A 439 19.43 -69.43 -26.07
N ARG A 440 18.13 -69.47 -26.33
CA ARG A 440 17.48 -70.68 -26.81
C ARG A 440 17.65 -70.88 -28.32
N GLU A 441 18.27 -69.91 -28.98
CA GLU A 441 18.58 -70.01 -30.41
C GLU A 441 20.02 -70.45 -30.62
N ARG A 442 20.94 -69.74 -29.99
CA ARG A 442 22.36 -70.11 -30.01
C ARG A 442 22.53 -71.53 -29.46
N TYR A 443 21.74 -71.86 -28.44
CA TYR A 443 21.80 -73.17 -27.79
C TYR A 443 20.52 -73.95 -28.08
N THR A 444 20.46 -74.61 -29.23
CA THR A 444 19.24 -75.33 -29.62
C THR A 444 18.96 -76.58 -28.76
N LYS A 445 17.71 -76.68 -28.30
CA LYS A 445 17.27 -77.81 -27.49
C LYS A 445 16.98 -79.02 -28.37
N ILE A 446 17.56 -80.16 -28.06
CA ILE A 446 17.35 -81.36 -28.85
C ILE A 446 16.36 -82.34 -28.19
N VAL A 447 16.59 -82.65 -26.91
CA VAL A 447 15.68 -83.53 -26.17
C VAL A 447 15.61 -83.08 -24.71
N GLU A 448 14.41 -83.16 -24.12
CA GLU A 448 14.22 -82.74 -22.73
C GLU A 448 13.18 -83.57 -21.97
N ILE A 449 13.37 -83.69 -20.67
CA ILE A 449 12.42 -84.37 -19.78
C ILE A 449 11.61 -83.34 -18.99
N PRO A 450 10.46 -82.92 -19.52
CA PRO A 450 9.61 -81.97 -18.79
C PRO A 450 9.46 -82.37 -17.33
N PHE A 451 9.28 -81.37 -16.46
CA PHE A 451 9.20 -81.59 -15.01
C PHE A 451 8.20 -82.68 -14.64
N ASN A 452 8.70 -83.80 -14.13
CA ASN A 452 7.86 -84.91 -13.70
C ASN A 452 7.43 -84.79 -12.24
N SER A 453 6.20 -85.23 -11.97
CA SER A 453 5.69 -85.28 -10.61
C SER A 453 6.54 -86.19 -9.72
N THR A 454 7.01 -87.31 -10.26
CA THR A 454 7.89 -88.19 -9.51
C THR A 454 9.34 -87.71 -9.52
N ASN A 455 9.82 -87.37 -10.70
CA ASN A 455 11.20 -86.96 -10.89
C ASN A 455 11.54 -85.80 -9.96
N LYS A 456 10.60 -84.87 -9.82
CA LYS A 456 10.79 -83.67 -9.03
C LYS A 456 11.79 -82.71 -9.69
N TYR A 457 12.15 -83.01 -10.94
CA TYR A 457 13.11 -82.20 -11.66
C TYR A 457 12.81 -82.10 -13.15
N GLN A 458 13.41 -81.10 -13.80
CA GLN A 458 13.26 -80.89 -15.24
C GLN A 458 14.62 -80.69 -15.88
N LEU A 459 14.92 -81.46 -16.92
CA LEU A 459 16.24 -81.37 -17.57
C LEU A 459 16.15 -81.12 -19.07
N SER A 460 17.29 -80.78 -19.67
CA SER A 460 17.36 -80.50 -21.11
C SER A 460 18.73 -80.85 -21.69
N ILE A 461 18.79 -81.00 -23.01
CA ILE A 461 20.02 -81.32 -23.71
C ILE A 461 20.20 -80.37 -24.90
N HIS A 462 21.15 -79.45 -24.79
CA HIS A 462 21.28 -78.37 -25.77
C HIS A 462 22.58 -78.41 -26.58
N LYS A 463 22.50 -77.97 -27.83
CA LYS A 463 23.68 -77.89 -28.69
C LYS A 463 24.54 -76.69 -28.34
N ASN A 464 25.70 -76.96 -27.75
CA ASN A 464 26.66 -75.92 -27.41
C ASN A 464 26.98 -75.03 -28.62
N PRO A 465 26.99 -73.71 -28.41
CA PRO A 465 27.24 -72.70 -29.46
C PRO A 465 28.73 -72.43 -29.67
N ASN A 466 29.54 -72.69 -28.65
CA ASN A 466 30.98 -72.49 -28.76
C ASN A 466 31.55 -73.27 -29.93
N THR A 467 32.24 -72.58 -30.83
CA THR A 467 32.83 -73.26 -31.97
C THR A 467 34.02 -74.12 -31.55
N ALA A 468 34.32 -74.09 -30.26
CA ALA A 468 35.47 -74.83 -29.72
C ALA A 468 35.07 -76.12 -29.01
N GLU A 469 34.23 -76.00 -27.98
CA GLU A 469 33.75 -77.17 -27.26
C GLU A 469 32.24 -77.29 -27.37
N PRO A 470 31.71 -77.23 -28.60
CA PRO A 470 30.26 -77.20 -28.83
C PRO A 470 29.67 -78.57 -28.64
N ARG A 471 29.89 -79.15 -27.48
CA ARG A 471 29.48 -80.51 -27.22
C ARG A 471 28.22 -80.53 -26.37
N HIS A 472 27.42 -81.59 -26.51
CA HIS A 472 26.13 -81.65 -25.86
C HIS A 472 26.20 -81.19 -24.41
N LEU A 473 25.27 -80.31 -24.04
CA LEU A 473 25.20 -79.79 -22.69
C LEU A 473 23.91 -80.23 -22.02
N LEU A 474 24.02 -80.65 -20.76
CA LEU A 474 22.87 -81.12 -20.00
C LEU A 474 22.54 -80.10 -18.91
N VAL A 475 21.27 -79.72 -18.81
CA VAL A 475 20.81 -78.77 -17.79
C VAL A 475 19.53 -79.24 -17.12
N MET A 476 19.51 -79.23 -15.79
CA MET A 476 18.31 -79.60 -15.04
C MET A 476 18.08 -78.71 -13.82
N LYS A 477 16.82 -78.57 -13.43
CA LYS A 477 16.45 -77.78 -12.26
C LYS A 477 15.27 -78.41 -11.51
N GLY A 478 15.30 -78.32 -10.19
CA GLY A 478 14.24 -78.90 -9.37
C GLY A 478 14.54 -78.75 -7.88
N ALA A 479 13.78 -79.43 -7.04
CA ALA A 479 13.99 -79.34 -5.60
C ALA A 479 15.47 -79.41 -5.26
N PRO A 480 15.91 -78.56 -4.31
CA PRO A 480 17.30 -78.44 -3.86
C PRO A 480 17.89 -79.76 -3.37
N GLU A 481 17.02 -80.65 -2.87
CA GLU A 481 17.45 -81.95 -2.36
C GLU A 481 17.66 -82.95 -3.49
N ARG A 482 16.76 -82.92 -4.47
CA ARG A 482 16.83 -83.80 -5.62
C ARG A 482 18.03 -83.46 -6.51
N ILE A 483 18.37 -82.17 -6.59
CA ILE A 483 19.49 -81.72 -7.39
C ILE A 483 20.83 -82.09 -6.76
N LEU A 484 20.94 -81.88 -5.44
CA LEU A 484 22.16 -82.20 -4.72
C LEU A 484 22.36 -83.71 -4.63
N ASP A 485 21.26 -84.45 -4.74
CA ASP A 485 21.28 -85.90 -4.68
C ASP A 485 21.87 -86.48 -5.96
N ARG A 486 21.95 -85.64 -7.00
CA ARG A 486 22.51 -86.06 -8.28
C ARG A 486 23.72 -85.20 -8.66
N CYS A 487 24.59 -84.95 -7.68
CA CYS A 487 25.75 -84.08 -7.92
C CYS A 487 27.08 -84.63 -7.37
N SER A 488 28.12 -84.45 -8.17
CA SER A 488 29.46 -84.90 -7.83
C SER A 488 30.40 -83.71 -7.70
N SER A 489 30.18 -82.70 -8.52
CA SER A 489 31.01 -81.50 -8.51
C SER A 489 30.16 -80.25 -8.31
N ILE A 490 30.84 -79.10 -8.21
CA ILE A 490 30.17 -77.83 -7.95
C ILE A 490 30.96 -76.68 -8.55
N LEU A 491 30.51 -76.19 -9.70
CA LEU A 491 31.19 -75.11 -10.39
C LEU A 491 31.37 -73.89 -9.47
N ILE A 492 32.60 -73.68 -9.00
CA ILE A 492 32.91 -72.55 -8.14
C ILE A 492 33.95 -71.62 -8.78
N HIS A 493 33.52 -70.41 -9.13
CA HIS A 493 34.39 -69.41 -9.77
C HIS A 493 34.83 -69.81 -11.18
N GLY A 494 34.13 -70.76 -11.78
CA GLY A 494 34.43 -71.20 -13.14
C GLY A 494 34.84 -72.66 -13.20
N LYS A 495 35.88 -73.00 -12.46
CA LYS A 495 36.40 -74.36 -12.44
C LYS A 495 35.60 -75.24 -11.49
N GLU A 496 35.41 -76.50 -11.87
CA GLU A 496 34.71 -77.45 -11.03
C GLU A 496 35.47 -77.76 -9.74
N GLN A 497 34.85 -78.59 -8.89
CA GLN A 497 35.42 -78.96 -7.60
C GLN A 497 34.55 -79.99 -6.91
N PRO A 498 35.17 -80.78 -6.02
CA PRO A 498 34.48 -81.86 -5.28
C PRO A 498 33.32 -81.36 -4.45
N LEU A 499 32.27 -82.18 -4.34
CA LEU A 499 31.14 -81.89 -3.49
C LEU A 499 31.48 -82.29 -2.06
N ASP A 500 32.45 -81.59 -1.48
CA ASP A 500 32.86 -81.81 -0.10
C ASP A 500 31.64 -81.82 0.82
N GLU A 501 31.75 -82.48 1.96
CA GLU A 501 30.67 -82.41 2.93
C GLU A 501 30.74 -81.09 3.69
N GLU A 502 31.69 -80.24 3.29
CA GLU A 502 31.78 -78.88 3.81
C GLU A 502 30.81 -78.00 3.04
N LEU A 503 30.82 -78.16 1.72
CA LEU A 503 29.94 -77.40 0.85
C LEU A 503 28.58 -78.10 0.76
N LYS A 504 28.55 -79.38 1.11
CA LYS A 504 27.30 -80.13 1.23
C LYS A 504 26.63 -79.71 2.54
N ASP A 505 27.12 -78.60 3.08
CA ASP A 505 26.62 -78.06 4.34
C ASP A 505 26.34 -76.56 4.19
N ALA A 506 27.24 -75.87 3.49
CA ALA A 506 27.05 -74.45 3.21
C ALA A 506 25.96 -74.23 2.17
N PHE A 507 25.49 -75.34 1.59
CA PHE A 507 24.34 -75.34 0.71
C PHE A 507 23.11 -75.66 1.54
N GLN A 508 23.31 -76.46 2.58
CA GLN A 508 22.25 -76.81 3.51
C GLN A 508 22.00 -75.67 4.48
N ASN A 509 22.92 -74.72 4.51
CA ASN A 509 22.74 -73.50 5.27
C ASN A 509 21.88 -72.49 4.50
N ALA A 510 22.25 -72.29 3.25
CA ALA A 510 21.52 -71.38 2.37
C ALA A 510 20.09 -71.87 2.11
N TYR A 511 19.96 -73.15 1.78
CA TYR A 511 18.65 -73.70 1.44
C TYR A 511 17.66 -73.64 2.60
N LEU A 512 18.15 -73.58 3.82
CA LEU A 512 17.26 -73.47 4.97
C LEU A 512 17.07 -72.02 5.39
N GLU A 513 17.99 -71.15 4.96
CA GLU A 513 17.90 -69.73 5.26
C GLU A 513 16.92 -69.02 4.34
N LEU A 514 17.09 -69.23 3.04
CA LEU A 514 16.19 -68.65 2.05
C LEU A 514 14.79 -69.22 2.22
N GLY A 515 14.72 -70.48 2.60
CA GLY A 515 13.45 -71.15 2.83
C GLY A 515 12.73 -70.57 4.03
N GLY A 516 13.49 -70.26 5.08
CA GLY A 516 12.94 -69.69 6.29
C GLY A 516 12.35 -68.30 6.04
N LEU A 517 12.80 -67.66 4.97
CA LEU A 517 12.28 -66.36 4.58
C LEU A 517 11.04 -66.51 3.70
N GLY A 518 10.34 -67.62 3.89
CA GLY A 518 9.12 -67.90 3.15
C GLY A 518 9.31 -67.77 1.65
N GLU A 519 10.43 -68.25 1.14
CA GLU A 519 10.71 -68.15 -0.30
C GLU A 519 10.79 -69.54 -0.94
N ARG A 520 10.30 -69.66 -2.17
CA ARG A 520 10.45 -70.91 -2.92
C ARG A 520 11.87 -71.04 -3.44
N VAL A 521 12.44 -72.23 -3.33
CA VAL A 521 13.84 -72.46 -3.70
C VAL A 521 13.98 -73.44 -4.85
N LEU A 522 14.88 -73.11 -5.78
CA LEU A 522 15.23 -74.01 -6.87
C LEU A 522 16.74 -74.28 -6.95
N GLY A 523 17.10 -75.54 -7.16
CA GLY A 523 18.50 -75.90 -7.31
C GLY A 523 18.87 -76.06 -8.78
N PHE A 524 20.08 -75.63 -9.13
CA PHE A 524 20.52 -75.67 -10.52
C PHE A 524 21.84 -76.41 -10.70
N CYS A 525 21.95 -77.15 -11.80
CA CYS A 525 23.17 -77.87 -12.13
C CYS A 525 23.23 -78.18 -13.62
N HIS A 526 24.44 -78.33 -14.14
CA HIS A 526 24.61 -78.72 -15.53
C HIS A 526 25.73 -79.74 -15.69
N LEU A 527 25.86 -80.28 -16.88
CA LEU A 527 26.92 -81.21 -17.14
C LEU A 527 27.35 -81.11 -18.59
N PHE A 528 28.66 -81.17 -18.82
CA PHE A 528 29.18 -81.26 -20.17
C PHE A 528 29.41 -82.73 -20.49
N LEU A 529 28.49 -83.32 -21.26
CA LEU A 529 28.54 -84.75 -21.59
C LEU A 529 29.89 -85.16 -22.17
N PRO A 530 30.20 -86.46 -22.12
CA PRO A 530 31.40 -86.98 -22.78
C PRO A 530 31.19 -87.16 -24.28
N ASP A 531 31.81 -86.31 -25.10
CA ASP A 531 31.56 -86.31 -26.54
C ASP A 531 31.98 -87.61 -27.23
N GLU A 532 32.48 -88.56 -26.45
CA GLU A 532 32.89 -89.85 -26.97
C GLU A 532 31.70 -90.81 -26.98
N GLN A 533 30.88 -90.71 -25.94
CA GLN A 533 29.70 -91.54 -25.82
C GLN A 533 28.52 -90.83 -26.47
N PHE A 534 28.81 -89.68 -27.05
CA PHE A 534 27.81 -88.86 -27.74
C PHE A 534 28.45 -88.14 -28.94
N PRO A 535 28.17 -88.63 -30.17
CA PRO A 535 28.67 -88.07 -31.43
C PRO A 535 27.95 -86.80 -31.83
N GLU A 536 28.25 -86.28 -33.02
CA GLU A 536 27.60 -85.07 -33.50
C GLU A 536 26.09 -85.26 -33.74
N GLY A 537 25.70 -86.50 -34.06
CA GLY A 537 24.31 -86.79 -34.34
C GLY A 537 23.71 -87.84 -33.43
N PHE A 538 24.15 -87.86 -32.18
CA PHE A 538 23.64 -88.82 -31.21
C PHE A 538 22.16 -88.56 -30.93
N GLN A 539 21.38 -89.64 -30.92
CA GLN A 539 19.97 -89.55 -30.60
C GLN A 539 19.75 -89.90 -29.13
N PHE A 540 19.02 -89.04 -28.43
CA PHE A 540 18.76 -89.25 -27.02
C PHE A 540 17.36 -89.83 -26.82
N ASP A 541 17.23 -90.68 -25.81
CA ASP A 541 15.94 -91.28 -25.50
C ASP A 541 15.35 -90.60 -24.27
N THR A 542 14.35 -89.75 -24.49
CA THR A 542 13.71 -89.04 -23.39
C THR A 542 12.92 -90.00 -22.49
N ASP A 543 12.58 -91.17 -23.03
CA ASP A 543 11.79 -92.16 -22.29
C ASP A 543 12.68 -93.16 -21.56
N ASP A 544 13.84 -93.47 -22.13
CA ASP A 544 14.80 -94.39 -21.53
C ASP A 544 16.09 -93.64 -21.14
N VAL A 545 16.89 -94.26 -20.26
CA VAL A 545 18.14 -93.64 -19.83
C VAL A 545 19.22 -93.80 -20.89
N ASN A 546 19.36 -92.80 -21.75
CA ASN A 546 20.36 -92.83 -22.80
C ASN A 546 21.58 -91.97 -22.46
N PHE A 547 21.45 -91.16 -21.42
CA PHE A 547 22.51 -90.23 -21.02
C PHE A 547 22.77 -90.29 -19.51
N PRO A 548 23.69 -89.45 -19.00
CA PRO A 548 23.95 -89.47 -17.56
C PRO A 548 23.02 -88.54 -16.78
N LEU A 549 22.39 -89.08 -15.75
CA LEU A 549 21.52 -88.29 -14.88
C LEU A 549 22.15 -88.08 -13.50
N ASP A 550 23.09 -88.96 -13.15
CA ASP A 550 23.77 -88.86 -11.86
C ASP A 550 25.15 -88.21 -12.00
N ASN A 551 25.67 -87.72 -10.89
CA ASN A 551 26.99 -87.09 -10.86
C ASN A 551 27.11 -85.90 -11.82
N LEU A 552 26.33 -84.86 -11.55
CA LEU A 552 26.34 -83.65 -12.38
C LEU A 552 27.05 -82.53 -11.65
N CYS A 553 27.29 -81.42 -12.36
CA CYS A 553 27.95 -80.27 -11.79
C CYS A 553 26.96 -79.25 -11.23
N PHE A 554 26.86 -79.17 -9.90
CA PHE A 554 25.99 -78.22 -9.24
C PHE A 554 26.48 -76.79 -9.48
N VAL A 555 25.59 -75.91 -9.94
CA VAL A 555 25.96 -74.54 -10.25
C VAL A 555 25.50 -73.56 -9.17
N GLY A 556 24.26 -73.71 -8.71
CA GLY A 556 23.73 -72.87 -7.65
C GLY A 556 22.23 -72.88 -7.42
N LEU A 557 21.82 -72.23 -6.34
CA LEU A 557 20.41 -72.08 -6.02
C LEU A 557 19.89 -70.74 -6.52
N ILE A 558 18.58 -70.65 -6.66
CA ILE A 558 17.91 -69.36 -6.80
C ILE A 558 16.54 -69.45 -6.12
N SER A 559 16.16 -68.39 -5.41
CA SER A 559 14.89 -68.39 -4.71
C SER A 559 13.98 -67.29 -5.24
N MET A 560 12.69 -67.39 -4.95
CA MET A 560 11.73 -66.40 -5.41
C MET A 560 10.51 -66.36 -4.50
N ILE A 561 9.89 -65.19 -4.43
CA ILE A 561 8.70 -65.01 -3.61
C ILE A 561 7.83 -63.89 -4.17
N ASP A 562 6.75 -63.60 -3.45
CA ASP A 562 5.88 -62.47 -3.70
C ASP A 562 6.46 -61.20 -3.09
N PRO A 563 7.37 -60.53 -3.82
CA PRO A 563 8.02 -59.32 -3.32
C PRO A 563 7.00 -58.22 -3.01
N PRO A 564 7.31 -57.36 -2.04
CA PRO A 564 6.44 -56.26 -1.68
C PRO A 564 6.46 -55.17 -2.76
N ARG A 565 5.81 -54.03 -2.54
CA ARG A 565 5.81 -52.94 -3.52
C ARG A 565 7.10 -52.18 -3.55
N ALA A 566 7.10 -51.07 -4.27
CA ALA A 566 8.31 -50.28 -4.41
C ALA A 566 8.71 -49.71 -3.05
N ALA A 567 7.86 -48.86 -2.51
CA ALA A 567 8.21 -48.15 -1.29
C ALA A 567 7.34 -48.61 -0.15
N VAL A 568 6.54 -49.64 -0.39
CA VAL A 568 5.67 -50.15 0.66
C VAL A 568 6.34 -50.05 2.02
N PRO A 569 7.55 -50.61 2.14
CA PRO A 569 8.19 -50.61 3.46
C PRO A 569 8.40 -49.21 3.98
N ASP A 570 9.15 -48.41 3.24
CA ASP A 570 9.46 -47.06 3.67
C ASP A 570 8.16 -46.37 4.08
N ALA A 571 7.10 -46.60 3.32
CA ALA A 571 5.80 -46.00 3.61
C ALA A 571 5.33 -46.38 5.00
N VAL A 572 5.12 -47.68 5.22
CA VAL A 572 4.62 -48.16 6.50
C VAL A 572 5.36 -47.49 7.65
N GLY A 573 6.68 -47.38 7.52
CA GLY A 573 7.50 -46.77 8.54
C GLY A 573 6.98 -45.38 8.88
N LYS A 574 6.72 -44.59 7.84
CA LYS A 574 6.19 -43.25 8.01
C LYS A 574 5.02 -43.24 8.99
N CYS A 575 4.00 -44.03 8.69
CA CYS A 575 2.78 -44.04 9.49
C CYS A 575 3.06 -44.39 10.94
N ARG A 576 4.03 -45.28 11.16
CA ARG A 576 4.42 -45.66 12.51
C ARG A 576 5.12 -44.50 13.22
N SER A 577 5.90 -43.72 12.47
CA SER A 577 6.56 -42.53 13.01
C SER A 577 5.51 -41.50 13.42
N ALA A 578 4.34 -41.61 12.80
CA ALA A 578 3.25 -40.71 13.07
C ALA A 578 2.41 -41.22 14.23
N GLY A 579 2.59 -42.49 14.58
CA GLY A 579 1.86 -43.07 15.69
C GLY A 579 0.63 -43.83 15.23
N ILE A 580 0.60 -44.16 13.95
CA ILE A 580 -0.48 -44.96 13.41
C ILE A 580 -0.15 -46.44 13.53
N LYS A 581 -1.08 -47.20 14.08
CA LYS A 581 -0.88 -48.62 14.27
C LYS A 581 -1.08 -49.37 12.96
N VAL A 582 -0.08 -50.15 12.57
CA VAL A 582 -0.17 -50.93 11.34
C VAL A 582 -0.52 -52.37 11.68
N ILE A 583 -1.54 -52.88 11.02
CA ILE A 583 -2.02 -54.22 11.29
C ILE A 583 -2.29 -54.97 9.99
N MET A 584 -1.62 -56.10 9.82
CA MET A 584 -1.78 -56.92 8.62
C MET A 584 -2.93 -57.88 8.77
N VAL A 585 -3.91 -57.77 7.88
CA VAL A 585 -5.02 -58.72 7.85
C VAL A 585 -5.05 -59.43 6.50
N THR A 586 -4.43 -60.60 6.45
CA THR A 586 -4.40 -61.41 5.24
C THR A 586 -4.86 -62.84 5.49
N GLY A 587 -5.48 -63.44 4.47
CA GLY A 587 -5.96 -64.79 4.57
C GLY A 587 -4.89 -65.79 4.17
N ASP A 588 -3.63 -65.35 4.18
CA ASP A 588 -2.53 -66.23 3.80
C ASP A 588 -2.05 -67.08 4.98
N HIS A 589 -1.06 -67.94 4.74
CA HIS A 589 -0.49 -68.82 5.76
C HIS A 589 0.53 -68.09 6.63
N PRO A 590 0.46 -68.30 7.94
CA PRO A 590 1.34 -67.60 8.89
C PRO A 590 2.76 -67.48 8.36
N ILE A 591 3.32 -68.61 7.94
CA ILE A 591 4.69 -68.67 7.47
C ILE A 591 5.08 -67.48 6.62
N THR A 592 4.44 -67.34 5.46
CA THR A 592 4.77 -66.25 4.55
C THR A 592 4.29 -64.92 5.10
N ALA A 593 3.15 -64.96 5.80
CA ALA A 593 2.55 -63.73 6.34
C ALA A 593 3.52 -63.01 7.26
N LYS A 594 3.84 -63.64 8.38
CA LYS A 594 4.79 -63.10 9.34
C LYS A 594 6.05 -62.65 8.62
N ALA A 595 6.34 -63.30 7.50
CA ALA A 595 7.54 -63.00 6.74
C ALA A 595 7.49 -61.60 6.15
N ILE A 596 6.55 -61.37 5.24
CA ILE A 596 6.43 -60.07 4.60
C ILE A 596 6.30 -59.00 5.68
N ALA A 597 5.78 -59.39 6.82
CA ALA A 597 5.56 -58.46 7.94
C ALA A 597 6.85 -57.83 8.43
N LYS A 598 7.84 -58.66 8.73
CA LYS A 598 9.13 -58.16 9.19
C LYS A 598 9.86 -57.45 8.06
N GLY A 599 9.43 -57.72 6.82
CA GLY A 599 10.07 -57.15 5.64
C GLY A 599 9.55 -55.78 5.29
N VAL A 600 8.36 -55.44 5.79
CA VAL A 600 7.76 -54.15 5.53
C VAL A 600 7.79 -53.26 6.76
N GLY A 601 8.06 -53.85 7.91
CA GLY A 601 8.18 -53.07 9.14
C GLY A 601 6.92 -53.01 9.96
N ILE A 602 5.95 -53.86 9.62
CA ILE A 602 4.78 -54.04 10.46
C ILE A 602 5.27 -54.70 11.74
N ILE A 603 6.29 -55.53 11.58
CA ILE A 603 6.97 -56.17 12.69
C ILE A 603 8.44 -55.82 12.65
N SER A 604 8.88 -55.02 13.62
CA SER A 604 10.24 -54.49 13.62
C SER A 604 11.24 -55.52 14.13
N GLU A 605 12.52 -55.15 14.08
CA GLU A 605 13.58 -56.03 14.52
C GLU A 605 13.55 -56.25 16.02
N GLY A 606 13.96 -57.44 16.46
CA GLY A 606 14.10 -57.72 17.87
C GLY A 606 12.81 -58.07 18.59
N ASN A 607 11.67 -57.78 17.97
CA ASN A 607 10.41 -58.17 18.57
C ASN A 607 10.06 -59.62 18.26
N GLU A 608 9.27 -60.21 19.14
CA GLU A 608 9.00 -61.63 19.08
C GLU A 608 7.54 -61.96 19.36
N THR A 609 7.11 -63.11 18.86
CA THR A 609 5.81 -63.66 19.17
C THR A 609 5.96 -64.55 20.39
N VAL A 610 4.85 -64.85 21.04
CA VAL A 610 4.87 -65.79 22.15
C VAL A 610 5.60 -67.07 21.71
N GLU A 611 5.45 -67.40 20.43
CA GLU A 611 6.09 -68.59 19.85
C GLU A 611 7.60 -68.44 19.71
N ASP A 612 8.02 -67.28 19.20
CA ASP A 612 9.45 -66.99 19.02
C ASP A 612 10.19 -67.25 20.32
N ILE A 613 9.62 -66.75 21.41
CA ILE A 613 10.19 -66.96 22.73
C ILE A 613 10.24 -68.45 23.02
N ALA A 614 9.11 -69.12 22.80
CA ALA A 614 9.02 -70.57 23.03
C ALA A 614 10.14 -71.33 22.33
N ALA A 615 10.49 -70.89 21.13
CA ALA A 615 11.55 -71.53 20.37
C ALA A 615 12.95 -71.23 20.90
N ARG A 616 13.18 -69.98 21.28
CA ARG A 616 14.49 -69.55 21.77
C ARG A 616 14.87 -70.28 23.05
N LEU A 617 14.05 -70.16 24.09
CA LEU A 617 14.31 -70.85 25.35
C LEU A 617 13.91 -72.31 25.27
N ASN A 618 13.46 -72.73 24.09
CA ASN A 618 13.08 -74.11 23.84
C ASN A 618 12.08 -74.63 24.87
N ILE A 619 11.08 -73.82 25.17
CA ILE A 619 10.09 -74.19 26.16
C ILE A 619 8.73 -74.42 25.52
N PRO A 620 7.76 -74.93 26.31
CA PRO A 620 6.42 -75.13 25.75
C PRO A 620 5.78 -73.82 25.36
N VAL A 621 4.56 -73.93 24.83
CA VAL A 621 3.83 -72.77 24.38
C VAL A 621 3.24 -72.03 25.57
N SER A 622 2.63 -72.80 26.45
CA SER A 622 1.90 -72.25 27.57
C SER A 622 2.78 -72.04 28.79
N GLN A 623 4.00 -71.56 28.55
CA GLN A 623 4.95 -71.32 29.63
C GLN A 623 5.64 -69.97 29.49
N VAL A 624 5.29 -69.24 28.44
CA VAL A 624 5.81 -67.89 28.23
C VAL A 624 4.75 -66.85 28.54
N ASN A 625 5.06 -65.94 29.46
CA ASN A 625 4.14 -64.86 29.78
C ASN A 625 3.79 -64.07 28.54
N PRO A 626 2.51 -64.13 28.13
CA PRO A 626 2.04 -63.47 26.90
C PRO A 626 2.45 -62.00 26.82
N ARG A 627 2.60 -61.35 27.97
CA ARG A 627 2.91 -59.92 28.01
C ARG A 627 4.31 -59.59 27.48
N ASP A 628 5.22 -60.56 27.53
CA ASP A 628 6.57 -60.37 26.99
C ASP A 628 6.57 -60.40 25.47
N ALA A 629 5.47 -60.84 24.89
CA ALA A 629 5.33 -60.90 23.44
C ALA A 629 4.64 -59.67 22.90
N LYS A 630 5.42 -58.66 22.53
CA LYS A 630 4.85 -57.42 22.00
C LYS A 630 4.16 -57.67 20.67
N ALA A 631 4.71 -58.59 19.89
CA ALA A 631 4.08 -58.98 18.64
C ALA A 631 3.31 -60.26 18.83
N CYS A 632 2.65 -60.70 17.76
CA CYS A 632 2.01 -61.99 17.73
C CYS A 632 1.52 -62.25 16.31
N VAL A 633 0.97 -63.43 16.11
CA VAL A 633 0.38 -63.78 14.84
C VAL A 633 -0.80 -64.72 15.12
N VAL A 634 -1.90 -64.51 14.42
CA VAL A 634 -3.12 -65.27 14.68
C VAL A 634 -3.68 -65.91 13.41
N HIS A 635 -3.74 -67.24 13.40
CA HIS A 635 -4.33 -67.97 12.29
C HIS A 635 -5.85 -67.90 12.38
N GLY A 636 -6.51 -67.79 11.22
CA GLY A 636 -7.95 -67.67 11.18
C GLY A 636 -8.66 -68.83 11.84
N SER A 637 -7.96 -69.96 11.96
CA SER A 637 -8.51 -71.14 12.60
C SER A 637 -8.63 -70.97 14.11
N ASP A 638 -7.89 -70.02 14.66
CA ASP A 638 -7.88 -69.78 16.10
C ASP A 638 -8.92 -68.72 16.45
N LEU A 639 -9.25 -67.91 15.46
CA LEU A 639 -10.17 -66.82 15.65
C LEU A 639 -11.60 -67.32 15.62
N LYS A 640 -11.81 -68.46 14.97
CA LYS A 640 -13.16 -68.97 14.74
C LYS A 640 -13.95 -69.10 16.03
N ASP A 641 -13.27 -69.45 17.13
CA ASP A 641 -13.93 -69.62 18.42
C ASP A 641 -13.61 -68.49 19.38
N MET A 642 -13.12 -67.38 18.86
CA MET A 642 -12.75 -66.27 19.73
C MET A 642 -13.86 -65.24 19.93
N THR A 643 -14.13 -64.95 21.19
CA THR A 643 -15.12 -63.95 21.55
C THR A 643 -14.53 -62.57 21.39
N SER A 644 -15.37 -61.60 21.08
CA SER A 644 -14.93 -60.24 20.81
C SER A 644 -14.09 -59.64 21.94
N GLU A 645 -14.36 -60.06 23.17
CA GLU A 645 -13.59 -59.61 24.32
C GLU A 645 -12.14 -60.03 24.17
N GLN A 646 -11.91 -61.20 23.58
CA GLN A 646 -10.56 -61.70 23.37
C GLN A 646 -9.82 -60.91 22.31
N LEU A 647 -10.45 -60.70 21.15
CA LEU A 647 -9.86 -59.90 20.09
C LEU A 647 -9.57 -58.53 20.66
N ASP A 648 -10.57 -57.96 21.31
CA ASP A 648 -10.40 -56.73 22.08
C ASP A 648 -9.06 -56.81 22.79
N ASP A 649 -8.94 -57.80 23.68
CA ASP A 649 -7.74 -57.93 24.50
C ASP A 649 -6.47 -58.17 23.66
N ILE A 650 -6.61 -58.87 22.53
CA ILE A 650 -5.45 -59.10 21.68
C ILE A 650 -4.95 -57.78 21.09
N LEU A 651 -5.88 -56.92 20.70
CA LEU A 651 -5.51 -55.65 20.11
C LEU A 651 -4.94 -54.69 21.16
N LYS A 652 -5.34 -54.87 22.41
CA LYS A 652 -4.91 -53.97 23.47
C LYS A 652 -3.46 -54.19 23.90
N TYR A 653 -3.06 -55.45 24.06
CA TYR A 653 -1.75 -55.77 24.64
C TYR A 653 -0.63 -56.01 23.63
N HIS A 654 -0.96 -55.96 22.34
CA HIS A 654 0.04 -56.10 21.29
C HIS A 654 0.19 -54.82 20.48
N THR A 655 1.35 -54.64 19.87
CA THR A 655 1.64 -53.43 19.12
C THR A 655 1.77 -53.75 17.64
N GLU A 656 2.35 -54.91 17.36
CA GLU A 656 2.49 -55.38 15.99
C GLU A 656 1.77 -56.70 15.84
N ILE A 657 0.62 -56.65 15.20
CA ILE A 657 -0.22 -57.84 15.08
C ILE A 657 -0.36 -58.24 13.63
N VAL A 658 -0.52 -59.53 13.39
CA VAL A 658 -0.75 -60.05 12.04
C VAL A 658 -1.79 -61.16 12.06
N PHE A 659 -3.02 -60.83 11.73
CA PHE A 659 -4.06 -61.83 11.57
C PHE A 659 -3.90 -62.52 10.23
N ALA A 660 -3.61 -63.81 10.24
CA ALA A 660 -3.34 -64.54 9.02
C ALA A 660 -4.46 -65.51 8.68
N ARG A 661 -4.42 -66.04 7.45
CA ARG A 661 -5.39 -67.04 7.00
C ARG A 661 -6.80 -66.70 7.45
N THR A 662 -7.11 -65.41 7.41
CA THR A 662 -8.41 -64.94 7.85
C THR A 662 -9.43 -64.97 6.72
N SER A 663 -10.67 -65.27 7.06
CA SER A 663 -11.76 -65.21 6.10
C SER A 663 -12.20 -63.75 5.93
N PRO A 664 -12.70 -63.42 4.73
CA PRO A 664 -13.22 -62.07 4.51
C PRO A 664 -13.93 -61.57 5.76
N GLN A 665 -14.87 -62.35 6.26
CA GLN A 665 -15.72 -61.93 7.36
C GLN A 665 -14.91 -61.57 8.62
N GLN A 666 -13.72 -62.14 8.74
CA GLN A 666 -12.88 -61.87 9.89
C GLN A 666 -12.27 -60.47 9.78
N LYS A 667 -11.80 -60.15 8.58
CA LYS A 667 -11.38 -58.79 8.30
C LYS A 667 -12.39 -57.86 8.96
N LEU A 668 -13.65 -58.04 8.58
CA LEU A 668 -14.75 -57.30 9.17
C LEU A 668 -14.63 -57.24 10.68
N ILE A 669 -14.68 -58.39 11.35
CA ILE A 669 -14.65 -58.40 12.81
C ILE A 669 -13.41 -57.76 13.38
N ILE A 670 -12.29 -57.89 12.68
CA ILE A 670 -11.05 -57.25 13.10
C ILE A 670 -11.23 -55.74 13.10
N VAL A 671 -11.56 -55.21 11.93
CA VAL A 671 -11.88 -53.80 11.82
C VAL A 671 -12.84 -53.38 12.93
N GLU A 672 -14.03 -53.97 12.94
CA GLU A 672 -15.01 -53.70 13.99
C GLU A 672 -14.38 -53.65 15.37
N GLY A 673 -13.60 -54.67 15.71
CA GLY A 673 -12.96 -54.77 17.01
C GLY A 673 -12.01 -53.62 17.28
N CYS A 674 -11.34 -53.15 16.24
CA CYS A 674 -10.49 -51.99 16.39
C CYS A 674 -11.33 -50.74 16.62
N GLN A 675 -12.44 -50.62 15.89
CA GLN A 675 -13.35 -49.48 16.04
C GLN A 675 -13.98 -49.48 17.44
N ARG A 676 -14.16 -50.69 17.98
CA ARG A 676 -14.75 -50.88 19.30
C ARG A 676 -13.90 -50.21 20.38
N GLN A 677 -12.64 -49.92 20.04
CA GLN A 677 -11.75 -49.20 20.94
C GLN A 677 -12.05 -47.71 20.84
N GLY A 678 -12.59 -47.31 19.70
CA GLY A 678 -12.92 -45.91 19.46
C GLY A 678 -12.04 -45.29 18.40
N ALA A 679 -11.17 -46.11 17.80
CA ALA A 679 -10.19 -45.61 16.85
C ALA A 679 -10.77 -45.37 15.46
N ILE A 680 -10.03 -44.62 14.66
CA ILE A 680 -10.38 -44.36 13.28
C ILE A 680 -9.53 -45.25 12.41
N VAL A 681 -10.14 -46.22 11.77
CA VAL A 681 -9.40 -47.24 11.07
C VAL A 681 -9.63 -47.26 9.56
N ALA A 682 -8.54 -47.37 8.82
CA ALA A 682 -8.62 -47.39 7.37
C ALA A 682 -8.21 -48.75 6.80
N VAL A 683 -8.98 -49.22 5.84
CA VAL A 683 -8.71 -50.51 5.23
C VAL A 683 -8.23 -50.32 3.80
N THR A 684 -7.14 -50.99 3.48
CA THR A 684 -6.55 -50.91 2.16
C THR A 684 -6.33 -52.30 1.56
N GLY A 685 -7.28 -52.76 0.75
CA GLY A 685 -7.18 -54.07 0.14
C GLY A 685 -7.37 -54.04 -1.37
N ASP A 686 -7.21 -55.19 -2.01
CA ASP A 686 -7.42 -55.30 -3.46
C ASP A 686 -8.37 -56.45 -3.79
N GLY A 687 -8.16 -57.58 -3.12
CA GLY A 687 -8.93 -58.79 -3.36
C GLY A 687 -10.36 -58.64 -2.87
N VAL A 688 -11.30 -59.26 -3.57
CA VAL A 688 -12.69 -59.08 -3.23
C VAL A 688 -12.97 -59.50 -1.80
N ASN A 689 -12.08 -60.31 -1.24
CA ASN A 689 -12.26 -60.78 0.13
C ASN A 689 -11.93 -59.68 1.12
N ASP A 690 -11.89 -58.46 0.62
CA ASP A 690 -11.51 -57.32 1.44
C ASP A 690 -12.66 -56.32 1.54
N SER A 691 -13.58 -56.38 0.58
CA SER A 691 -14.70 -55.47 0.57
C SER A 691 -15.33 -55.33 1.95
N PRO A 692 -15.84 -56.44 2.52
CA PRO A 692 -16.61 -56.34 3.76
C PRO A 692 -15.82 -55.62 4.83
N ALA A 693 -14.50 -55.60 4.70
CA ALA A 693 -13.64 -54.88 5.63
C ALA A 693 -13.47 -53.43 5.21
N SER A 694 -13.41 -53.19 3.90
CA SER A 694 -13.13 -51.85 3.38
C SER A 694 -14.36 -50.95 3.36
N LYS A 695 -15.54 -51.54 3.31
CA LYS A 695 -16.76 -50.76 3.26
C LYS A 695 -17.18 -50.38 4.67
N LYS A 696 -16.76 -51.19 5.64
CA LYS A 696 -17.08 -50.97 7.05
C LYS A 696 -16.06 -50.02 7.68
N ALA A 697 -15.02 -49.72 6.91
CA ALA A 697 -13.95 -48.88 7.41
C ALA A 697 -14.35 -47.43 7.30
N ASP A 698 -14.00 -46.65 8.32
CA ASP A 698 -14.21 -45.22 8.29
C ASP A 698 -13.88 -44.73 6.88
N ILE A 699 -12.71 -45.12 6.39
CA ILE A 699 -12.37 -44.93 4.99
C ILE A 699 -11.66 -46.16 4.44
N GLY A 700 -12.13 -46.65 3.31
CA GLY A 700 -11.46 -47.76 2.63
C GLY A 700 -10.60 -47.22 1.52
N VAL A 701 -9.60 -48.00 1.10
CA VAL A 701 -8.76 -47.59 -0.01
C VAL A 701 -8.32 -48.76 -0.86
N ALA A 702 -8.54 -48.65 -2.16
CA ALA A 702 -8.36 -49.76 -3.08
C ALA A 702 -7.12 -49.63 -3.95
N MET A 703 -6.73 -50.74 -4.56
CA MET A 703 -5.63 -50.79 -5.52
C MET A 703 -6.20 -50.66 -6.93
N GLY A 704 -5.89 -49.56 -7.60
CA GLY A 704 -6.48 -49.26 -8.89
C GLY A 704 -6.31 -50.36 -9.92
N ILE A 705 -5.06 -50.66 -10.26
CA ILE A 705 -4.79 -51.58 -11.33
C ILE A 705 -5.17 -53.02 -10.94
N ALA A 706 -4.44 -53.57 -9.98
CA ALA A 706 -4.61 -54.98 -9.61
C ALA A 706 -5.89 -55.27 -8.83
N GLY A 707 -6.51 -54.25 -8.26
CA GLY A 707 -7.70 -54.45 -7.45
C GLY A 707 -8.89 -54.93 -8.26
N SER A 708 -9.69 -55.81 -7.64
CA SER A 708 -10.89 -56.34 -8.29
C SER A 708 -12.01 -55.29 -8.33
N ASP A 709 -13.06 -55.57 -9.10
CA ASP A 709 -14.16 -54.62 -9.21
C ASP A 709 -14.75 -54.35 -7.82
N VAL A 710 -15.35 -55.37 -7.21
CA VAL A 710 -16.17 -55.16 -6.01
C VAL A 710 -15.45 -54.49 -4.84
N SER A 711 -14.14 -54.63 -4.76
CA SER A 711 -13.41 -53.86 -3.76
C SER A 711 -13.40 -52.39 -4.16
N LYS A 712 -13.17 -52.13 -5.44
CA LYS A 712 -13.22 -50.76 -5.95
C LYS A 712 -14.55 -50.10 -5.60
N GLN A 713 -15.63 -50.86 -5.74
CA GLN A 713 -16.96 -50.33 -5.49
C GLN A 713 -17.16 -49.95 -4.02
N ALA A 714 -16.99 -50.92 -3.14
CA ALA A 714 -17.21 -50.69 -1.70
C ALA A 714 -16.18 -49.74 -1.11
N ALA A 715 -15.23 -49.33 -1.93
CA ALA A 715 -14.12 -48.49 -1.46
C ALA A 715 -14.45 -47.00 -1.51
N ASP A 716 -13.80 -46.24 -0.64
CA ASP A 716 -14.00 -44.80 -0.58
C ASP A 716 -12.88 -44.05 -1.31
N MET A 717 -11.77 -44.74 -1.59
CA MET A 717 -10.63 -44.12 -2.26
C MET A 717 -10.00 -45.01 -3.32
N ILE A 718 -9.43 -44.41 -4.36
CA ILE A 718 -8.82 -45.16 -5.44
C ILE A 718 -7.39 -44.73 -5.73
N LEU A 719 -6.43 -45.60 -5.45
CA LEU A 719 -5.07 -45.32 -5.88
C LEU A 719 -4.94 -45.75 -7.33
N LEU A 720 -4.68 -44.80 -8.22
CA LEU A 720 -4.67 -45.07 -9.65
C LEU A 720 -3.38 -45.71 -10.15
N ASP A 721 -2.30 -45.54 -9.40
CA ASP A 721 -1.01 -46.10 -9.80
C ASP A 721 -0.49 -47.04 -8.71
N ASP A 722 -1.27 -47.14 -7.63
CA ASP A 722 -0.96 -48.04 -6.51
C ASP A 722 0.21 -47.55 -5.66
N ASN A 723 0.67 -46.33 -5.93
CA ASN A 723 1.73 -45.71 -5.16
C ASN A 723 1.33 -45.51 -3.70
N PHE A 724 1.75 -46.43 -2.85
CA PHE A 724 1.47 -46.33 -1.43
C PHE A 724 1.90 -44.98 -0.86
N ALA A 725 3.08 -44.53 -1.24
CA ALA A 725 3.62 -43.29 -0.70
C ALA A 725 2.65 -42.11 -0.75
N SER A 726 1.63 -42.21 -1.61
CA SER A 726 0.59 -41.19 -1.67
C SER A 726 -0.16 -41.15 -0.35
N ILE A 727 -0.23 -42.30 0.31
CA ILE A 727 -0.92 -42.46 1.59
C ILE A 727 -0.40 -41.47 2.61
N VAL A 728 0.91 -41.49 2.79
CA VAL A 728 1.58 -40.52 3.63
C VAL A 728 1.21 -39.11 3.19
N THR A 729 1.48 -38.81 1.92
CA THR A 729 1.05 -37.55 1.35
C THR A 729 -0.42 -37.31 1.69
N GLY A 730 -1.17 -38.40 1.76
CA GLY A 730 -2.59 -38.34 2.04
C GLY A 730 -2.91 -37.87 3.45
N VAL A 731 -2.32 -38.55 4.44
CA VAL A 731 -2.54 -38.20 5.84
C VAL A 731 -1.98 -36.81 6.15
N GLU A 732 -0.84 -36.49 5.54
CA GLU A 732 -0.28 -35.15 5.69
C GLU A 732 -1.32 -34.12 5.27
N GLU A 733 -1.70 -34.14 4.00
CA GLU A 733 -2.70 -33.22 3.49
C GLU A 733 -3.95 -33.24 4.37
N GLY A 734 -4.34 -34.43 4.79
CA GLY A 734 -5.50 -34.60 5.64
C GLY A 734 -5.36 -33.81 6.94
N ARG A 735 -4.18 -33.90 7.54
CA ARG A 735 -3.92 -33.18 8.78
C ARG A 735 -3.75 -31.69 8.53
N LEU A 736 -3.19 -31.33 7.37
CA LEU A 736 -3.00 -29.92 7.05
C LEU A 736 -4.33 -29.23 6.83
N ILE A 737 -5.18 -29.82 6.00
CA ILE A 737 -6.47 -29.22 5.68
C ILE A 737 -7.37 -29.14 6.91
N PHE A 738 -7.10 -29.99 7.89
CA PHE A 738 -7.85 -29.96 9.14
C PHE A 738 -7.66 -28.63 9.86
N ASP A 739 -6.44 -28.33 10.26
CA ASP A 739 -6.13 -27.08 10.97
C ASP A 739 -6.62 -25.86 10.19
N ASN A 740 -6.20 -25.75 8.93
CA ASN A 740 -6.58 -24.62 8.10
C ASN A 740 -8.10 -24.46 8.00
N LEU A 741 -8.84 -25.53 8.25
CA LEU A 741 -10.29 -25.42 8.32
C LEU A 741 -10.67 -24.64 9.55
N LYS A 742 -10.06 -24.99 10.68
CA LYS A 742 -10.22 -24.23 11.90
C LYS A 742 -10.01 -22.76 11.61
N LYS A 743 -8.81 -22.42 11.18
CA LYS A 743 -8.43 -21.04 10.95
C LYS A 743 -9.47 -20.28 10.14
N SER A 744 -10.14 -20.99 9.22
CA SER A 744 -11.15 -20.35 8.40
C SER A 744 -12.49 -20.19 9.12
N ILE A 745 -12.87 -21.18 9.91
CA ILE A 745 -14.07 -21.04 10.73
C ILE A 745 -13.86 -19.84 11.63
N ALA A 746 -12.67 -19.74 12.22
CA ALA A 746 -12.30 -18.63 13.07
C ALA A 746 -12.54 -17.31 12.36
N TYR A 747 -11.73 -17.03 11.35
CA TYR A 747 -11.91 -15.83 10.55
C TYR A 747 -13.38 -15.55 10.33
N THR A 748 -14.12 -16.52 9.78
CA THR A 748 -15.53 -16.29 9.45
C THR A 748 -16.39 -15.91 10.65
N LEU A 749 -16.36 -16.72 11.71
CA LEU A 749 -17.23 -16.48 12.86
C LEU A 749 -16.90 -15.17 13.60
N THR A 750 -15.64 -14.76 13.53
CA THR A 750 -15.25 -13.50 14.15
C THR A 750 -16.03 -12.38 13.50
N SER A 751 -16.22 -12.48 12.19
CA SER A 751 -16.96 -11.49 11.44
C SER A 751 -18.37 -11.39 11.97
N ASN A 752 -18.82 -12.42 12.67
CA ASN A 752 -20.20 -12.46 13.11
C ASN A 752 -20.51 -11.48 14.24
N ILE A 753 -19.68 -11.39 15.26
CA ILE A 753 -20.00 -10.51 16.39
C ILE A 753 -20.28 -9.06 16.02
N PRO A 754 -19.49 -8.48 15.12
CA PRO A 754 -19.79 -7.11 14.68
C PRO A 754 -20.94 -7.03 13.66
N GLU A 755 -21.59 -8.16 13.41
CA GLU A 755 -22.77 -8.18 12.56
C GLU A 755 -24.07 -8.23 13.39
N ILE A 756 -23.99 -8.80 14.60
CA ILE A 756 -25.16 -9.00 15.45
C ILE A 756 -25.39 -7.75 16.28
N THR A 757 -24.44 -7.45 17.15
CA THR A 757 -24.55 -6.34 18.08
C THR A 757 -25.24 -5.06 17.55
N PRO A 758 -24.92 -4.64 16.31
CA PRO A 758 -25.56 -3.44 15.74
C PRO A 758 -27.08 -3.53 15.75
N PHE A 759 -27.61 -4.74 15.86
CA PHE A 759 -29.04 -4.97 15.80
C PHE A 759 -29.56 -5.25 17.19
N LEU A 760 -28.63 -5.48 18.11
CA LEU A 760 -28.97 -5.79 19.48
C LEU A 760 -29.17 -4.50 20.25
N ILE A 761 -28.08 -3.74 20.40
CA ILE A 761 -28.14 -2.48 21.11
C ILE A 761 -29.14 -1.55 20.44
N PHE A 762 -29.33 -1.70 19.14
CA PHE A 762 -30.33 -0.93 18.41
C PHE A 762 -31.63 -0.96 19.18
N ILE A 763 -31.86 -2.07 19.87
CA ILE A 763 -33.09 -2.32 20.60
C ILE A 763 -32.92 -1.95 22.08
N ILE A 764 -31.68 -1.84 22.51
CA ILE A 764 -31.37 -1.58 23.91
C ILE A 764 -31.19 -0.09 24.22
N ALA A 765 -30.53 0.63 23.32
CA ALA A 765 -30.26 2.06 23.52
C ALA A 765 -31.07 2.92 22.55
N ASN A 766 -31.90 2.27 21.76
CA ASN A 766 -32.79 2.97 20.84
C ASN A 766 -32.08 4.00 19.97
N ILE A 767 -31.09 3.53 19.21
CA ILE A 767 -30.33 4.39 18.32
C ILE A 767 -30.53 3.94 16.88
N PRO A 768 -30.31 4.86 15.91
CA PRO A 768 -30.62 4.51 14.52
C PRO A 768 -29.88 3.25 14.16
N LEU A 769 -30.33 2.55 13.12
CA LEU A 769 -29.73 1.27 12.75
C LEU A 769 -28.32 1.41 12.17
N PRO A 770 -27.29 1.11 12.99
CA PRO A 770 -25.89 1.26 12.57
C PRO A 770 -25.58 0.44 11.34
N LEU A 771 -25.97 -0.82 11.36
CA LEU A 771 -25.67 -1.73 10.27
C LEU A 771 -26.94 -2.30 9.65
N GLY A 772 -27.08 -2.13 8.34
CA GLY A 772 -28.23 -2.65 7.62
C GLY A 772 -28.02 -4.06 7.13
N THR A 773 -29.10 -4.71 6.71
CA THR A 773 -29.03 -6.10 6.29
C THR A 773 -28.27 -6.28 4.99
N VAL A 774 -28.72 -5.59 3.94
CA VAL A 774 -28.02 -5.64 2.66
C VAL A 774 -26.51 -5.52 2.86
N THR A 775 -26.11 -4.89 3.96
CA THR A 775 -24.70 -4.76 4.29
C THR A 775 -24.10 -6.11 4.67
N ILE A 776 -24.62 -6.75 5.71
CA ILE A 776 -24.11 -8.05 6.15
C ILE A 776 -23.84 -9.01 4.99
N LEU A 777 -24.79 -9.11 4.08
CA LEU A 777 -24.65 -9.97 2.92
C LEU A 777 -23.52 -9.54 2.01
N CYS A 778 -22.95 -8.37 2.25
CA CYS A 778 -21.80 -7.91 1.46
C CYS A 778 -20.50 -8.18 2.20
N ILE A 779 -20.61 -8.97 3.26
CA ILE A 779 -19.45 -9.43 4.02
C ILE A 779 -19.43 -10.95 4.02
N ASP A 780 -20.45 -11.57 4.60
CA ASP A 780 -20.54 -13.03 4.61
C ASP A 780 -20.40 -13.66 3.22
N LEU A 781 -20.64 -12.89 2.15
CA LEU A 781 -20.49 -13.42 0.80
C LEU A 781 -19.81 -12.45 -0.16
N GLY A 782 -19.51 -11.25 0.32
CA GLY A 782 -18.85 -10.26 -0.52
C GLY A 782 -17.34 -10.26 -0.36
N THR A 783 -16.90 -9.78 0.79
CA THR A 783 -15.48 -9.62 1.05
C THR A 783 -14.96 -10.75 1.91
N ASP A 784 -15.83 -11.36 2.72
CA ASP A 784 -15.45 -12.47 3.59
C ASP A 784 -15.59 -13.82 2.92
N MET A 785 -15.42 -13.85 1.60
CA MET A 785 -15.49 -15.10 0.85
C MET A 785 -14.12 -15.43 0.30
N VAL A 786 -13.42 -14.42 -0.19
CA VAL A 786 -12.09 -14.62 -0.71
C VAL A 786 -11.13 -15.01 0.40
N PRO A 787 -10.99 -14.15 1.42
CA PRO A 787 -10.03 -14.39 2.50
C PRO A 787 -10.16 -15.81 3.04
N ALA A 788 -11.37 -16.19 3.43
CA ALA A 788 -11.59 -17.52 4.00
C ALA A 788 -10.93 -18.58 3.15
N ILE A 789 -11.42 -18.73 1.92
CA ILE A 789 -10.89 -19.70 0.97
C ILE A 789 -9.38 -19.67 0.90
N SER A 790 -8.82 -18.46 0.93
CA SER A 790 -7.39 -18.30 0.87
C SER A 790 -6.72 -19.00 2.01
N LEU A 791 -7.44 -19.20 3.10
CA LEU A 791 -6.84 -19.82 4.26
C LEU A 791 -6.56 -21.30 4.03
N ALA A 792 -7.20 -21.86 3.01
CA ALA A 792 -6.96 -23.26 2.66
C ALA A 792 -5.48 -23.50 2.45
N TYR A 793 -4.77 -22.47 2.01
CA TYR A 793 -3.40 -22.62 1.56
C TYR A 793 -2.35 -22.26 2.61
N GLU A 794 -2.71 -22.30 3.89
CA GLU A 794 -1.69 -22.14 4.92
C GLU A 794 -0.86 -23.41 5.01
N GLN A 795 0.41 -23.28 5.36
CA GLN A 795 1.28 -24.43 5.51
C GLN A 795 1.21 -24.93 6.94
N ALA A 796 2.18 -25.72 7.33
CA ALA A 796 2.21 -26.25 8.69
C ALA A 796 3.04 -25.38 9.61
N GLU A 797 2.48 -25.01 10.76
CA GLU A 797 3.21 -24.23 11.76
C GLU A 797 4.23 -25.08 12.50
N SER A 798 4.49 -26.27 11.97
CA SER A 798 5.46 -27.21 12.52
C SER A 798 5.44 -28.45 11.67
N ASP A 799 6.25 -29.45 12.00
CA ASP A 799 6.14 -30.74 11.33
C ASP A 799 4.96 -31.48 11.94
N ILE A 800 3.93 -31.73 11.13
CA ILE A 800 2.73 -32.35 11.64
C ILE A 800 2.83 -33.87 11.61
N MET A 801 3.56 -34.41 10.64
CA MET A 801 3.78 -35.84 10.60
C MET A 801 4.42 -36.27 11.92
N LYS A 802 4.98 -35.30 12.63
CA LYS A 802 5.73 -35.55 13.84
C LYS A 802 4.82 -35.65 15.07
N ARG A 803 3.51 -35.55 14.86
CA ARG A 803 2.57 -35.57 15.98
C ARG A 803 1.55 -36.69 15.87
N GLN A 804 1.06 -37.16 17.02
CA GLN A 804 0.10 -38.26 17.08
C GLN A 804 -1.21 -37.92 16.39
N PRO A 805 -1.98 -38.95 16.00
CA PRO A 805 -3.28 -38.70 15.37
C PRO A 805 -4.23 -38.09 16.40
N ARG A 806 -5.04 -37.13 15.97
CA ARG A 806 -5.99 -36.48 16.88
C ARG A 806 -6.91 -37.51 17.52
N ASN A 807 -7.26 -37.27 18.77
CA ASN A 807 -8.28 -38.09 19.43
C ASN A 807 -9.67 -37.64 19.03
N PRO A 808 -10.29 -38.34 18.08
CA PRO A 808 -11.56 -37.93 17.47
C PRO A 808 -12.61 -37.51 18.49
N LYS A 809 -12.53 -38.07 19.69
CA LYS A 809 -13.55 -37.82 20.71
C LYS A 809 -13.27 -36.57 21.53
N THR A 810 -12.02 -36.07 21.47
CA THR A 810 -11.57 -34.99 22.34
C THR A 810 -11.23 -33.68 21.61
N ASP A 811 -10.41 -33.78 20.57
CA ASP A 811 -9.94 -32.60 19.86
C ASP A 811 -10.87 -32.25 18.72
N LYS A 812 -11.99 -31.60 19.04
CA LYS A 812 -12.98 -31.29 18.03
C LYS A 812 -12.50 -30.22 17.05
N LEU A 813 -13.23 -30.07 15.95
CA LEU A 813 -12.84 -29.15 14.90
C LEU A 813 -13.22 -27.74 15.28
N VAL A 814 -14.36 -27.60 15.94
CA VAL A 814 -14.78 -26.32 16.46
C VAL A 814 -15.11 -26.46 17.93
N ASN A 815 -14.06 -26.38 18.74
CA ASN A 815 -14.18 -26.54 20.17
C ASN A 815 -14.47 -25.20 20.85
N GLU A 816 -14.85 -25.28 22.12
CA GLU A 816 -15.29 -24.12 22.87
C GLU A 816 -14.21 -23.03 22.96
N GLN A 817 -12.96 -23.46 22.93
CA GLN A 817 -11.82 -22.55 23.00
C GLN A 817 -11.78 -21.60 21.81
N LEU A 818 -12.07 -22.10 20.62
CA LEU A 818 -12.10 -21.24 19.44
C LEU A 818 -13.30 -20.30 19.49
N ILE A 819 -14.36 -20.74 20.14
CA ILE A 819 -15.52 -19.88 20.27
C ILE A 819 -15.17 -18.60 21.05
N SER A 820 -14.52 -18.78 22.19
CA SER A 820 -14.23 -17.68 23.11
C SER A 820 -13.13 -16.71 22.63
N MET A 821 -12.70 -16.88 21.39
CA MET A 821 -11.74 -15.95 20.82
C MET A 821 -12.42 -15.10 19.77
N ALA A 822 -13.08 -15.74 18.81
CA ALA A 822 -13.75 -15.00 17.74
C ALA A 822 -14.97 -14.24 18.28
N TYR A 823 -15.64 -14.85 19.24
CA TYR A 823 -16.82 -14.25 19.85
C TYR A 823 -16.46 -13.37 21.03
N GLY A 824 -15.88 -13.97 22.07
CA GLY A 824 -15.65 -13.27 23.32
C GLY A 824 -14.42 -12.39 23.38
N GLN A 825 -13.68 -12.29 22.29
CA GLN A 825 -12.44 -11.51 22.31
C GLN A 825 -12.19 -10.66 21.06
N ILE A 826 -11.91 -11.30 19.92
CA ILE A 826 -11.57 -10.55 18.72
C ILE A 826 -12.76 -9.85 18.08
N GLY A 827 -13.85 -10.58 17.89
CA GLY A 827 -15.05 -9.99 17.33
C GLY A 827 -15.44 -8.74 18.11
N MET A 828 -15.23 -8.81 19.42
CA MET A 828 -15.55 -7.70 20.28
C MET A 828 -14.78 -6.45 19.88
N ILE A 829 -13.47 -6.58 19.71
CA ILE A 829 -12.67 -5.46 19.26
C ILE A 829 -13.10 -5.10 17.85
N GLN A 830 -13.60 -6.07 17.11
CA GLN A 830 -14.08 -5.80 15.76
C GLN A 830 -15.41 -5.07 15.79
N ALA A 831 -16.16 -5.28 16.86
CA ALA A 831 -17.43 -4.60 17.00
C ALA A 831 -17.23 -3.11 17.32
N LEU A 832 -16.36 -2.86 18.30
CA LEU A 832 -16.10 -1.51 18.77
C LEU A 832 -15.54 -0.65 17.66
N GLY A 833 -14.71 -1.25 16.82
CA GLY A 833 -14.21 -0.55 15.67
C GLY A 833 -15.39 -0.16 14.79
N GLY A 834 -16.44 -0.97 14.84
CA GLY A 834 -17.60 -0.77 14.00
C GLY A 834 -18.39 0.44 14.44
N PHE A 835 -18.60 0.53 15.75
CA PHE A 835 -19.36 1.64 16.29
C PHE A 835 -18.59 2.94 16.27
N PHE A 836 -17.27 2.84 16.42
CA PHE A 836 -16.47 4.04 16.40
C PHE A 836 -16.71 4.79 15.10
N THR A 837 -16.61 4.08 14.00
CA THR A 837 -16.88 4.67 12.70
C THR A 837 -18.31 5.23 12.65
N TYR A 838 -19.23 4.53 13.34
CA TYR A 838 -20.65 4.94 13.43
C TYR A 838 -20.81 6.35 13.98
N PHE A 839 -20.42 6.54 15.23
CA PHE A 839 -20.56 7.82 15.91
C PHE A 839 -19.78 8.92 15.19
N VAL A 840 -18.70 8.54 14.53
CA VAL A 840 -17.94 9.49 13.74
C VAL A 840 -18.84 10.11 12.68
N ILE A 841 -19.34 9.26 11.78
CA ILE A 841 -20.15 9.73 10.66
C ILE A 841 -21.34 10.57 11.11
N LEU A 842 -22.02 10.14 12.16
CA LEU A 842 -23.13 10.91 12.69
C LEU A 842 -22.64 12.21 13.32
N ALA A 843 -21.65 12.13 14.19
CA ALA A 843 -21.13 13.31 14.89
C ALA A 843 -20.71 14.44 13.94
N GLU A 844 -19.89 14.10 12.97
CA GLU A 844 -19.41 15.08 11.99
C GLU A 844 -20.59 15.61 11.19
N ASN A 845 -21.68 14.86 11.17
CA ASN A 845 -22.87 15.27 10.45
C ASN A 845 -23.96 15.85 11.35
N GLY A 846 -23.59 16.14 12.60
CA GLY A 846 -24.43 16.93 13.46
C GLY A 846 -25.31 16.21 14.47
N PHE A 847 -24.95 14.99 14.81
CA PHE A 847 -25.70 14.24 15.82
C PHE A 847 -24.74 13.61 16.80
N LEU A 848 -24.49 14.30 17.91
CA LEU A 848 -23.57 13.80 18.93
C LEU A 848 -24.06 12.46 19.49
N PRO A 849 -23.14 11.70 20.12
CA PRO A 849 -23.46 10.40 20.68
C PRO A 849 -24.58 10.53 21.69
N ILE A 850 -24.26 11.22 22.78
CA ILE A 850 -25.22 11.51 23.83
C ILE A 850 -26.67 11.69 23.33
N HIS A 851 -26.87 12.62 22.39
CA HIS A 851 -28.20 12.92 21.83
C HIS A 851 -28.80 11.76 21.06
N LEU A 852 -28.01 10.71 20.81
CA LEU A 852 -28.44 9.61 19.96
C LEU A 852 -29.25 8.53 20.67
N LEU A 853 -29.40 8.66 21.98
CA LEU A 853 -30.16 7.68 22.76
C LEU A 853 -31.66 7.88 22.58
N GLY A 854 -32.36 6.82 22.22
CA GLY A 854 -33.81 6.85 22.10
C GLY A 854 -34.34 7.60 20.89
N LEU A 855 -33.47 7.82 19.91
CA LEU A 855 -33.85 8.56 18.71
C LEU A 855 -34.61 7.70 17.74
N ARG A 856 -34.21 6.44 17.63
CA ARG A 856 -34.76 5.56 16.61
C ARG A 856 -36.24 5.81 16.38
N VAL A 857 -36.99 5.94 17.46
CA VAL A 857 -38.43 6.16 17.37
C VAL A 857 -38.74 7.23 16.33
N ASN A 858 -38.46 8.48 16.69
CA ASN A 858 -38.64 9.58 15.77
C ASN A 858 -37.77 9.42 14.52
N TRP A 859 -36.54 8.93 14.70
CA TRP A 859 -35.63 8.78 13.58
C TRP A 859 -36.36 8.03 12.46
N ASP A 860 -36.75 6.78 12.75
CA ASP A 860 -37.42 5.93 11.76
C ASP A 860 -38.85 6.36 11.48
N ASP A 861 -39.31 7.40 12.17
CA ASP A 861 -40.60 7.99 11.86
C ASP A 861 -40.52 8.55 10.44
N ARG A 862 -41.43 8.14 9.57
CA ARG A 862 -41.42 8.57 8.17
C ARG A 862 -42.32 9.77 7.93
N TRP A 863 -42.80 10.36 9.01
CA TRP A 863 -43.64 11.52 8.89
C TRP A 863 -42.86 12.75 9.31
N ILE A 864 -42.36 12.74 10.55
CA ILE A 864 -41.54 13.82 11.02
C ILE A 864 -40.52 14.14 9.94
N ASN A 865 -40.70 15.26 9.26
CA ASN A 865 -39.71 15.65 8.28
C ASN A 865 -38.86 16.80 8.78
N ASP A 866 -38.83 16.95 10.10
CA ASP A 866 -38.04 17.98 10.74
C ASP A 866 -37.48 17.51 12.08
N VAL A 867 -36.80 16.37 12.10
CA VAL A 867 -36.18 15.91 13.33
C VAL A 867 -34.96 16.76 13.62
N GLU A 868 -34.75 17.07 14.89
CA GLU A 868 -33.73 18.02 15.29
C GLU A 868 -32.46 17.35 15.76
N ASP A 869 -31.33 17.84 15.24
CA ASP A 869 -30.02 17.35 15.64
C ASP A 869 -29.58 18.01 16.94
N SER A 870 -28.31 17.89 17.27
CA SER A 870 -27.76 18.51 18.48
C SER A 870 -27.26 19.93 18.18
N TYR A 871 -27.41 20.35 16.92
CA TYR A 871 -27.02 21.68 16.51
C TYR A 871 -28.23 22.52 16.22
N GLY A 872 -29.42 21.94 16.37
CA GLY A 872 -30.65 22.66 16.16
C GLY A 872 -31.12 22.66 14.72
N GLN A 873 -30.30 22.10 13.82
CA GLN A 873 -30.72 21.96 12.45
C GLN A 873 -31.82 20.91 12.34
N GLN A 874 -32.57 20.94 11.24
CA GLN A 874 -33.74 20.08 11.09
C GLN A 874 -33.68 19.22 9.82
N TRP A 875 -33.92 17.91 9.96
CA TRP A 875 -33.73 16.97 8.86
C TRP A 875 -35.06 16.36 8.37
N THR A 876 -35.21 16.24 7.06
CA THR A 876 -36.39 15.57 6.47
C THR A 876 -36.33 14.08 6.78
N TYR A 877 -37.22 13.31 6.19
CA TYR A 877 -37.14 11.86 6.34
C TYR A 877 -35.91 11.40 5.58
N GLU A 878 -35.96 11.52 4.25
CA GLU A 878 -34.91 10.97 3.38
C GLU A 878 -33.48 11.45 3.65
N GLN A 879 -33.34 12.72 4.02
CA GLN A 879 -32.02 13.29 4.27
C GLN A 879 -31.26 12.56 5.38
N ARG A 880 -31.83 12.49 6.58
CA ARG A 880 -31.20 11.76 7.67
C ARG A 880 -30.98 10.29 7.30
N LYS A 881 -31.88 9.73 6.50
CA LYS A 881 -31.74 8.35 6.05
C LYS A 881 -30.47 8.18 5.23
N ILE A 882 -30.25 9.10 4.30
CA ILE A 882 -29.05 9.05 3.49
C ILE A 882 -27.81 8.98 4.36
N VAL A 883 -27.90 9.51 5.58
CA VAL A 883 -26.80 9.36 6.53
C VAL A 883 -26.78 7.97 7.18
N GLU A 884 -27.94 7.46 7.56
CA GLU A 884 -28.04 6.11 8.11
C GLU A 884 -27.38 5.14 7.15
N PHE A 885 -27.82 5.18 5.89
CA PHE A 885 -27.29 4.29 4.88
C PHE A 885 -25.82 4.57 4.59
N THR A 886 -25.41 5.83 4.64
CA THR A 886 -24.00 6.14 4.53
C THR A 886 -23.30 5.83 5.83
N CYS A 887 -24.08 5.49 6.85
CA CYS A 887 -23.48 5.03 8.09
C CYS A 887 -23.45 3.49 8.08
N HIS A 888 -24.22 2.90 7.18
CA HIS A 888 -24.15 1.46 6.95
C HIS A 888 -22.87 1.15 6.19
N THR A 889 -22.70 1.85 5.07
CA THR A 889 -21.57 1.64 4.18
C THR A 889 -20.21 1.58 4.87
N PRO A 890 -19.91 2.54 5.75
CA PRO A 890 -18.57 2.54 6.35
C PRO A 890 -18.43 1.46 7.43
N PHE A 891 -19.52 1.14 8.12
CA PHE A 891 -19.52 0.03 9.05
C PHE A 891 -19.05 -1.17 8.23
N PHE A 892 -19.52 -1.22 7.00
CA PHE A 892 -19.15 -2.28 6.06
C PHE A 892 -17.68 -2.19 5.68
N VAL A 893 -17.22 -1.00 5.29
CA VAL A 893 -15.80 -0.80 5.01
C VAL A 893 -15.06 -1.15 6.30
N THR A 894 -15.39 -0.43 7.36
CA THR A 894 -14.70 -0.60 8.62
C THR A 894 -14.51 -2.09 8.96
N ILE A 895 -15.56 -2.90 8.83
CA ILE A 895 -15.42 -4.34 9.07
C ILE A 895 -14.26 -4.88 8.26
N VAL A 896 -14.33 -4.68 6.95
CA VAL A 896 -13.28 -5.12 6.06
C VAL A 896 -11.91 -4.77 6.62
N VAL A 897 -11.76 -3.56 7.16
CA VAL A 897 -10.48 -3.16 7.71
C VAL A 897 -10.09 -3.96 8.95
N VAL A 898 -11.05 -4.53 9.65
CA VAL A 898 -10.67 -5.40 10.74
C VAL A 898 -10.55 -6.85 10.29
N GLN A 899 -11.07 -7.15 9.10
CA GLN A 899 -10.89 -8.47 8.50
C GLN A 899 -9.52 -8.53 7.82
N TRP A 900 -8.91 -7.38 7.61
CA TRP A 900 -7.50 -7.35 7.26
C TRP A 900 -6.81 -8.01 8.43
N ALA A 901 -6.90 -7.38 9.60
CA ALA A 901 -6.24 -7.88 10.80
C ALA A 901 -6.57 -9.34 11.13
N ASP A 902 -7.85 -9.66 11.25
CA ASP A 902 -8.24 -11.02 11.59
C ASP A 902 -7.58 -12.02 10.65
N LEU A 903 -7.61 -11.72 9.36
CA LEU A 903 -7.08 -12.64 8.35
C LEU A 903 -5.63 -13.00 8.56
N VAL A 904 -4.88 -12.14 9.24
CA VAL A 904 -3.47 -12.40 9.44
C VAL A 904 -3.18 -13.13 10.75
N ILE A 905 -3.88 -12.71 11.80
CA ILE A 905 -3.72 -13.36 13.08
C ILE A 905 -4.31 -14.76 13.03
N CYS A 906 -5.13 -15.02 12.01
CA CYS A 906 -5.73 -16.34 11.89
C CYS A 906 -4.92 -17.25 10.95
N LYS A 907 -4.08 -16.65 10.12
CA LYS A 907 -3.18 -17.42 9.27
C LYS A 907 -2.31 -18.36 10.10
N THR A 908 -2.18 -18.06 11.40
CA THR A 908 -1.37 -18.87 12.31
C THR A 908 -2.18 -19.31 13.53
N ARG A 909 -1.59 -20.15 14.37
CA ARG A 909 -2.26 -20.59 15.59
C ARG A 909 -1.36 -20.36 16.80
N ARG A 910 -0.06 -20.52 16.60
CA ARG A 910 0.90 -20.45 17.69
C ARG A 910 2.14 -19.70 17.24
N ASN A 911 2.46 -19.82 15.95
CA ASN A 911 3.61 -19.15 15.40
C ASN A 911 3.34 -17.68 15.12
N SER A 912 4.30 -16.83 15.45
CA SER A 912 4.17 -15.41 15.18
C SER A 912 4.23 -15.16 13.68
N VAL A 913 3.53 -14.14 13.23
CA VAL A 913 3.44 -13.84 11.81
C VAL A 913 4.83 -13.56 11.24
N PHE A 914 5.75 -13.15 12.08
CA PHE A 914 7.12 -12.95 11.64
C PHE A 914 7.79 -14.30 11.39
N GLN A 915 7.42 -15.30 12.20
CA GLN A 915 7.97 -16.63 12.08
C GLN A 915 7.47 -17.33 10.82
N GLN A 916 6.17 -17.23 10.59
CA GLN A 916 5.54 -17.86 9.43
C GLN A 916 5.51 -16.95 8.21
N GLY A 917 6.00 -15.72 8.39
CA GLY A 917 6.09 -14.75 7.31
C GLY A 917 4.84 -14.67 6.45
N MET A 918 5.00 -14.21 5.22
CA MET A 918 3.86 -14.11 4.32
C MET A 918 4.09 -14.85 3.02
N LYS A 919 4.11 -16.17 3.13
CA LYS A 919 4.37 -17.04 1.98
C LYS A 919 3.10 -17.20 1.16
N ASN A 920 1.97 -17.27 1.85
CA ASN A 920 0.70 -17.45 1.16
C ASN A 920 0.42 -16.34 0.16
N LYS A 921 0.39 -16.70 -1.12
CA LYS A 921 0.22 -15.72 -2.19
C LYS A 921 -1.26 -15.41 -2.45
N ILE A 922 -2.12 -16.38 -2.15
CA ILE A 922 -3.54 -16.15 -2.33
C ILE A 922 -4.01 -15.22 -1.24
N LEU A 923 -3.79 -15.62 0.01
CA LEU A 923 -4.23 -14.82 1.15
C LEU A 923 -3.90 -13.36 0.93
N ILE A 924 -2.79 -13.11 0.25
CA ILE A 924 -2.40 -11.76 -0.06
C ILE A 924 -3.40 -11.08 -0.99
N PHE A 925 -3.54 -11.63 -2.19
CA PHE A 925 -4.42 -11.09 -3.21
C PHE A 925 -5.83 -10.84 -2.69
N GLY A 926 -6.21 -11.60 -1.67
CA GLY A 926 -7.54 -11.47 -1.09
C GLY A 926 -7.77 -10.12 -0.45
N LEU A 927 -6.77 -9.63 0.25
CA LEU A 927 -6.85 -8.32 0.87
C LEU A 927 -7.14 -7.28 -0.19
N PHE A 928 -6.40 -7.33 -1.28
CA PHE A 928 -6.58 -6.39 -2.37
C PHE A 928 -7.98 -6.49 -2.96
N GLU A 929 -8.49 -7.71 -3.12
CA GLU A 929 -9.82 -7.88 -3.71
C GLU A 929 -10.92 -7.57 -2.71
N GLU A 930 -10.79 -8.13 -1.52
CA GLU A 930 -11.72 -7.81 -0.43
C GLU A 930 -11.87 -6.29 -0.29
N THR A 931 -10.74 -5.59 -0.40
CA THR A 931 -10.74 -4.14 -0.34
C THR A 931 -11.34 -3.53 -1.60
N ALA A 932 -10.69 -3.76 -2.74
CA ALA A 932 -11.15 -3.25 -4.01
C ALA A 932 -12.65 -3.42 -4.14
N LEU A 933 -13.20 -4.45 -3.52
CA LEU A 933 -14.62 -4.72 -3.60
C LEU A 933 -15.39 -3.71 -2.78
N ALA A 934 -15.05 -3.57 -1.51
CA ALA A 934 -15.70 -2.60 -0.65
C ALA A 934 -15.68 -1.23 -1.30
N ALA A 935 -14.48 -0.73 -1.57
CA ALA A 935 -14.32 0.48 -2.33
C ALA A 935 -15.32 0.57 -3.48
N PHE A 936 -15.41 -0.49 -4.29
CA PHE A 936 -16.29 -0.45 -5.45
C PHE A 936 -17.75 -0.38 -5.05
N LEU A 937 -18.13 -1.18 -4.07
CA LEU A 937 -19.50 -1.20 -3.58
C LEU A 937 -19.90 0.13 -2.97
N SER A 938 -18.99 1.09 -2.99
CA SER A 938 -19.25 2.39 -2.42
C SER A 938 -19.37 3.43 -3.51
N TYR A 939 -18.27 3.71 -4.19
CA TYR A 939 -18.28 4.74 -5.21
C TYR A 939 -18.81 4.17 -6.52
N CYS A 940 -19.97 3.55 -6.47
CA CYS A 940 -20.52 3.02 -7.69
C CYS A 940 -21.78 3.76 -8.09
N PRO A 941 -21.77 4.34 -9.28
CA PRO A 941 -22.89 5.11 -9.83
C PRO A 941 -24.16 4.28 -9.89
N GLY A 942 -24.94 4.30 -8.82
CA GLY A 942 -26.20 3.56 -8.76
C GLY A 942 -26.34 2.65 -7.55
N MET A 943 -25.20 2.15 -7.07
CA MET A 943 -25.19 1.29 -5.89
C MET A 943 -25.92 1.94 -4.74
N GLY A 944 -25.89 3.27 -4.72
CA GLY A 944 -26.58 4.04 -3.70
C GLY A 944 -28.05 3.68 -3.68
N VAL A 945 -28.49 2.96 -4.70
CA VAL A 945 -29.90 2.59 -4.81
C VAL A 945 -30.06 1.09 -4.85
N ALA A 946 -29.23 0.44 -5.66
CA ALA A 946 -29.29 -1.00 -5.79
C ALA A 946 -28.91 -1.69 -4.49
N LEU A 947 -28.08 -1.04 -3.68
CA LEU A 947 -27.67 -1.61 -2.41
C LEU A 947 -27.65 -0.57 -1.31
N ARG A 948 -28.25 0.58 -1.56
CA ARG A 948 -28.24 1.67 -0.59
C ARG A 948 -26.83 1.85 -0.06
N MET A 949 -25.86 1.74 -0.96
CA MET A 949 -24.48 1.99 -0.62
C MET A 949 -24.09 3.38 -1.11
N TYR A 950 -23.68 4.23 -0.18
CA TYR A 950 -23.28 5.59 -0.53
C TYR A 950 -21.79 5.74 -0.33
N PRO A 951 -21.17 6.67 -1.07
CA PRO A 951 -19.72 6.92 -1.07
C PRO A 951 -19.19 7.35 0.30
N LEU A 952 -17.90 7.16 0.54
CA LEU A 952 -17.33 7.53 1.83
C LEU A 952 -16.29 8.62 1.70
N LYS A 953 -16.33 9.57 2.62
CA LYS A 953 -15.40 10.69 2.64
C LYS A 953 -14.00 10.23 3.03
N PRO A 954 -12.97 10.95 2.57
CA PRO A 954 -11.58 10.61 2.93
C PRO A 954 -11.46 10.18 4.39
N THR A 955 -11.77 11.10 5.31
CA THR A 955 -11.61 10.84 6.74
C THR A 955 -12.39 9.60 7.24
N TRP A 956 -13.17 9.00 6.36
CA TRP A 956 -14.02 7.87 6.74
C TRP A 956 -13.24 6.57 6.93
N TRP A 957 -12.43 6.21 5.96
CA TRP A 957 -11.80 4.90 5.96
C TRP A 957 -10.99 4.68 7.20
N PHE A 958 -10.30 5.72 7.62
CA PHE A 958 -9.33 5.58 8.69
C PHE A 958 -9.99 5.51 10.06
N CYS A 959 -11.27 5.16 10.09
CA CYS A 959 -11.98 5.10 11.36
C CYS A 959 -11.66 3.83 12.13
N ALA A 960 -11.43 2.74 11.40
CA ALA A 960 -11.19 1.45 12.03
C ALA A 960 -9.71 1.25 12.33
N PHE A 961 -8.88 1.97 11.60
CA PHE A 961 -7.44 1.78 11.71
C PHE A 961 -6.97 1.51 13.13
N PRO A 962 -7.15 2.48 14.04
CA PRO A 962 -6.61 2.32 15.39
C PRO A 962 -7.06 1.02 16.03
N TYR A 963 -8.22 0.54 15.63
CA TYR A 963 -8.73 -0.71 16.17
C TYR A 963 -8.09 -1.92 15.48
N SER A 964 -8.12 -1.91 14.15
CA SER A 964 -7.60 -3.01 13.39
C SER A 964 -6.19 -3.34 13.85
N LEU A 965 -5.36 -2.32 14.03
CA LEU A 965 -4.01 -2.54 14.49
C LEU A 965 -3.99 -3.07 15.92
N LEU A 966 -4.94 -2.64 16.75
CA LEU A 966 -4.99 -3.20 18.08
C LEU A 966 -5.09 -4.71 18.01
N ILE A 967 -6.05 -5.20 17.22
CA ILE A 967 -6.26 -6.63 17.07
C ILE A 967 -4.94 -7.30 16.77
N PHE A 968 -4.37 -7.01 15.61
CA PHE A 968 -3.09 -7.58 15.20
C PHE A 968 -2.18 -7.81 16.40
N VAL A 969 -2.05 -6.77 17.23
CA VAL A 969 -1.15 -6.81 18.36
C VAL A 969 -1.64 -7.79 19.41
N TYR A 970 -2.85 -7.57 19.89
CA TYR A 970 -3.40 -8.40 20.95
C TYR A 970 -3.14 -9.87 20.69
N ASP A 971 -3.22 -10.27 19.42
CA ASP A 971 -3.06 -11.68 19.07
C ASP A 971 -1.59 -12.07 18.99
N GLU A 972 -0.77 -11.20 18.39
CA GLU A 972 0.64 -11.50 18.28
C GLU A 972 1.22 -11.68 19.67
N VAL A 973 0.85 -10.79 20.58
CA VAL A 973 1.28 -10.89 21.97
C VAL A 973 0.78 -12.17 22.61
N ARG A 974 -0.52 -12.41 22.52
CA ARG A 974 -1.11 -13.61 23.11
C ARG A 974 -0.38 -14.88 22.67
N LYS A 975 -0.07 -14.94 21.38
CA LYS A 975 0.59 -16.10 20.83
C LYS A 975 2.02 -16.21 21.33
N LEU A 976 2.71 -15.08 21.46
CA LEU A 976 4.04 -15.12 22.04
C LEU A 976 3.97 -15.73 23.43
N ILE A 977 2.89 -15.47 24.16
CA ILE A 977 2.78 -16.03 25.50
C ILE A 977 2.54 -17.52 25.42
N ILE A 978 1.70 -17.95 24.50
CA ILE A 978 1.48 -19.37 24.28
C ILE A 978 2.79 -20.10 24.01
N ARG A 979 3.65 -19.48 23.21
CA ARG A 979 4.95 -20.05 22.90
C ARG A 979 5.81 -20.16 24.15
N ARG A 980 5.97 -19.05 24.86
CA ARG A 980 6.81 -19.04 26.06
C ARG A 980 6.31 -19.98 27.13
N ARG A 981 5.02 -19.94 27.41
CA ARG A 981 4.42 -20.83 28.41
C ARG A 981 3.49 -21.86 27.78
N PRO A 982 4.06 -22.96 27.28
CA PRO A 982 3.26 -24.02 26.68
C PRO A 982 2.65 -24.86 27.78
N GLY A 983 1.87 -24.23 28.65
CA GLY A 983 1.16 -24.96 29.69
C GLY A 983 -0.11 -25.52 29.13
N GLY A 984 -1.22 -24.83 29.37
CA GLY A 984 -1.20 -23.59 30.14
C GLY A 984 -2.54 -22.89 30.15
N TRP A 985 -2.66 -21.90 31.02
CA TRP A 985 -3.90 -21.13 31.12
C TRP A 985 -3.97 -20.13 29.98
N VAL A 986 -2.90 -20.13 29.17
CA VAL A 986 -2.81 -19.23 28.05
C VAL A 986 -3.15 -19.97 26.77
N GLU A 987 -2.72 -21.22 26.72
CA GLU A 987 -2.93 -22.08 25.56
C GLU A 987 -4.19 -22.93 25.72
N LYS A 988 -4.33 -23.57 26.87
CA LYS A 988 -5.48 -24.43 27.09
C LYS A 988 -6.74 -23.62 27.37
N GLU A 989 -6.65 -22.31 27.16
CA GLU A 989 -7.79 -21.40 27.34
C GLU A 989 -8.13 -20.65 26.06
N THR A 990 -7.08 -20.24 25.36
CA THR A 990 -7.22 -19.40 24.18
C THR A 990 -6.73 -20.09 22.92
N TYR A 991 -5.79 -21.00 23.09
CA TYR A 991 -5.20 -21.71 21.97
C TYR A 991 -6.24 -22.59 21.31
N TYR A 992 -6.83 -22.10 20.21
CA TYR A 992 -7.83 -22.83 19.44
C TYR A 992 -7.77 -24.35 19.58
N ARG B 1 -18.86 -28.38 32.02
CA ARG B 1 -19.11 -28.07 33.42
C ARG B 1 -17.81 -28.05 34.24
N THR B 2 -17.14 -26.91 34.22
CA THR B 2 -15.85 -26.81 34.88
C THR B 2 -15.97 -26.03 36.19
N GLY B 3 -15.18 -26.39 37.19
CA GLY B 3 -15.21 -25.71 38.47
C GLY B 3 -13.88 -25.14 38.94
N GLY B 4 -13.93 -24.15 39.82
CA GLY B 4 -12.73 -23.56 40.39
C GLY B 4 -11.97 -22.67 39.44
N SER B 5 -12.27 -22.81 38.15
CA SER B 5 -11.63 -22.00 37.13
C SER B 5 -12.58 -20.90 36.67
N TRP B 6 -13.82 -20.96 37.12
CA TRP B 6 -14.81 -19.96 36.77
C TRP B 6 -14.29 -18.56 37.11
N PHE B 7 -13.63 -18.45 38.26
CA PHE B 7 -13.10 -17.18 38.70
C PHE B 7 -12.00 -16.68 37.76
N LYS B 8 -11.39 -17.62 37.04
CA LYS B 8 -10.33 -17.31 36.08
C LYS B 8 -10.91 -16.66 34.82
N ILE B 9 -12.09 -17.11 34.42
CA ILE B 9 -12.80 -16.52 33.29
C ILE B 9 -13.38 -15.16 33.69
N LEU B 10 -14.19 -15.16 34.74
CA LEU B 10 -14.83 -13.93 35.21
C LEU B 10 -13.82 -12.79 35.33
N LEU B 11 -12.72 -13.03 36.05
CA LEU B 11 -11.70 -12.01 36.28
C LEU B 11 -11.07 -11.55 34.97
N PHE B 12 -10.97 -12.47 34.02
CA PHE B 12 -10.40 -12.15 32.72
C PHE B 12 -11.29 -11.16 31.98
N TYR B 13 -12.49 -11.57 31.60
CA TYR B 13 -13.40 -10.70 30.87
C TYR B 13 -13.62 -9.38 31.60
N VAL B 14 -13.89 -9.46 32.89
CA VAL B 14 -14.12 -8.26 33.68
C VAL B 14 -13.10 -7.19 33.30
N ILE B 15 -11.82 -7.53 33.43
CA ILE B 15 -10.78 -6.57 33.08
C ILE B 15 -10.27 -6.80 31.65
N PHE B 16 -11.19 -7.11 30.74
CA PHE B 16 -10.87 -7.17 29.32
C PHE B 16 -11.91 -6.39 28.56
N TYR B 17 -13.16 -6.81 28.69
CA TYR B 17 -14.26 -5.98 28.26
C TYR B 17 -14.05 -4.66 28.97
N GLY B 18 -13.50 -4.72 30.17
CA GLY B 18 -13.24 -3.54 30.98
C GLY B 18 -12.33 -2.55 30.30
N CYS B 19 -11.26 -3.06 29.69
CA CYS B 19 -10.33 -2.19 28.99
C CYS B 19 -10.76 -1.92 27.55
N LEU B 20 -11.38 -2.93 26.92
CA LEU B 20 -11.97 -2.75 25.60
C LEU B 20 -12.98 -1.62 25.65
N ALA B 21 -13.80 -1.62 26.69
CA ALA B 21 -14.77 -0.55 26.93
C ALA B 21 -14.02 0.75 27.18
N GLY B 22 -12.87 0.65 27.84
CA GLY B 22 -12.04 1.81 28.06
C GLY B 22 -11.59 2.46 26.77
N ILE B 23 -11.07 1.66 25.84
CA ILE B 23 -10.59 2.17 24.57
C ILE B 23 -11.69 2.70 23.69
N PHE B 24 -12.80 1.99 23.64
CA PHE B 24 -13.92 2.39 22.81
C PHE B 24 -14.45 3.73 23.25
N ILE B 25 -14.46 3.97 24.56
CA ILE B 25 -14.86 5.25 25.09
C ILE B 25 -13.76 6.27 24.88
N GLY B 26 -12.53 5.88 25.16
CA GLY B 26 -11.38 6.73 24.96
C GLY B 26 -11.48 7.46 23.63
N THR B 27 -11.47 6.69 22.55
CA THR B 27 -11.57 7.24 21.21
C THR B 27 -12.81 8.10 21.04
N ILE B 28 -13.94 7.57 21.47
CA ILE B 28 -15.20 8.29 21.38
C ILE B 28 -15.00 9.71 21.90
N GLN B 29 -14.34 9.82 23.06
CA GLN B 29 -14.10 11.11 23.71
C GLN B 29 -13.25 12.07 22.88
N VAL B 30 -12.33 11.50 22.10
CA VAL B 30 -11.42 12.31 21.31
C VAL B 30 -12.12 12.85 20.06
N MET B 31 -12.89 12.01 19.39
CA MET B 31 -13.61 12.43 18.18
C MET B 31 -14.79 13.30 18.56
N LEU B 32 -15.13 13.28 19.85
CA LEU B 32 -16.03 14.27 20.40
C LEU B 32 -15.28 15.59 20.48
N LEU B 33 -13.95 15.52 20.47
CA LEU B 33 -13.13 16.72 20.67
C LEU B 33 -12.83 17.53 19.39
N THR B 34 -13.17 16.99 18.23
CA THR B 34 -13.00 17.77 17.00
C THR B 34 -14.30 17.96 16.24
N ILE B 35 -15.22 18.67 16.87
CA ILE B 35 -16.43 19.15 16.23
C ILE B 35 -16.84 20.38 17.03
N SER B 36 -17.39 21.38 16.35
CA SER B 36 -17.74 22.64 17.03
C SER B 36 -18.89 22.50 18.01
N GLU B 37 -19.09 23.52 18.83
CA GLU B 37 -20.32 23.63 19.59
C GLU B 37 -21.30 24.35 18.70
N PHE B 38 -20.76 25.24 17.88
CA PHE B 38 -21.53 26.21 17.12
C PHE B 38 -22.01 25.71 15.75
N LYS B 39 -21.27 24.81 15.12
CA LYS B 39 -21.54 24.47 13.74
C LYS B 39 -21.19 23.03 13.38
N PRO B 40 -22.08 22.35 12.67
CA PRO B 40 -21.82 20.97 12.23
C PRO B 40 -20.69 20.96 11.22
N THR B 41 -19.74 20.04 11.38
CA THR B 41 -18.61 19.96 10.48
C THR B 41 -19.00 19.64 9.03
N TYR B 42 -20.12 18.94 8.85
CA TYR B 42 -20.63 18.64 7.52
C TYR B 42 -22.11 19.05 7.38
N GLN B 43 -22.48 19.65 6.25
CA GLN B 43 -23.85 20.06 6.08
C GLN B 43 -24.28 19.81 4.66
N ASP B 44 -23.38 19.25 3.87
CA ASP B 44 -23.66 18.95 2.49
C ASP B 44 -24.80 17.95 2.33
N ARG B 45 -25.27 17.40 3.45
CA ARG B 45 -26.35 16.43 3.40
C ARG B 45 -27.72 17.09 3.39
N VAL B 46 -27.81 18.28 3.98
CA VAL B 46 -29.07 19.03 4.04
C VAL B 46 -29.14 20.14 2.99
N ALA B 47 -28.31 20.03 1.96
CA ALA B 47 -28.19 21.07 0.95
C ALA B 47 -29.54 21.65 0.58
N PRO B 48 -30.44 20.83 0.04
CA PRO B 48 -31.78 21.38 -0.22
C PRO B 48 -32.62 21.32 1.04
N PRO B 49 -33.08 22.49 1.52
CA PRO B 49 -33.96 22.58 2.68
C PRO B 49 -35.26 21.83 2.42
N GLY B 50 -35.96 21.42 3.47
CA GLY B 50 -37.16 20.63 3.32
C GLY B 50 -38.37 21.25 3.97
N LEU B 51 -39.42 21.42 3.19
CA LEU B 51 -40.62 22.08 3.66
C LEU B 51 -41.50 21.11 4.45
N THR B 52 -41.56 21.29 5.77
CA THR B 52 -42.35 20.42 6.64
C THR B 52 -43.73 21.00 6.97
N GLN B 53 -44.66 20.14 7.38
CA GLN B 53 -46.04 20.55 7.63
C GLN B 53 -46.50 20.34 9.07
N ILE B 54 -47.19 21.35 9.62
CA ILE B 54 -47.68 21.27 11.00
C ILE B 54 -48.76 20.21 11.21
N PRO B 55 -49.78 20.18 10.35
CA PRO B 55 -50.75 19.11 10.59
C PRO B 55 -50.06 17.78 10.35
N GLN B 56 -49.91 17.01 11.43
CA GLN B 56 -49.20 15.74 11.41
C GLN B 56 -49.96 14.69 10.60
N SER B 57 -49.63 14.58 9.31
CA SER B 57 -50.39 13.75 8.39
C SER B 57 -49.93 12.29 8.40
N GLN B 58 -50.74 11.40 8.95
CA GLN B 58 -50.39 9.98 9.06
C GLN B 58 -49.60 9.52 7.83
N LYS B 59 -50.18 9.72 6.65
CA LYS B 59 -49.51 9.36 5.41
C LYS B 59 -49.63 10.46 4.35
N THR B 60 -49.41 11.70 4.77
CA THR B 60 -49.50 12.89 3.90
C THR B 60 -50.95 13.26 3.59
N GLU B 61 -51.86 12.89 4.48
CA GLU B 61 -53.29 13.04 4.22
C GLU B 61 -54.07 13.61 5.41
N ILE B 62 -55.05 14.46 5.10
CA ILE B 62 -55.93 15.05 6.11
C ILE B 62 -57.40 14.81 5.79
N SER B 63 -57.84 13.57 5.94
CA SER B 63 -59.25 13.23 5.76
C SER B 63 -59.96 13.34 7.09
N PHE B 64 -61.12 13.97 7.11
CA PHE B 64 -61.87 14.15 8.34
C PHE B 64 -63.25 14.69 8.07
N ARG B 65 -64.17 14.47 9.02
CA ARG B 65 -65.56 14.81 8.82
C ARG B 65 -65.92 16.13 9.51
N PRO B 66 -66.40 17.11 8.72
CA PRO B 66 -66.87 18.39 9.26
C PRO B 66 -67.94 18.20 10.33
N ASN B 67 -68.73 17.14 10.19
CA ASN B 67 -69.85 16.89 11.09
C ASN B 67 -69.44 16.32 12.45
N ASP B 68 -68.19 15.87 12.57
CA ASP B 68 -67.68 15.41 13.86
C ASP B 68 -66.72 16.43 14.43
N PRO B 69 -66.88 16.77 15.72
CA PRO B 69 -65.94 17.66 16.39
C PRO B 69 -64.61 16.95 16.60
N GLN B 70 -64.68 15.69 17.02
CA GLN B 70 -63.49 14.91 17.30
C GLN B 70 -62.89 14.25 16.06
N SER B 71 -63.50 14.47 14.90
CA SER B 71 -63.00 13.86 13.68
C SER B 71 -61.76 14.57 13.19
N TYR B 72 -61.33 15.58 13.92
CA TYR B 72 -60.11 16.30 13.59
C TYR B 72 -59.47 16.92 14.81
N GLU B 73 -59.67 16.30 15.96
CA GLU B 73 -58.98 16.71 17.18
C GLU B 73 -57.48 16.43 17.04
N SER B 74 -57.15 15.39 16.29
CA SER B 74 -55.75 15.01 16.07
C SER B 74 -54.97 16.07 15.31
N TYR B 75 -55.58 16.61 14.27
CA TYR B 75 -54.98 17.67 13.47
C TYR B 75 -54.96 18.99 14.25
N VAL B 76 -55.82 19.07 15.26
CA VAL B 76 -55.92 20.27 16.08
C VAL B 76 -54.83 20.30 17.12
N VAL B 77 -54.65 19.16 17.80
CA VAL B 77 -53.64 19.03 18.83
C VAL B 77 -52.27 19.50 18.33
N SER B 78 -51.74 18.80 17.32
CA SER B 78 -50.40 19.08 16.82
C SER B 78 -50.25 20.52 16.29
N ILE B 79 -51.25 21.03 15.58
CA ILE B 79 -51.20 22.41 15.11
C ILE B 79 -51.18 23.35 16.30
N VAL B 80 -51.75 22.89 17.41
CA VAL B 80 -51.67 23.63 18.66
C VAL B 80 -50.23 23.69 19.14
N ARG B 81 -49.61 22.53 19.31
CA ARG B 81 -48.25 22.46 19.82
C ARG B 81 -47.28 23.38 19.08
N PHE B 82 -47.25 23.30 17.75
CA PHE B 82 -46.34 24.13 16.97
C PHE B 82 -46.51 25.60 17.24
N LEU B 83 -47.72 25.97 17.66
CA LEU B 83 -48.09 27.38 17.75
C LEU B 83 -47.96 27.95 19.17
N GLU B 84 -48.11 27.09 20.18
CA GLU B 84 -47.90 27.49 21.57
C GLU B 84 -46.52 28.07 21.79
N LYS B 85 -45.63 27.83 20.85
CA LYS B 85 -44.27 28.35 20.92
C LYS B 85 -44.25 29.84 20.55
N TYR B 86 -45.01 30.19 19.52
CA TYR B 86 -44.99 31.55 18.97
C TYR B 86 -45.80 32.53 19.82
N LYS B 87 -46.14 32.13 21.04
CA LYS B 87 -46.90 32.99 21.94
C LYS B 87 -46.28 34.37 22.08
N ASP B 88 -47.13 35.39 22.12
CA ASP B 88 -46.68 36.74 22.40
C ASP B 88 -46.25 36.84 23.86
N LEU B 89 -46.58 35.80 24.63
CA LEU B 89 -46.23 35.73 26.05
C LEU B 89 -44.87 35.09 26.24
N ALA B 90 -44.50 34.18 25.34
CA ALA B 90 -43.20 33.53 25.42
C ALA B 90 -42.09 34.55 25.18
N GLN B 91 -42.35 35.45 24.23
CA GLN B 91 -41.40 36.48 23.85
C GLN B 91 -41.96 37.83 24.23
N LYS B 92 -41.51 38.38 25.35
CA LYS B 92 -42.00 39.67 25.79
C LYS B 92 -40.88 40.69 25.86
N ASP B 93 -39.84 40.34 26.59
CA ASP B 93 -38.74 41.25 26.85
C ASP B 93 -37.73 41.18 25.71
N ASP B 94 -37.27 42.35 25.25
CA ASP B 94 -36.28 42.44 24.18
C ASP B 94 -35.17 41.42 24.41
N MET B 95 -35.05 40.97 25.65
CA MET B 95 -34.14 39.89 25.98
C MET B 95 -34.90 38.58 25.96
N ILE B 96 -34.58 37.74 24.98
CA ILE B 96 -33.58 38.09 23.97
C ILE B 96 -34.22 38.29 22.60
N PHE B 97 -35.32 39.03 22.57
CA PHE B 97 -36.04 39.26 21.33
C PHE B 97 -35.87 40.68 20.77
N GLU B 98 -36.25 40.83 19.50
CA GLU B 98 -36.16 42.12 18.82
C GLU B 98 -37.31 42.26 17.85
N ASP B 99 -38.12 43.28 18.05
CA ASP B 99 -39.26 43.54 17.18
C ASP B 99 -38.81 43.93 15.78
N CYS B 100 -38.46 42.93 14.98
CA CYS B 100 -38.00 43.17 13.62
C CYS B 100 -39.07 43.88 12.80
N GLY B 101 -38.71 44.26 11.57
CA GLY B 101 -39.63 44.94 10.69
C GLY B 101 -40.96 44.22 10.54
N ASN B 102 -42.04 44.94 10.81
CA ASN B 102 -43.38 44.36 10.72
C ASN B 102 -43.65 43.75 9.35
N VAL B 103 -42.73 43.97 8.41
CA VAL B 103 -42.87 43.44 7.07
C VAL B 103 -41.56 42.78 6.61
N PRO B 104 -41.51 42.45 5.32
CA PRO B 104 -40.32 41.80 4.74
C PRO B 104 -39.11 42.74 4.77
N SER B 105 -38.30 42.63 5.81
CA SER B 105 -37.11 43.46 5.94
C SER B 105 -35.89 42.78 5.33
N GLU B 106 -34.71 43.28 5.68
CA GLU B 106 -33.46 42.72 5.17
C GLU B 106 -32.72 41.94 6.25
N LEU B 107 -31.93 40.95 5.82
CA LEU B 107 -31.17 40.12 6.75
C LEU B 107 -30.01 40.91 7.37
N LYS B 108 -29.57 40.47 8.54
CA LYS B 108 -28.47 41.12 9.23
C LYS B 108 -27.69 40.09 10.03
N GLU B 109 -26.62 39.64 9.41
CA GLU B 109 -25.65 38.80 10.07
C GLU B 109 -25.34 39.39 11.44
N ARG B 110 -25.63 38.64 12.49
CA ARG B 110 -25.35 39.10 13.86
C ARG B 110 -23.96 38.64 14.31
N GLY B 111 -22.94 39.19 13.66
CA GLY B 111 -21.57 38.81 13.92
C GLY B 111 -21.20 37.53 13.19
N GLU B 112 -20.45 36.68 13.88
CA GLU B 112 -20.05 35.40 13.31
C GLU B 112 -20.55 34.28 14.20
N TYR B 113 -19.96 33.10 14.04
CA TYR B 113 -20.38 31.93 14.82
C TYR B 113 -19.52 31.74 16.07
N ASN B 114 -19.46 32.80 16.89
CA ASN B 114 -18.65 32.78 18.09
C ASN B 114 -19.48 32.96 19.35
N ASN B 115 -18.92 32.53 20.47
CA ASN B 115 -19.49 32.88 21.76
C ASN B 115 -18.71 34.06 22.33
N GLU B 116 -18.20 34.91 21.44
CA GLU B 116 -17.43 36.08 21.83
C GLU B 116 -18.34 37.22 22.28
N ARG B 117 -19.58 37.18 21.81
CA ARG B 117 -20.62 38.06 22.32
C ARG B 117 -21.68 37.23 23.01
N GLY B 118 -22.80 37.84 23.34
CA GLY B 118 -23.85 37.15 24.06
C GLY B 118 -24.67 36.18 23.23
N GLU B 119 -25.90 35.95 23.67
CA GLU B 119 -26.86 35.15 22.93
C GLU B 119 -27.40 35.93 21.75
N ARG B 120 -27.00 35.53 20.56
CA ARG B 120 -27.45 36.20 19.35
C ARG B 120 -28.94 36.55 19.40
N LYS B 121 -29.26 37.79 19.07
CA LYS B 121 -30.64 38.29 19.11
C LYS B 121 -31.57 37.50 18.20
N VAL B 122 -32.82 37.36 18.62
CA VAL B 122 -33.79 36.53 17.90
C VAL B 122 -35.02 37.30 17.48
N CYS B 123 -35.25 37.42 16.18
CA CYS B 123 -36.42 38.14 15.68
C CYS B 123 -37.73 37.50 16.10
N ARG B 124 -38.70 38.34 16.44
CA ARG B 124 -40.00 37.89 16.93
C ARG B 124 -40.90 37.45 15.79
N PHE B 125 -42.11 37.01 16.15
CA PHE B 125 -43.11 36.64 15.16
C PHE B 125 -44.46 36.44 15.82
N ARG B 126 -45.44 37.25 15.40
CA ARG B 126 -46.76 37.29 16.05
C ARG B 126 -47.74 36.30 15.49
N LEU B 127 -48.36 35.53 16.39
CA LEU B 127 -49.37 34.55 15.98
C LEU B 127 -50.43 35.25 15.16
N GLU B 128 -50.47 36.57 15.28
CA GLU B 128 -51.45 37.39 14.58
C GLU B 128 -51.16 37.47 13.09
N TRP B 129 -49.89 37.42 12.74
CA TRP B 129 -49.50 37.46 11.33
C TRP B 129 -50.24 36.40 10.51
N LEU B 130 -50.74 35.38 11.17
CA LEU B 130 -51.44 34.28 10.52
C LEU B 130 -52.95 34.41 10.67
N GLY B 131 -53.55 35.32 9.92
CA GLY B 131 -54.98 35.53 10.00
C GLY B 131 -55.78 34.25 9.93
N ASN B 132 -57.02 34.31 10.41
CA ASN B 132 -57.90 33.14 10.39
C ASN B 132 -57.18 31.81 10.66
N CYS B 133 -55.99 31.90 11.23
CA CYS B 133 -55.27 30.74 11.76
C CYS B 133 -53.95 31.10 12.41
N GLY B 142 -59.81 29.49 15.50
CA GLY B 142 -60.81 28.44 15.58
C GLY B 142 -60.34 27.16 16.25
N TYR B 143 -59.81 26.23 15.46
CA TYR B 143 -59.65 26.43 14.03
C TYR B 143 -60.91 26.07 13.28
N LYS B 144 -61.00 26.58 12.06
CA LYS B 144 -62.18 26.36 11.24
C LYS B 144 -62.30 24.90 10.85
N ASP B 145 -63.53 24.45 10.67
CA ASP B 145 -63.81 23.09 10.24
C ASP B 145 -64.02 23.05 8.74
N GLY B 146 -64.79 24.02 8.23
CA GLY B 146 -65.10 24.10 6.82
C GLY B 146 -63.83 23.82 6.06
N LYS B 147 -62.84 24.68 6.28
CA LYS B 147 -61.63 24.62 5.49
C LYS B 147 -60.38 24.75 6.33
N PRO B 148 -60.00 23.64 6.95
CA PRO B 148 -58.86 23.60 7.84
C PRO B 148 -57.71 24.38 7.28
N CYS B 149 -57.13 25.05 8.26
CA CYS B 149 -55.97 25.88 8.17
C CYS B 149 -54.75 25.01 8.18
N VAL B 150 -53.87 25.07 7.16
CA VAL B 150 -52.59 24.32 7.24
C VAL B 150 -51.33 25.15 7.03
N ILE B 151 -50.56 25.36 8.11
CA ILE B 151 -49.38 26.22 8.04
C ILE B 151 -48.13 25.46 7.62
N ILE B 152 -47.27 26.13 6.88
CA ILE B 152 -46.05 25.52 6.37
C ILE B 152 -44.83 26.08 7.08
N LYS B 153 -43.70 25.42 6.93
CA LYS B 153 -42.48 25.79 7.65
C LYS B 153 -41.23 25.49 6.81
N LEU B 154 -40.17 26.25 7.04
CA LEU B 154 -38.92 26.02 6.32
C LEU B 154 -37.87 25.41 7.25
N ASN B 155 -37.16 24.39 6.76
CA ASN B 155 -36.21 23.70 7.60
C ASN B 155 -34.96 24.50 7.96
N ARG B 156 -34.65 24.50 9.25
CA ARG B 156 -33.53 25.26 9.79
C ARG B 156 -32.19 24.86 9.16
N VAL B 157 -31.38 25.86 8.83
CA VAL B 157 -30.09 25.63 8.17
C VAL B 157 -29.03 26.65 8.58
N LEU B 158 -28.06 26.23 9.39
CA LEU B 158 -27.00 27.13 9.82
C LEU B 158 -26.35 27.82 8.63
N GLY B 159 -26.37 29.15 8.65
CA GLY B 159 -25.70 29.94 7.64
C GLY B 159 -26.47 30.05 6.34
N PHE B 160 -27.63 29.42 6.29
CA PHE B 160 -28.43 29.44 5.10
C PHE B 160 -28.90 30.85 4.77
N LYS B 161 -28.56 31.32 3.57
CA LYS B 161 -29.02 32.63 3.10
C LYS B 161 -29.96 32.48 1.89
N PRO B 162 -31.26 32.23 2.13
CA PRO B 162 -32.18 32.02 1.01
C PRO B 162 -32.13 33.20 0.07
N LYS B 163 -32.09 32.93 -1.23
CA LYS B 163 -32.01 34.00 -2.21
C LYS B 163 -33.12 33.85 -3.24
N PRO B 164 -34.24 34.55 -3.03
CA PRO B 164 -35.41 34.47 -3.90
C PRO B 164 -35.07 34.72 -5.36
N PRO B 165 -35.75 34.01 -6.26
CA PRO B 165 -35.46 34.00 -7.70
C PRO B 165 -35.39 35.42 -8.23
N LYS B 166 -34.58 35.66 -9.24
CA LYS B 166 -34.52 36.98 -9.87
C LYS B 166 -35.82 37.26 -10.63
N ASN B 167 -36.08 38.52 -10.95
CA ASN B 167 -37.28 38.89 -11.68
C ASN B 167 -37.35 38.26 -13.07
N GLU B 168 -36.32 37.49 -13.40
CA GLU B 168 -36.20 36.87 -14.71
C GLU B 168 -36.61 35.40 -14.72
N SER B 169 -36.84 34.84 -13.53
CA SER B 169 -37.26 33.45 -13.42
C SER B 169 -38.57 33.32 -12.65
N LEU B 170 -39.67 33.16 -13.40
CA LEU B 170 -41.00 33.15 -12.82
C LEU B 170 -42.05 32.81 -13.88
N GLU B 171 -42.88 31.81 -13.60
CA GLU B 171 -43.87 31.34 -14.57
C GLU B 171 -45.29 31.48 -14.04
N THR B 172 -46.26 30.87 -14.73
CA THR B 172 -47.66 30.99 -14.33
C THR B 172 -48.03 30.11 -13.14
N TYR B 173 -48.15 30.69 -11.94
CA TYR B 173 -47.87 32.11 -11.69
C TYR B 173 -47.67 32.36 -10.18
N PRO B 174 -46.41 32.49 -9.75
CA PRO B 174 -46.11 32.88 -8.37
C PRO B 174 -45.97 34.38 -8.22
N VAL B 175 -46.99 34.99 -7.62
CA VAL B 175 -47.06 36.44 -7.46
C VAL B 175 -47.45 36.76 -6.01
N MET B 176 -47.14 37.97 -5.52
CA MET B 176 -46.48 39.02 -6.30
C MET B 176 -44.98 38.81 -6.41
N LYS B 177 -44.30 39.78 -7.00
CA LYS B 177 -42.84 39.77 -7.11
C LYS B 177 -42.22 40.48 -5.92
N TYR B 178 -41.92 39.71 -4.88
CA TYR B 178 -41.32 40.26 -3.68
C TYR B 178 -39.81 40.10 -3.70
N ASN B 179 -39.20 40.31 -4.86
CA ASN B 179 -37.76 40.18 -5.01
C ASN B 179 -37.01 40.64 -3.77
N PRO B 180 -37.44 41.75 -3.20
CA PRO B 180 -36.81 42.30 -1.99
C PRO B 180 -36.27 41.20 -1.08
N TYR B 181 -37.06 40.83 -0.07
CA TYR B 181 -36.65 39.79 0.87
C TYR B 181 -37.85 38.93 1.28
N VAL B 182 -38.17 37.94 0.47
CA VAL B 182 -39.29 37.04 0.74
C VAL B 182 -39.26 35.82 -0.17
N LEU B 183 -39.42 34.64 0.42
CA LEU B 183 -39.42 33.40 -0.33
C LEU B 183 -40.84 32.99 -0.74
N PRO B 184 -41.17 33.19 -2.01
CA PRO B 184 -42.49 32.84 -2.53
C PRO B 184 -42.91 31.44 -2.10
N VAL B 185 -44.22 31.17 -2.14
CA VAL B 185 -44.75 29.87 -1.75
C VAL B 185 -46.11 29.61 -2.39
N HIS B 186 -46.10 28.98 -3.55
CA HIS B 186 -47.33 28.67 -4.26
C HIS B 186 -47.78 27.24 -3.98
N CYS B 187 -49.03 26.93 -4.33
CA CYS B 187 -49.59 25.60 -4.12
C CYS B 187 -50.47 25.19 -5.29
N THR B 188 -50.39 23.90 -5.65
CA THR B 188 -51.20 23.37 -6.75
C THR B 188 -51.36 21.86 -6.62
N GLY B 189 -51.85 21.24 -7.69
CA GLY B 189 -52.06 19.81 -7.70
C GLY B 189 -51.56 19.14 -8.97
N LYS B 195 -55.07 21.63 -14.74
CA LYS B 195 -55.57 20.30 -14.42
C LYS B 195 -55.95 20.18 -12.96
N GLU B 196 -57.11 19.60 -12.72
CA GLU B 196 -57.50 19.21 -11.37
C GLU B 196 -57.71 20.41 -10.45
N LYS B 197 -57.83 21.60 -11.03
CA LYS B 197 -58.03 22.80 -10.23
C LYS B 197 -59.36 22.76 -9.50
N VAL B 198 -59.38 22.12 -8.33
CA VAL B 198 -60.58 22.07 -7.51
C VAL B 198 -60.31 22.69 -6.14
N GLY B 199 -59.89 23.96 -6.15
CA GLY B 199 -59.50 24.69 -4.95
C GLY B 199 -59.49 26.21 -5.04
N THR B 200 -59.31 26.86 -3.89
CA THR B 200 -59.25 28.31 -3.81
C THR B 200 -58.26 28.76 -2.75
N MET B 201 -57.10 29.24 -3.19
CA MET B 201 -55.94 29.37 -2.30
C MET B 201 -55.81 30.73 -1.63
N GLU B 202 -55.61 30.71 -0.31
CA GLU B 202 -55.37 31.94 0.44
C GLU B 202 -54.17 31.84 1.38
N TYR B 203 -53.45 32.94 1.53
CA TYR B 203 -52.17 32.96 2.27
C TYR B 203 -52.09 34.11 3.28
N PHE B 204 -51.90 33.77 4.55
CA PHE B 204 -51.87 34.75 5.63
C PHE B 204 -50.44 35.01 6.09
N GLY B 205 -49.85 36.09 5.60
CA GLY B 205 -48.41 36.27 5.74
C GLY B 205 -47.86 37.39 6.61
N LEU B 206 -46.53 37.43 6.71
CA LEU B 206 -45.82 38.51 7.36
C LEU B 206 -45.74 39.62 6.32
N GLY B 207 -46.52 40.66 6.56
CA GLY B 207 -46.78 41.66 5.55
C GLY B 207 -48.01 41.23 4.78
N GLY B 208 -48.34 39.95 4.91
CA GLY B 208 -49.46 39.37 4.20
C GLY B 208 -49.00 38.62 2.98
N TYR B 209 -47.73 38.77 2.64
CA TYR B 209 -47.18 38.13 1.46
C TYR B 209 -47.12 36.64 1.62
N PRO B 210 -47.18 35.91 0.50
CA PRO B 210 -47.14 34.45 0.53
C PRO B 210 -45.69 33.97 0.46
N GLY B 211 -44.87 34.41 1.39
CA GLY B 211 -43.46 34.05 1.41
C GLY B 211 -42.75 34.31 2.72
N PHE B 212 -41.52 33.83 2.82
CA PHE B 212 -40.73 34.00 4.04
C PHE B 212 -39.90 35.28 4.02
N PRO B 213 -39.83 35.94 5.17
CA PRO B 213 -39.06 37.19 5.32
C PRO B 213 -37.57 36.93 5.47
N LEU B 214 -36.76 37.51 4.59
CA LEU B 214 -35.31 37.39 4.69
C LEU B 214 -34.78 38.24 5.83
N GLN B 215 -35.50 38.27 6.94
CA GLN B 215 -35.03 39.03 8.09
C GLN B 215 -34.75 38.07 9.23
N TYR B 216 -34.97 36.79 8.97
CA TYR B 216 -34.83 35.77 10.01
C TYR B 216 -33.61 34.90 9.78
N TYR B 217 -32.88 35.17 8.70
CA TYR B 217 -31.70 34.39 8.36
C TYR B 217 -30.45 35.25 8.39
N PRO B 218 -29.26 34.61 8.50
CA PRO B 218 -29.12 33.17 8.70
C PRO B 218 -29.38 32.78 10.14
N TYR B 219 -30.07 31.65 10.33
CA TYR B 219 -30.32 31.11 11.66
C TYR B 219 -29.00 30.64 12.28
N TYR B 220 -28.75 31.03 13.53
CA TYR B 220 -27.43 30.88 14.15
C TYR B 220 -27.25 29.68 15.09
N GLY B 221 -27.75 28.52 14.71
CA GLY B 221 -27.67 27.34 15.56
C GLY B 221 -28.70 27.41 16.67
N LYS B 222 -28.75 26.42 17.53
CA LYS B 222 -29.55 26.54 18.72
C LYS B 222 -28.62 26.99 19.83
N LEU B 223 -27.49 26.31 19.94
CA LEU B 223 -26.53 26.62 20.98
C LEU B 223 -26.14 28.10 20.98
N LEU B 224 -26.38 28.77 19.86
CA LEU B 224 -26.05 30.19 19.76
C LEU B 224 -27.26 31.11 19.81
N GLN B 225 -28.46 30.54 19.66
CA GLN B 225 -29.69 31.32 19.65
C GLN B 225 -30.86 30.56 20.25
N PRO B 226 -30.74 30.11 21.50
CA PRO B 226 -31.83 29.37 22.12
C PRO B 226 -33.09 30.20 22.03
N LYS B 227 -34.25 29.53 22.06
CA LYS B 227 -35.51 30.25 21.97
C LYS B 227 -35.73 30.91 20.61
N TYR B 228 -34.80 30.67 19.67
CA TYR B 228 -34.99 31.19 18.31
C TYR B 228 -36.33 30.75 17.76
N LEU B 229 -36.92 31.53 16.85
CA LEU B 229 -38.16 31.13 16.22
C LEU B 229 -38.16 31.41 14.72
N GLN B 230 -38.65 30.44 13.96
CA GLN B 230 -38.64 30.50 12.51
C GLN B 230 -39.99 30.96 11.96
N PRO B 231 -39.98 31.57 10.77
CA PRO B 231 -41.21 32.09 10.16
C PRO B 231 -42.30 31.04 10.00
N LEU B 232 -43.54 31.51 9.82
CA LEU B 232 -44.66 30.63 9.52
C LEU B 232 -45.40 31.16 8.29
N MET B 233 -46.27 30.33 7.71
CA MET B 233 -46.97 30.69 6.47
C MET B 233 -48.33 30.02 6.38
N ALA B 234 -49.31 30.57 7.09
CA ALA B 234 -50.66 30.01 7.05
C ALA B 234 -51.17 29.88 5.61
N VAL B 235 -51.75 28.72 5.29
CA VAL B 235 -52.35 28.51 3.98
C VAL B 235 -53.52 27.55 4.04
N GLN B 236 -54.73 28.09 4.07
CA GLN B 236 -55.92 27.26 4.07
C GLN B 236 -56.82 27.60 2.90
N PHE B 237 -57.49 26.57 2.39
CA PHE B 237 -58.39 26.69 1.24
C PHE B 237 -59.80 26.92 1.76
N THR B 238 -60.74 27.29 0.89
CA THR B 238 -62.15 27.36 1.27
C THR B 238 -63.04 26.48 0.38
N ASN B 239 -63.38 26.97 -0.80
CA ASN B 239 -64.24 26.22 -1.69
C ASN B 239 -63.51 24.98 -2.23
N LEU B 240 -63.77 23.84 -1.62
CA LEU B 240 -63.19 22.57 -2.07
C LEU B 240 -64.24 21.48 -2.09
N THR B 241 -63.97 20.45 -2.88
CA THR B 241 -64.79 19.27 -2.86
C THR B 241 -64.88 18.67 -1.45
N MET B 242 -65.89 17.83 -1.20
CA MET B 242 -66.08 17.19 0.11
C MET B 242 -66.44 15.70 -0.01
N ASP B 243 -66.32 15.16 -1.22
CA ASP B 243 -66.67 13.78 -1.51
C ASP B 243 -65.57 13.10 -2.30
N THR B 244 -64.40 13.73 -2.34
CA THR B 244 -63.25 13.14 -3.00
C THR B 244 -61.93 13.67 -2.44
N GLU B 245 -60.91 12.84 -2.53
CA GLU B 245 -59.57 13.22 -2.11
C GLU B 245 -58.96 14.12 -3.18
N ILE B 246 -58.30 15.19 -2.75
CA ILE B 246 -57.68 16.12 -3.66
C ILE B 246 -56.18 16.13 -3.47
N ARG B 247 -55.43 16.22 -4.56
CA ARG B 247 -53.98 16.17 -4.46
C ARG B 247 -53.37 17.53 -4.74
N ILE B 248 -52.97 18.22 -3.68
CA ILE B 248 -52.34 19.54 -3.80
C ILE B 248 -50.92 19.54 -3.25
N GLU B 249 -50.07 20.41 -3.82
CA GLU B 249 -48.63 20.43 -3.54
C GLU B 249 -48.09 21.84 -3.35
N CYS B 250 -47.74 22.20 -2.12
CA CYS B 250 -47.01 23.43 -1.89
C CYS B 250 -45.61 23.29 -2.45
N LYS B 251 -45.02 24.42 -2.84
CA LYS B 251 -43.67 24.42 -3.37
C LYS B 251 -42.99 25.75 -3.09
N ALA B 252 -41.75 25.68 -2.65
CA ALA B 252 -40.95 26.88 -2.43
C ALA B 252 -40.14 27.20 -3.69
N TYR B 253 -39.63 28.42 -3.80
CA TYR B 253 -38.89 28.84 -4.99
C TYR B 253 -37.69 29.72 -4.67
N GLY B 254 -36.57 29.41 -5.30
CA GLY B 254 -35.36 30.21 -5.13
C GLY B 254 -34.12 29.50 -5.64
N GLU B 255 -33.09 30.29 -5.92
CA GLU B 255 -31.79 29.75 -6.32
C GLU B 255 -31.34 28.72 -5.28
N ASN B 256 -31.44 29.08 -4.00
CA ASN B 256 -31.04 28.21 -2.91
C ASN B 256 -32.07 27.12 -2.57
N ILE B 257 -32.97 26.86 -3.53
CA ILE B 257 -34.04 25.91 -3.31
C ILE B 257 -34.09 24.85 -4.41
N GLY B 258 -33.98 23.58 -4.00
CA GLY B 258 -33.99 22.49 -4.95
C GLY B 258 -34.91 21.36 -4.52
N TYR B 259 -35.27 20.50 -5.47
CA TYR B 259 -36.14 19.36 -5.18
C TYR B 259 -35.58 18.09 -5.83
N SER B 260 -35.91 16.95 -5.24
CA SER B 260 -35.46 15.65 -5.75
C SER B 260 -36.64 14.75 -6.06
N GLU B 261 -36.40 13.70 -6.84
CA GLU B 261 -37.46 12.78 -7.15
C GLU B 261 -37.75 11.84 -5.98
N LYS B 262 -36.73 11.47 -5.22
CA LYS B 262 -36.94 10.50 -4.15
C LYS B 262 -37.55 11.13 -2.90
N ASP B 263 -37.04 12.30 -2.51
CA ASP B 263 -37.57 12.98 -1.34
C ASP B 263 -38.77 13.83 -1.72
N ARG B 264 -39.96 13.39 -1.33
CA ARG B 264 -41.18 14.12 -1.66
C ARG B 264 -41.39 15.23 -0.65
N PHE B 265 -40.30 15.74 -0.09
CA PHE B 265 -40.40 16.78 0.93
C PHE B 265 -39.36 17.87 0.73
N GLN B 266 -38.50 17.69 -0.26
CA GLN B 266 -37.47 18.68 -0.55
C GLN B 266 -38.08 19.98 -1.07
N GLY B 267 -38.26 20.93 -0.17
CA GLY B 267 -38.83 22.21 -0.52
C GLY B 267 -40.23 22.09 -1.10
N ARG B 268 -41.04 21.24 -0.49
CA ARG B 268 -42.41 21.05 -0.95
C ARG B 268 -43.10 19.97 -0.14
N PHE B 269 -44.44 20.04 -0.09
CA PHE B 269 -45.22 18.93 0.44
C PHE B 269 -46.08 18.35 -0.66
N ASP B 270 -46.99 17.49 -0.22
CA ASP B 270 -48.01 16.91 -1.06
C ASP B 270 -49.08 16.45 -0.07
N VAL B 271 -50.23 17.11 -0.06
CA VAL B 271 -51.26 16.75 0.91
C VAL B 271 -52.54 16.21 0.29
N LYS B 272 -53.04 15.13 0.87
CA LYS B 272 -54.27 14.48 0.41
C LYS B 272 -55.41 14.79 1.38
N ILE B 273 -56.01 15.96 1.19
CA ILE B 273 -57.09 16.39 2.06
C ILE B 273 -58.44 15.89 1.57
N GLU B 274 -59.31 15.60 2.51
CA GLU B 274 -60.65 15.18 2.19
C GLU B 274 -61.53 15.55 3.36
N VAL B 275 -62.49 16.42 3.10
CA VAL B 275 -63.40 16.88 4.15
C VAL B 275 -64.73 16.18 3.94
N LYS B 276 -64.73 14.89 4.28
CA LYS B 276 -65.84 14.01 3.98
C LYS B 276 -66.97 14.19 4.98
N SER B 277 -68.18 14.38 4.47
CA SER B 277 -69.37 14.46 5.29
C SER B 277 -70.56 14.87 4.45
N ASP C 1 -20.59 29.61 -0.62
CA ASP C 1 -21.47 28.48 -0.36
C ASP C 1 -20.69 27.31 0.21
N PRO C 2 -20.22 27.43 1.45
CA PRO C 2 -19.48 26.33 2.07
C PRO C 2 -20.38 25.12 2.32
N PHE C 3 -21.56 25.11 1.72
CA PHE C 3 -22.43 23.94 1.77
C PHE C 3 -22.40 23.21 0.44
N TYR C 4 -21.28 22.53 0.20
CA TYR C 4 -21.07 21.84 -1.06
C TYR C 4 -19.91 20.88 -0.90
N TYR C 5 -20.04 19.70 -1.49
CA TYR C 5 -18.91 18.79 -1.54
C TYR C 5 -18.58 18.47 -2.99
N ASP C 6 -17.31 18.17 -3.23
CA ASP C 6 -16.87 17.67 -4.51
C ASP C 6 -16.92 16.15 -4.47
N TYR C 7 -18.10 15.64 -4.12
CA TYR C 7 -18.38 14.21 -4.19
C TYR C 7 -18.08 13.68 -5.59
N GLU C 8 -18.44 14.44 -6.62
CA GLU C 8 -18.26 13.96 -7.99
C GLU C 8 -16.80 13.58 -8.30
N THR C 9 -15.87 14.17 -7.54
CA THR C 9 -14.46 13.94 -7.79
C THR C 9 -13.83 12.87 -6.90
N VAL C 10 -14.44 12.59 -5.76
CA VAL C 10 -13.98 11.47 -4.94
C VAL C 10 -14.59 10.18 -5.47
N ARG C 11 -15.79 10.26 -6.02
CA ARG C 11 -16.36 9.10 -6.71
C ARG C 11 -15.48 8.76 -7.91
N ASN C 12 -15.15 9.77 -8.69
CA ASN C 12 -14.24 9.61 -9.83
C ASN C 12 -12.82 9.27 -9.37
N GLY C 13 -12.54 9.45 -8.08
CA GLY C 13 -11.20 9.30 -7.54
C GLY C 13 -11.02 8.01 -6.74
N GLY C 14 -12.12 7.48 -6.24
CA GLY C 14 -12.10 6.17 -5.62
C GLY C 14 -12.21 5.12 -6.71
N LEU C 15 -13.16 5.30 -7.63
CA LEU C 15 -13.34 4.35 -8.72
C LEU C 15 -12.08 4.17 -9.56
N ILE C 16 -11.09 5.02 -9.33
CA ILE C 16 -9.83 4.94 -10.06
C ILE C 16 -8.78 4.14 -9.29
N PHE C 17 -8.98 3.98 -7.99
CA PHE C 17 -8.03 3.27 -7.13
C PHE C 17 -8.52 1.90 -6.67
N ALA C 18 -9.81 1.64 -6.84
CA ALA C 18 -10.36 0.33 -6.56
C ALA C 18 -10.27 -0.47 -7.85
N ALA C 19 -10.00 0.23 -8.93
CA ALA C 19 -9.77 -0.41 -10.22
C ALA C 19 -8.26 -0.57 -10.42
N LEU C 20 -7.47 -0.13 -9.45
CA LEU C 20 -6.02 -0.31 -9.52
C LEU C 20 -5.55 -1.48 -8.68
N ALA C 21 -6.16 -1.66 -7.52
CA ALA C 21 -5.90 -2.85 -6.72
C ALA C 21 -6.52 -4.09 -7.37
N PHE C 22 -7.64 -3.90 -8.05
CA PHE C 22 -8.34 -4.95 -8.80
C PHE C 22 -7.40 -5.56 -9.85
N ILE C 23 -6.44 -4.75 -10.30
CA ILE C 23 -5.48 -5.15 -11.33
C ILE C 23 -4.09 -5.40 -10.76
N VAL C 24 -3.79 -4.81 -9.62
CA VAL C 24 -2.54 -5.14 -8.92
C VAL C 24 -2.62 -6.56 -8.42
N GLY C 25 -3.77 -6.93 -7.88
CA GLY C 25 -3.99 -8.26 -7.37
C GLY C 25 -4.07 -9.28 -8.49
N LEU C 26 -4.43 -8.82 -9.69
CA LEU C 26 -4.41 -9.69 -10.85
C LEU C 26 -2.97 -9.87 -11.34
N ILE C 27 -2.06 -9.03 -10.84
CA ILE C 27 -0.65 -9.11 -11.21
C ILE C 27 0.06 -10.10 -10.31
N ILE C 28 -0.47 -10.28 -9.11
CA ILE C 28 0.18 -11.13 -8.12
C ILE C 28 -0.42 -12.55 -8.11
N ILE C 29 -1.69 -12.68 -8.48
CA ILE C 29 -2.27 -14.00 -8.66
C ILE C 29 -1.75 -14.64 -9.95
N LEU C 30 -1.79 -13.90 -11.05
CA LEU C 30 -1.36 -14.45 -12.34
C LEU C 30 0.16 -14.32 -12.56
N SER C 31 0.94 -14.53 -11.50
CA SER C 31 2.39 -14.55 -11.61
C SER C 31 2.94 -15.96 -11.51
N MET D 1 30.03 62.44 -2.94
CA MET D 1 29.61 61.55 -4.00
C MET D 1 28.13 61.76 -4.33
N ASP D 2 27.32 60.75 -4.09
CA ASP D 2 25.88 60.81 -4.34
C ASP D 2 25.23 61.86 -3.45
N GLU D 3 25.84 62.14 -2.30
CA GLU D 3 25.29 63.09 -1.35
C GLU D 3 25.00 64.42 -2.04
N LEU D 4 25.75 64.72 -3.08
CA LEU D 4 25.52 65.94 -3.85
C LEU D 4 24.20 65.85 -4.60
N LYS D 5 23.75 64.62 -4.84
CA LYS D 5 22.55 64.36 -5.61
C LYS D 5 21.32 64.22 -4.73
N LYS D 6 21.52 64.31 -3.42
CA LYS D 6 20.42 64.18 -2.48
C LYS D 6 19.81 65.52 -2.19
N GLU D 7 20.27 66.50 -2.93
CA GLU D 7 19.82 67.84 -2.67
C GLU D 7 19.30 68.54 -3.93
N VAL D 8 18.35 69.43 -3.70
CA VAL D 8 17.71 70.16 -4.78
C VAL D 8 18.77 70.76 -5.72
N SER D 9 18.36 71.03 -6.96
CA SER D 9 19.28 71.55 -7.96
C SER D 9 19.18 73.05 -8.03
N MET D 10 20.05 73.65 -8.85
CA MET D 10 19.94 75.08 -9.13
C MET D 10 19.83 75.33 -10.61
N ASP D 11 19.44 76.56 -10.96
CA ASP D 11 19.23 76.96 -12.34
C ASP D 11 19.32 78.48 -12.47
N ASP D 12 18.99 78.98 -13.66
CA ASP D 12 19.21 80.37 -14.01
C ASP D 12 18.13 80.88 -14.96
N HIS D 13 17.01 80.18 -14.94
CA HIS D 13 15.83 80.59 -15.67
C HIS D 13 15.47 82.03 -15.33
N LYS D 14 16.04 82.58 -14.25
CA LYS D 14 15.73 83.95 -13.82
C LYS D 14 16.51 85.02 -14.58
N LEU D 15 17.11 84.63 -15.71
CA LEU D 15 17.85 85.57 -16.53
C LEU D 15 16.98 86.12 -17.66
N SER D 16 17.29 87.35 -18.10
CA SER D 16 16.63 87.91 -19.28
C SER D 16 17.01 87.07 -20.48
N LEU D 17 16.13 86.99 -21.46
CA LEU D 17 16.44 86.25 -22.68
C LEU D 17 17.86 86.57 -23.12
N ASP D 18 18.22 87.84 -22.95
CA ASP D 18 19.54 88.35 -23.30
C ASP D 18 20.70 87.65 -22.58
N GLU D 19 20.74 87.76 -21.27
CA GLU D 19 21.90 87.25 -20.53
C GLU D 19 22.17 85.80 -20.84
N LEU D 20 21.11 85.00 -20.86
CA LEU D 20 21.17 83.57 -21.15
C LEU D 20 22.03 83.33 -22.39
N HIS D 21 22.20 84.43 -23.11
CA HIS D 21 22.43 84.56 -24.52
C HIS D 21 23.84 85.10 -24.61
N ARG D 22 24.11 86.05 -23.72
CA ARG D 22 25.43 86.54 -23.50
C ARG D 22 26.22 85.57 -22.63
N LYS D 23 25.53 84.66 -21.95
CA LYS D 23 26.24 83.63 -21.19
C LYS D 23 26.69 82.47 -22.07
N TYR D 24 25.88 82.16 -23.07
CA TYR D 24 26.16 81.04 -23.96
C TYR D 24 26.66 81.51 -25.32
N GLY D 25 26.93 82.81 -25.41
CA GLY D 25 27.42 83.40 -26.64
C GLY D 25 26.77 82.75 -27.84
N THR D 26 25.46 82.79 -27.89
CA THR D 26 24.73 82.19 -28.99
C THR D 26 23.67 83.15 -29.50
N ASP D 27 23.03 82.79 -30.60
CA ASP D 27 22.04 83.64 -31.24
C ASP D 27 20.63 83.11 -31.00
N LEU D 28 19.68 84.02 -30.82
CA LEU D 28 18.33 83.64 -30.48
C LEU D 28 17.47 83.36 -31.71
N SER D 29 17.81 83.97 -32.84
CA SER D 29 17.06 83.73 -34.06
C SER D 29 17.89 82.95 -35.06
N ARG D 30 19.20 82.94 -34.84
CA ARG D 30 20.16 82.25 -35.71
C ARG D 30 20.66 80.95 -35.10
N GLY D 31 21.00 80.98 -33.82
CA GLY D 31 21.66 79.86 -33.18
C GLY D 31 23.13 79.88 -33.56
N LEU D 32 23.99 79.35 -32.69
CA LEU D 32 25.43 79.42 -32.90
C LEU D 32 25.89 78.80 -34.23
N THR D 33 27.19 78.90 -34.48
CA THR D 33 27.78 78.49 -35.73
C THR D 33 28.11 77.01 -35.70
N PRO D 34 27.85 76.30 -36.82
CA PRO D 34 28.24 74.89 -36.94
C PRO D 34 29.66 74.67 -36.47
N ALA D 35 30.48 75.71 -36.61
CA ALA D 35 31.85 75.69 -36.12
C ALA D 35 31.87 75.78 -34.59
N ARG D 36 31.15 76.76 -34.06
CA ARG D 36 30.98 76.89 -32.62
C ARG D 36 30.22 75.70 -32.06
N ALA D 37 29.66 74.91 -32.97
CA ALA D 37 28.83 73.76 -32.61
C ALA D 37 29.67 72.52 -32.35
N ALA D 38 30.35 72.05 -33.40
CA ALA D 38 31.23 70.90 -33.26
C ALA D 38 32.24 71.16 -32.15
N GLU D 39 32.63 72.42 -32.01
CA GLU D 39 33.58 72.84 -30.98
C GLU D 39 33.07 72.54 -29.57
N ILE D 40 32.00 73.24 -29.17
CA ILE D 40 31.43 73.05 -27.85
C ILE D 40 31.02 71.58 -27.64
N LEU D 41 31.16 70.80 -28.70
CA LEU D 41 30.87 69.37 -28.66
C LEU D 41 32.03 68.62 -28.03
N ALA D 42 33.19 68.74 -28.66
CA ALA D 42 34.38 68.06 -28.16
C ALA D 42 34.82 68.60 -26.81
N ARG D 43 34.24 69.72 -26.38
CA ARG D 43 34.57 70.30 -25.08
C ARG D 43 34.07 69.42 -23.95
N ASP D 44 32.78 69.15 -23.95
CA ASP D 44 32.15 68.37 -22.88
C ASP D 44 32.01 66.89 -23.26
N GLY D 45 31.21 66.64 -24.29
CA GLY D 45 30.94 65.28 -24.74
C GLY D 45 29.68 65.25 -25.60
N PRO D 46 29.15 64.05 -25.86
CA PRO D 46 27.87 63.93 -26.58
C PRO D 46 26.69 64.04 -25.64
N ASN D 47 25.51 64.31 -26.20
CA ASN D 47 24.30 64.43 -25.39
C ASN D 47 23.61 63.09 -25.21
N ALA D 48 24.08 62.33 -24.22
CA ALA D 48 23.43 61.08 -23.84
C ALA D 48 23.97 60.60 -22.50
N LEU D 49 23.24 59.68 -21.89
CA LEU D 49 23.65 59.12 -20.62
C LEU D 49 24.78 58.12 -20.82
N THR D 50 25.89 58.33 -20.11
CA THR D 50 27.06 57.48 -20.21
C THR D 50 26.71 55.98 -20.20
N PRO D 51 27.45 55.21 -21.00
CA PRO D 51 27.22 53.76 -21.09
C PRO D 51 26.94 53.14 -19.72
N PRO D 52 25.72 52.64 -19.52
CA PRO D 52 25.34 52.02 -18.24
C PRO D 52 26.27 50.88 -17.87
N PRO D 53 26.87 50.96 -16.69
CA PRO D 53 27.79 49.93 -16.21
C PRO D 53 27.08 48.59 -16.01
N THR D 54 26.51 48.04 -17.07
CA THR D 54 25.79 46.78 -16.99
C THR D 54 26.37 45.75 -17.98
N THR D 55 27.69 45.56 -17.91
CA THR D 55 28.36 44.62 -18.79
C THR D 55 28.97 43.47 -18.01
N PRO D 56 28.13 42.54 -17.57
CA PRO D 56 28.59 41.37 -16.80
C PRO D 56 29.38 40.39 -17.67
N GLU D 57 29.85 39.32 -17.06
CA GLU D 57 30.60 38.31 -17.79
C GLU D 57 30.49 36.94 -17.12
N TRP D 58 31.05 35.92 -17.77
CA TRP D 58 31.00 34.57 -17.23
C TRP D 58 31.38 34.53 -15.76
N VAL D 59 32.41 35.30 -15.40
CA VAL D 59 32.87 35.36 -14.02
C VAL D 59 31.70 35.53 -13.05
N LYS D 60 30.54 35.89 -13.60
CA LYS D 60 29.34 36.07 -12.79
C LYS D 60 29.06 34.85 -11.92
N PHE D 61 29.38 33.67 -12.46
CA PHE D 61 29.16 32.42 -11.74
C PHE D 61 29.63 32.53 -10.29
N CYS D 62 30.69 33.30 -10.07
CA CYS D 62 31.23 33.50 -8.73
C CYS D 62 30.19 34.10 -7.80
N ARG D 63 29.45 35.08 -8.31
CA ARG D 63 28.42 35.74 -7.52
C ARG D 63 27.48 34.73 -6.87
N GLN D 64 27.50 33.50 -7.38
CA GLN D 64 26.66 32.45 -6.84
C GLN D 64 27.35 31.70 -5.70
N LEU D 65 28.63 32.01 -5.50
CA LEU D 65 29.41 31.38 -4.45
C LEU D 65 29.64 32.36 -3.32
N PHE D 66 28.91 33.47 -3.36
CA PHE D 66 28.97 34.48 -2.32
C PHE D 66 28.03 34.11 -1.19
N GLY D 67 26.95 33.43 -1.55
CA GLY D 67 25.94 33.05 -0.59
C GLY D 67 26.55 32.28 0.56
N GLY D 68 26.35 32.77 1.78
CA GLY D 68 26.90 32.11 2.95
C GLY D 68 26.81 30.61 2.80
N PHE D 69 25.65 30.12 2.41
CA PHE D 69 25.42 28.69 2.23
C PHE D 69 26.39 28.05 1.26
N SER D 70 26.50 28.64 0.08
CA SER D 70 27.46 28.19 -0.91
C SER D 70 28.87 28.11 -0.32
N MET D 71 29.14 28.97 0.64
CA MET D 71 30.45 28.99 1.29
C MET D 71 30.68 27.70 2.06
N LEU D 72 29.75 27.34 2.94
CA LEU D 72 29.88 26.08 3.68
C LEU D 72 30.22 24.98 2.71
N LEU D 73 29.33 24.74 1.75
CA LEU D 73 29.56 23.72 0.74
C LEU D 73 31.00 23.73 0.23
N TRP D 74 31.53 24.93 0.02
CA TRP D 74 32.91 25.05 -0.42
C TRP D 74 33.89 24.81 0.74
N ILE D 75 33.66 25.47 1.87
CA ILE D 75 34.54 25.32 3.03
C ILE D 75 34.54 23.89 3.54
N GLY D 76 33.42 23.22 3.34
CA GLY D 76 33.29 21.84 3.76
C GLY D 76 33.91 20.90 2.76
N ALA D 77 33.40 20.91 1.53
CA ALA D 77 33.92 20.04 0.49
C ALA D 77 35.42 20.24 0.25
N ILE D 78 35.96 21.35 0.76
CA ILE D 78 37.40 21.57 0.74
C ILE D 78 38.01 21.02 2.01
N LEU D 79 37.32 21.25 3.13
CA LEU D 79 37.75 20.77 4.43
C LEU D 79 37.63 19.26 4.51
N CYS D 80 36.68 18.70 3.77
CA CYS D 80 36.53 17.26 3.67
C CYS D 80 37.30 16.78 2.45
N PHE D 81 37.93 17.72 1.76
CA PHE D 81 38.75 17.42 0.60
C PHE D 81 40.20 17.28 1.04
N LEU D 82 40.40 17.42 2.34
CA LEU D 82 41.71 17.39 2.94
C LEU D 82 41.87 16.17 3.82
N ALA D 83 40.77 15.66 4.33
CA ALA D 83 40.79 14.47 5.19
C ALA D 83 41.43 13.28 4.47
N TYR D 84 41.14 13.16 3.17
CA TYR D 84 41.68 12.08 2.36
C TYR D 84 43.18 12.18 2.30
N GLY D 85 43.68 13.40 2.12
CA GLY D 85 45.11 13.63 2.00
C GLY D 85 45.83 13.46 3.32
N ILE D 86 45.15 13.76 4.42
CA ILE D 86 45.74 13.61 5.74
C ILE D 86 46.01 12.14 6.02
N GLN D 87 45.00 11.32 5.82
CA GLN D 87 45.22 9.89 5.99
C GLN D 87 46.12 9.33 4.88
N ALA D 88 45.82 9.67 3.62
CA ALA D 88 46.54 9.10 2.48
C ALA D 88 48.04 9.03 2.64
N ALA D 89 48.62 10.06 3.25
CA ALA D 89 50.04 10.08 3.50
C ALA D 89 50.43 8.83 4.26
N THR D 90 49.44 8.22 4.93
CA THR D 90 49.64 7.03 5.75
C THR D 90 49.19 5.73 5.06
N GLU D 91 47.86 5.52 4.99
CA GLU D 91 47.27 4.36 4.33
C GLU D 91 45.99 4.72 3.55
N GLU D 92 45.93 4.28 2.29
CA GLU D 92 44.78 4.58 1.44
C GLU D 92 43.62 3.66 1.75
N GLU D 93 42.86 3.97 2.78
CA GLU D 93 41.70 3.17 3.13
C GLU D 93 40.41 3.81 2.65
N PRO D 94 40.03 4.93 3.28
CA PRO D 94 38.80 5.65 2.98
C PRO D 94 39.06 6.63 1.87
N GLN D 95 38.93 6.12 0.66
CA GLN D 95 39.26 6.86 -0.54
C GLN D 95 37.99 7.27 -1.28
N ASN D 96 36.93 6.50 -1.04
CA ASN D 96 35.65 6.80 -1.62
C ASN D 96 34.80 7.59 -0.63
N ASP D 97 35.18 7.52 0.63
CA ASP D 97 34.44 8.22 1.65
C ASP D 97 34.75 9.71 1.61
N ASN D 98 35.95 10.08 2.04
CA ASN D 98 36.33 11.48 2.09
C ASN D 98 36.50 12.07 0.70
N LEU D 99 37.37 11.44 -0.09
CA LEU D 99 37.65 11.90 -1.44
C LEU D 99 36.35 12.11 -2.21
N TYR D 100 35.52 11.08 -2.28
CA TYR D 100 34.26 11.21 -3.00
C TYR D 100 33.43 12.35 -2.45
N LEU D 101 33.17 12.29 -1.15
CA LEU D 101 32.29 13.26 -0.52
C LEU D 101 32.63 14.70 -0.93
N GLY D 102 33.92 15.00 -0.95
CA GLY D 102 34.39 16.31 -1.39
C GLY D 102 33.94 16.65 -2.79
N VAL D 103 34.24 15.76 -3.73
CA VAL D 103 33.83 15.95 -5.11
C VAL D 103 32.33 16.15 -5.21
N VAL D 104 31.58 15.34 -4.48
CA VAL D 104 30.13 15.45 -4.49
C VAL D 104 29.69 16.86 -4.14
N LEU D 105 30.05 17.30 -2.95
CA LEU D 105 29.68 18.64 -2.50
C LEU D 105 30.19 19.64 -3.52
N SER D 106 31.36 19.35 -4.06
CA SER D 106 31.98 20.21 -5.07
C SER D 106 31.04 20.46 -6.25
N ALA D 107 30.67 19.39 -6.94
CA ALA D 107 29.80 19.49 -8.11
C ALA D 107 28.46 20.08 -7.70
N VAL D 108 27.99 19.73 -6.52
CA VAL D 108 26.75 20.32 -5.99
C VAL D 108 26.79 21.83 -6.14
N VAL D 109 27.80 22.45 -5.54
CA VAL D 109 27.97 23.89 -5.65
C VAL D 109 27.77 24.27 -7.09
N ILE D 110 28.41 23.52 -7.98
CA ILE D 110 28.44 23.86 -9.40
C ILE D 110 27.07 23.88 -10.06
N ILE D 111 26.25 22.87 -9.85
CA ILE D 111 24.92 22.89 -10.41
C ILE D 111 24.02 23.89 -9.72
N THR D 112 24.05 23.89 -8.39
CA THR D 112 23.20 24.81 -7.65
C THR D 112 23.40 26.17 -8.26
N GLY D 113 24.63 26.44 -8.66
CA GLY D 113 24.95 27.67 -9.35
C GLY D 113 24.12 27.82 -10.61
N CYS D 114 24.10 26.78 -11.43
CA CYS D 114 23.40 26.82 -12.71
C CYS D 114 21.95 27.27 -12.57
N PHE D 115 21.25 26.72 -11.60
CA PHE D 115 19.89 27.13 -11.37
C PHE D 115 19.81 28.57 -10.91
N SER D 116 20.95 29.11 -10.50
CA SER D 116 21.02 30.51 -10.09
C SER D 116 21.51 31.38 -11.22
N TYR D 117 22.30 30.80 -12.12
CA TYR D 117 22.80 31.55 -13.26
C TYR D 117 21.84 31.49 -14.43
N TYR D 118 21.10 30.41 -14.57
CA TYR D 118 20.17 30.30 -15.67
C TYR D 118 18.97 31.20 -15.39
N GLN D 119 18.81 31.60 -14.13
CA GLN D 119 17.72 32.49 -13.75
C GLN D 119 17.92 33.90 -14.28
N GLU D 120 18.98 34.56 -13.83
CA GLU D 120 19.26 35.92 -14.26
C GLU D 120 19.78 35.98 -15.69
N ALA D 121 19.60 34.90 -16.43
CA ALA D 121 19.92 34.90 -17.85
C ALA D 121 18.63 34.89 -18.65
N LYS D 122 17.74 33.97 -18.31
CA LYS D 122 16.49 33.82 -19.01
C LYS D 122 15.59 35.01 -18.76
N SER D 123 15.71 35.59 -17.57
CA SER D 123 14.92 36.76 -17.21
C SER D 123 15.30 37.91 -18.12
N SER D 124 16.60 38.12 -18.27
CA SER D 124 17.11 39.24 -19.05
C SER D 124 16.57 39.22 -20.46
N LYS D 125 16.86 38.15 -21.19
CA LYS D 125 16.44 38.03 -22.58
C LYS D 125 14.93 38.03 -22.72
N ILE D 126 14.24 37.63 -21.67
CA ILE D 126 12.79 37.72 -21.66
C ILE D 126 12.35 39.16 -21.40
N MET D 127 13.27 39.97 -20.92
CA MET D 127 13.01 41.38 -20.66
C MET D 127 13.65 42.28 -21.69
N GLU D 128 14.53 41.72 -22.51
CA GLU D 128 15.22 42.49 -23.52
C GLU D 128 14.39 42.67 -24.78
N SER D 129 13.47 41.75 -25.02
CA SER D 129 12.60 41.81 -26.19
C SER D 129 11.72 43.04 -26.11
N PHE D 130 11.72 43.69 -24.94
CA PHE D 130 11.04 44.96 -24.77
C PHE D 130 12.02 46.07 -25.18
N LYS D 131 13.13 46.18 -24.42
CA LYS D 131 14.20 47.21 -24.63
C LYS D 131 15.08 47.15 -25.91
N ASN D 132 14.54 47.56 -27.05
CA ASN D 132 15.33 47.59 -28.28
C ASN D 132 14.95 48.78 -29.14
N MET D 133 14.55 49.86 -28.48
CA MET D 133 14.03 51.01 -29.17
C MET D 133 15.16 51.92 -29.58
N VAL D 134 14.81 53.18 -29.83
CA VAL D 134 15.64 53.95 -30.73
C VAL D 134 15.39 55.45 -30.67
N PRO D 135 16.36 56.18 -30.09
CA PRO D 135 16.32 57.63 -30.01
C PRO D 135 15.98 58.25 -31.36
N GLN D 136 15.42 59.46 -31.33
CA GLN D 136 15.02 60.14 -32.55
C GLN D 136 15.98 61.29 -32.84
N GLN D 137 15.60 62.13 -33.79
CA GLN D 137 16.39 63.30 -34.15
C GLN D 137 15.75 64.58 -33.63
N ALA D 138 16.58 65.56 -33.29
CA ALA D 138 16.10 66.83 -32.77
C ALA D 138 16.16 67.92 -33.83
N LEU D 139 15.44 69.01 -33.61
CA LEU D 139 15.40 70.10 -34.59
C LEU D 139 16.05 71.36 -34.03
N VAL D 140 17.24 71.68 -34.53
CA VAL D 140 18.01 72.81 -34.02
C VAL D 140 18.17 73.91 -35.06
N ILE D 141 18.48 75.11 -34.60
CA ILE D 141 18.67 76.26 -35.47
C ILE D 141 20.11 76.74 -35.41
N ARG D 142 20.89 76.43 -36.45
CA ARG D 142 22.27 76.86 -36.51
C ARG D 142 22.53 77.67 -37.77
N ASN D 143 22.87 78.94 -37.59
CA ASN D 143 23.06 79.86 -38.70
C ASN D 143 21.73 80.29 -39.34
N GLY D 144 20.67 80.28 -38.52
CA GLY D 144 19.36 80.72 -38.97
C GLY D 144 18.61 79.61 -39.70
N GLU D 145 19.34 78.55 -40.01
CA GLU D 145 18.80 77.40 -40.69
C GLU D 145 18.37 76.37 -39.66
N LYS D 146 17.18 75.83 -39.83
CA LYS D 146 16.73 74.75 -38.95
C LYS D 146 17.04 73.40 -39.58
N MET D 147 17.58 72.50 -38.78
CA MET D 147 17.93 71.16 -39.25
C MET D 147 17.68 70.11 -38.19
N SER D 148 17.75 68.84 -38.59
CA SER D 148 17.57 67.72 -37.67
C SER D 148 18.86 66.91 -37.58
N ILE D 149 19.19 66.49 -36.36
CA ILE D 149 20.46 65.82 -36.12
C ILE D 149 20.33 64.71 -35.08
N ASN D 150 21.40 63.92 -34.95
CA ASN D 150 21.51 62.98 -33.85
C ASN D 150 21.39 63.74 -32.54
N ALA D 151 20.53 63.24 -31.65
CA ALA D 151 20.32 63.90 -30.37
C ALA D 151 21.61 64.06 -29.56
N GLU D 152 22.62 63.25 -29.88
CA GLU D 152 23.90 63.31 -29.17
C GLU D 152 24.71 64.54 -29.56
N GLU D 153 24.32 65.19 -30.64
CA GLU D 153 25.10 66.30 -31.19
C GLU D 153 24.64 67.65 -30.65
N VAL D 154 23.56 67.64 -29.88
CA VAL D 154 23.03 68.84 -29.25
C VAL D 154 23.97 69.34 -28.16
N VAL D 155 24.40 70.59 -28.28
CA VAL D 155 25.34 71.14 -27.33
C VAL D 155 24.71 72.23 -26.47
N VAL D 156 25.40 72.60 -25.40
CA VAL D 156 24.92 73.63 -24.51
C VAL D 156 25.03 75.02 -25.12
N GLY D 157 24.00 75.43 -25.86
CA GLY D 157 23.97 76.77 -26.42
C GLY D 157 23.14 76.93 -27.68
N ASP D 158 22.82 75.83 -28.34
CA ASP D 158 22.09 75.92 -29.61
C ASP D 158 20.58 76.05 -29.45
N LEU D 159 19.94 76.55 -30.51
CA LEU D 159 18.49 76.73 -30.50
C LEU D 159 17.82 75.41 -30.85
N VAL D 160 16.77 75.06 -30.11
CA VAL D 160 16.03 73.83 -30.34
C VAL D 160 14.55 74.09 -30.52
N GLU D 161 13.98 73.55 -31.59
CA GLU D 161 12.56 73.74 -31.87
C GLU D 161 11.77 72.45 -31.64
N VAL D 162 10.89 72.46 -30.64
CA VAL D 162 10.07 71.28 -30.35
C VAL D 162 8.62 71.49 -30.78
N LYS D 163 7.93 70.38 -31.07
CA LYS D 163 6.55 70.40 -31.55
C LYS D 163 5.74 69.34 -30.82
N GLY D 164 4.46 69.22 -31.18
CA GLY D 164 3.57 68.26 -30.55
C GLY D 164 3.77 66.86 -31.09
N GLY D 165 4.46 66.03 -30.31
CA GLY D 165 4.68 64.66 -30.72
C GLY D 165 6.04 64.16 -30.30
N ASP D 166 7.08 64.95 -30.57
CA ASP D 166 8.43 64.54 -30.20
C ASP D 166 8.68 64.76 -28.72
N ARG D 167 9.92 64.60 -28.30
CA ARG D 167 10.30 64.70 -26.90
C ARG D 167 11.43 65.71 -26.76
N ILE D 168 11.73 66.05 -25.52
CA ILE D 168 12.76 67.04 -25.23
C ILE D 168 14.17 66.45 -25.35
N PRO D 169 14.91 66.85 -26.39
CA PRO D 169 16.27 66.38 -26.68
C PRO D 169 17.24 66.63 -25.53
N ALA D 170 17.07 67.74 -24.83
CA ALA D 170 17.96 68.10 -23.73
C ALA D 170 17.29 69.13 -22.86
N ASP D 171 17.97 69.59 -21.81
CA ASP D 171 17.38 70.59 -20.93
C ASP D 171 17.37 72.00 -21.55
N LEU D 172 16.17 72.58 -21.59
CA LEU D 172 15.91 73.79 -22.37
C LEU D 172 15.47 74.97 -21.52
N ARG D 173 15.72 76.17 -22.03
CA ARG D 173 15.23 77.41 -21.45
C ARG D 173 14.42 78.11 -22.53
N ILE D 174 13.11 77.88 -22.52
CA ILE D 174 12.22 78.43 -23.53
C ILE D 174 12.42 79.93 -23.76
N ILE D 175 12.34 80.34 -25.02
CA ILE D 175 12.42 81.76 -25.37
C ILE D 175 11.28 82.12 -26.30
N SER D 176 10.52 81.11 -26.73
CA SER D 176 9.37 81.30 -27.59
C SER D 176 8.45 80.09 -27.51
N ALA D 177 7.15 80.31 -27.41
CA ALA D 177 6.19 79.22 -27.22
C ALA D 177 4.73 79.64 -27.45
N ASN D 178 4.04 78.90 -28.30
CA ASN D 178 2.64 79.19 -28.65
C ASN D 178 1.68 78.08 -28.23
N GLY D 179 0.95 78.29 -27.15
CA GLY D 179 0.03 77.28 -26.65
C GLY D 179 0.75 75.97 -26.47
N CYS D 180 1.84 76.02 -25.70
CA CYS D 180 2.74 74.89 -25.60
C CYS D 180 2.59 74.13 -24.28
N LYS D 181 2.10 72.90 -24.37
CA LYS D 181 2.03 72.04 -23.20
C LYS D 181 3.07 70.91 -23.30
N VAL D 182 3.28 70.21 -22.20
CA VAL D 182 4.33 69.20 -22.14
C VAL D 182 3.99 68.16 -21.05
N ASP D 183 4.76 67.08 -20.96
CA ASP D 183 4.47 66.03 -19.98
C ASP D 183 5.59 65.87 -18.94
N ASN D 184 5.32 66.31 -17.71
CA ASN D 184 6.28 66.20 -16.62
C ASN D 184 6.03 64.99 -15.74
N SER D 185 5.72 63.86 -16.35
CA SER D 185 5.45 62.62 -15.62
C SER D 185 6.73 61.87 -15.34
N SER D 186 7.86 62.55 -15.49
CA SER D 186 9.14 61.95 -15.18
C SER D 186 9.82 62.70 -14.05
N LEU D 187 9.40 63.93 -13.81
CA LEU D 187 9.93 64.70 -12.70
C LEU D 187 8.91 64.77 -11.58
N THR D 188 7.74 65.32 -11.91
CA THR D 188 6.66 65.52 -10.94
C THR D 188 5.74 64.30 -10.91
N GLY D 189 5.88 63.44 -11.90
CA GLY D 189 4.98 62.32 -12.06
C GLY D 189 3.56 62.81 -12.23
N GLU D 190 3.40 63.89 -12.98
CA GLU D 190 2.07 64.45 -13.22
C GLU D 190 1.68 64.49 -14.69
N SER D 191 0.70 63.66 -15.04
CA SER D 191 0.30 63.47 -16.43
C SER D 191 -0.33 64.71 -17.01
N GLU D 192 -1.29 65.28 -16.29
CA GLU D 192 -1.97 66.45 -16.81
C GLU D 192 -0.89 67.40 -17.34
N PRO D 193 -1.00 67.75 -18.62
CA PRO D 193 -0.05 68.61 -19.34
C PRO D 193 0.30 69.89 -18.56
N GLN D 194 1.50 70.43 -18.79
CA GLN D 194 1.93 71.65 -18.10
C GLN D 194 2.40 72.70 -19.11
N THR D 195 1.65 73.78 -19.21
CA THR D 195 1.96 74.85 -20.16
C THR D 195 3.41 75.34 -20.03
N ARG D 196 4.01 75.66 -21.18
CA ARG D 196 5.39 76.14 -21.20
C ARG D 196 5.47 77.53 -21.81
N SER D 197 5.92 78.50 -21.01
CA SER D 197 6.04 79.88 -21.46
C SER D 197 7.45 80.41 -21.22
N PRO D 198 7.94 81.22 -22.15
CA PRO D 198 9.29 81.80 -22.03
C PRO D 198 9.42 82.67 -20.78
N ASP D 199 8.29 82.99 -20.16
CA ASP D 199 8.30 83.81 -18.95
C ASP D 199 8.41 82.95 -17.69
N PHE D 200 9.38 83.29 -16.85
CA PHE D 200 9.60 82.55 -15.61
C PHE D 200 8.37 82.63 -14.70
N THR D 201 8.05 81.52 -14.05
CA THR D 201 6.91 81.46 -13.15
C THR D 201 7.35 81.35 -11.69
N ASN D 202 7.72 80.15 -11.29
CA ASN D 202 8.17 79.91 -9.92
C ASN D 202 9.69 79.97 -9.79
N GLU D 203 10.17 80.32 -8.60
CA GLU D 203 11.60 80.42 -8.34
C GLU D 203 12.26 79.05 -8.39
N ASN D 204 11.43 78.01 -8.36
CA ASN D 204 11.94 76.63 -8.38
C ASN D 204 12.08 76.10 -9.81
N PRO D 205 13.31 75.77 -10.18
CA PRO D 205 13.58 75.24 -11.53
C PRO D 205 12.77 73.99 -11.83
N LEU D 206 11.85 73.65 -10.93
CA LEU D 206 11.01 72.47 -11.11
C LEU D 206 9.55 72.87 -11.35
N GLU D 207 9.27 74.15 -11.22
CA GLU D 207 7.91 74.66 -11.41
C GLU D 207 7.87 75.67 -12.58
N THR D 208 9.01 76.30 -12.84
CA THR D 208 9.10 77.29 -13.91
C THR D 208 8.50 76.75 -15.21
N ARG D 209 7.87 77.63 -15.97
CA ARG D 209 7.27 77.25 -17.24
C ARG D 209 8.17 77.58 -18.42
N ASN D 210 9.35 78.14 -18.11
CA ASN D 210 10.31 78.52 -19.15
C ASN D 210 11.46 77.53 -19.27
N ILE D 211 11.34 76.41 -18.57
CA ILE D 211 12.34 75.33 -18.65
C ILE D 211 11.66 74.02 -19.00
N ALA D 212 12.05 73.44 -20.12
CA ALA D 212 11.63 72.09 -20.45
C ALA D 212 12.73 71.15 -19.99
N PHE D 213 12.36 70.04 -19.37
CA PHE D 213 13.35 69.08 -18.88
C PHE D 213 13.47 67.88 -19.81
N PHE D 214 14.69 67.42 -20.03
CA PHE D 214 14.93 66.26 -20.88
C PHE D 214 14.10 65.07 -20.42
N SER D 215 14.06 64.03 -21.26
CA SER D 215 13.35 62.79 -20.95
C SER D 215 11.84 62.99 -20.99
N THR D 216 11.42 64.23 -21.16
CA THR D 216 10.00 64.53 -21.27
C THR D 216 9.61 64.60 -22.73
N ASN D 217 8.38 65.03 -22.99
CA ASN D 217 7.89 65.09 -24.36
C ASN D 217 6.82 66.16 -24.52
N CYS D 218 7.04 67.06 -25.47
CA CYS D 218 6.08 68.14 -25.73
C CYS D 218 4.75 67.60 -26.23
N VAL D 219 3.71 67.76 -25.41
CA VAL D 219 2.39 67.23 -25.71
C VAL D 219 1.72 67.92 -26.91
N GLU D 220 1.73 69.25 -26.92
CA GLU D 220 1.06 70.00 -27.98
C GLU D 220 1.62 71.42 -28.10
N GLY D 221 1.23 72.12 -29.17
CA GLY D 221 1.72 73.46 -29.42
C GLY D 221 3.17 73.45 -29.86
N THR D 222 3.72 74.62 -30.14
CA THR D 222 5.13 74.70 -30.53
C THR D 222 5.90 75.56 -29.54
N ALA D 223 7.21 75.60 -29.70
CA ALA D 223 8.06 76.41 -28.84
C ALA D 223 9.52 76.29 -29.25
N ARG D 224 10.34 77.17 -28.70
CA ARG D 224 11.76 77.17 -29.00
C ARG D 224 12.53 77.67 -27.79
N GLY D 225 13.68 77.06 -27.52
CA GLY D 225 14.50 77.41 -26.38
C GLY D 225 15.98 77.08 -26.56
N ILE D 226 16.82 77.62 -25.70
CA ILE D 226 18.24 77.32 -25.74
C ILE D 226 18.54 76.16 -24.84
N VAL D 227 19.54 75.38 -25.23
CA VAL D 227 19.94 74.24 -24.42
C VAL D 227 20.93 74.70 -23.36
N VAL D 228 20.57 74.48 -22.10
CA VAL D 228 21.42 74.86 -20.98
C VAL D 228 22.07 73.65 -20.36
N TYR D 229 21.35 72.53 -20.41
CA TYR D 229 21.84 71.27 -19.85
C TYR D 229 21.87 70.17 -20.91
N THR D 230 22.94 69.39 -20.91
CA THR D 230 23.09 68.29 -21.87
C THR D 230 23.84 67.11 -21.25
N GLY D 231 23.36 65.90 -21.51
CA GLY D 231 23.98 64.71 -20.98
C GLY D 231 23.63 64.46 -19.52
N ASP D 232 24.61 63.98 -18.77
CA ASP D 232 24.42 63.70 -17.35
C ASP D 232 24.26 64.98 -16.55
N ARG D 233 24.23 66.12 -17.25
CA ARG D 233 24.09 67.42 -16.61
C ARG D 233 22.62 67.82 -16.51
N THR D 234 21.78 67.24 -17.36
CA THR D 234 20.36 67.53 -17.36
C THR D 234 19.69 67.02 -16.08
N VAL D 235 18.63 67.71 -15.67
CA VAL D 235 17.90 67.34 -14.46
C VAL D 235 17.65 65.83 -14.41
N MET D 236 17.09 65.29 -15.49
CA MET D 236 16.80 63.86 -15.58
C MET D 236 18.09 63.04 -15.56
N GLY D 237 19.14 63.58 -16.18
CA GLY D 237 20.42 62.91 -16.25
C GLY D 237 21.00 62.64 -14.87
N ARG D 238 21.01 63.67 -14.03
CA ARG D 238 21.54 63.54 -12.68
C ARG D 238 20.81 62.45 -11.90
N ILE D 239 19.50 62.35 -12.12
CA ILE D 239 18.69 61.34 -11.45
C ILE D 239 19.08 59.94 -11.88
N ALA D 240 19.26 59.75 -13.18
CA ALA D 240 19.64 58.45 -13.74
C ALA D 240 20.91 57.94 -13.09
N THR D 241 21.91 58.82 -12.96
CA THR D 241 23.19 58.45 -12.36
C THR D 241 23.01 58.02 -10.91
N LEU D 242 22.35 58.86 -10.13
CA LEU D 242 22.11 58.56 -8.72
C LEU D 242 21.31 57.28 -8.55
N ALA D 243 20.59 56.90 -9.61
CA ALA D 243 19.77 55.69 -9.58
C ALA D 243 20.63 54.44 -9.80
N SER D 244 21.14 54.28 -11.01
CA SER D 244 21.97 53.13 -11.34
C SER D 244 23.33 53.21 -10.64
N GLY D 245 23.52 54.26 -9.85
CA GLY D 245 24.76 54.45 -9.13
C GLY D 245 24.58 54.30 -7.63
N LEU D 246 23.44 53.76 -7.22
CA LEU D 246 23.16 53.57 -5.81
C LEU D 246 23.60 52.18 -5.34
N GLU D 247 23.47 51.92 -4.05
CA GLU D 247 23.85 50.64 -3.47
C GLU D 247 22.68 49.66 -3.48
N GLY D 248 22.99 48.37 -3.58
CA GLY D 248 21.97 47.34 -3.61
C GLY D 248 21.39 47.07 -2.24
N GLY D 249 22.20 46.51 -1.35
CA GLY D 249 21.75 46.20 0.00
C GLY D 249 21.42 44.73 0.18
N GLN D 250 21.25 44.32 1.43
CA GLN D 250 20.92 42.93 1.74
C GLN D 250 19.41 42.72 1.79
N THR D 251 18.94 41.67 1.12
CA THR D 251 17.52 41.35 1.09
C THR D 251 17.08 40.68 2.39
N PRO D 252 15.77 40.65 2.62
CA PRO D 252 15.21 40.04 3.83
C PRO D 252 15.49 38.55 3.89
N ILE D 253 15.01 37.81 2.89
CA ILE D 253 15.20 36.37 2.83
C ILE D 253 16.67 36.00 3.09
N ALA D 254 17.57 36.75 2.47
CA ALA D 254 19.01 36.51 2.62
C ALA D 254 19.42 36.58 4.09
N ALA D 255 18.80 37.48 4.83
CA ALA D 255 19.09 37.65 6.26
C ALA D 255 18.87 36.34 7.01
N GLU D 256 17.71 35.74 6.81
CA GLU D 256 17.37 34.49 7.48
C GLU D 256 18.41 33.42 7.15
N ILE D 257 18.75 33.31 5.88
CA ILE D 257 19.72 32.32 5.42
C ILE D 257 21.06 32.44 6.18
N GLU D 258 21.71 33.60 6.08
CA GLU D 258 22.98 33.84 6.74
C GLU D 258 22.90 33.58 8.25
N HIS D 259 21.80 33.98 8.86
CA HIS D 259 21.61 33.76 10.29
C HIS D 259 21.49 32.28 10.61
N PHE D 260 20.86 31.54 9.70
CA PHE D 260 20.63 30.10 9.89
C PHE D 260 21.95 29.35 10.02
N ILE D 261 22.93 29.75 9.22
CA ILE D 261 24.25 29.13 9.25
C ILE D 261 24.87 29.26 10.63
N HIS D 262 24.87 30.48 11.16
CA HIS D 262 25.45 30.75 12.47
C HIS D 262 25.01 29.71 13.49
N ILE D 263 23.76 29.27 13.39
CA ILE D 263 23.27 28.24 14.29
C ILE D 263 23.84 26.87 13.92
N ILE D 264 23.79 26.52 12.64
CA ILE D 264 24.33 25.24 12.18
C ILE D 264 25.79 25.07 12.59
N THR D 265 26.66 25.89 12.01
CA THR D 265 28.06 25.89 12.39
C THR D 265 28.17 25.97 13.91
N GLY D 266 27.24 26.71 14.51
CA GLY D 266 27.22 26.91 15.95
C GLY D 266 27.27 25.62 16.78
N VAL D 267 26.54 24.60 16.33
CA VAL D 267 26.58 23.33 17.03
C VAL D 267 27.67 22.43 16.46
N ALA D 268 27.91 22.56 15.16
CA ALA D 268 28.83 21.67 14.43
C ALA D 268 30.26 21.74 14.96
N VAL D 269 30.58 22.85 15.61
CA VAL D 269 31.89 22.98 16.25
C VAL D 269 31.76 22.72 17.73
N PHE D 270 30.55 22.89 18.27
CA PHE D 270 30.34 22.54 19.65
C PHE D 270 30.47 21.03 19.81
N LEU D 271 29.78 20.28 18.96
CA LEU D 271 29.90 18.83 18.95
C LEU D 271 31.28 18.43 18.46
N GLY D 272 31.69 19.02 17.33
CA GLY D 272 32.98 18.73 16.74
C GLY D 272 34.10 18.72 17.77
N VAL D 273 34.17 19.76 18.60
CA VAL D 273 35.23 19.85 19.60
C VAL D 273 34.83 19.20 20.91
N SER D 274 33.52 19.21 21.21
CA SER D 274 33.05 18.57 22.43
C SER D 274 33.40 17.11 22.40
N PHE D 275 33.37 16.55 21.21
CA PHE D 275 33.66 15.14 21.02
C PHE D 275 35.14 14.87 20.79
N PHE D 276 35.90 15.93 20.56
CA PHE D 276 37.34 15.81 20.42
C PHE D 276 37.99 15.67 21.79
N ILE D 277 37.47 16.40 22.77
CA ILE D 277 37.93 16.26 24.15
C ILE D 277 37.46 14.91 24.69
N LEU D 278 36.22 14.54 24.36
CA LEU D 278 35.69 13.27 24.81
C LEU D 278 36.55 12.14 24.27
N SER D 279 36.93 12.23 23.01
CA SER D 279 37.74 11.19 22.37
C SER D 279 39.09 11.03 23.07
N LEU D 280 39.70 12.16 23.42
CA LEU D 280 40.98 12.12 24.12
C LEU D 280 40.83 11.34 25.41
N ILE D 281 39.90 11.77 26.25
CA ILE D 281 39.64 11.14 27.54
C ILE D 281 39.29 9.64 27.37
N LEU D 282 39.08 9.23 26.12
CA LEU D 282 38.79 7.84 25.83
C LEU D 282 39.98 7.13 25.21
N GLU D 283 41.19 7.53 25.62
CA GLU D 283 42.40 6.87 25.14
C GLU D 283 42.58 7.06 23.64
N TYR D 284 42.73 8.30 23.19
CA TYR D 284 42.91 8.57 21.77
C TYR D 284 44.00 9.59 21.49
N THR D 285 45.04 9.13 20.80
CA THR D 285 46.20 9.98 20.47
C THR D 285 45.78 11.27 19.77
N TRP D 286 46.74 12.16 19.60
CA TRP D 286 46.48 13.48 19.04
C TRP D 286 46.30 13.42 17.52
N LEU D 287 46.32 12.21 16.98
CA LEU D 287 46.24 11.99 15.54
C LEU D 287 44.83 11.50 15.20
N GLU D 288 44.02 11.34 16.23
CA GLU D 288 42.71 10.75 16.08
C GLU D 288 41.64 11.71 16.57
N ALA D 289 41.78 12.11 17.83
CA ALA D 289 40.83 13.01 18.47
C ALA D 289 40.56 14.25 17.61
N VAL D 290 41.48 14.54 16.69
CA VAL D 290 41.29 15.64 15.76
C VAL D 290 40.71 15.14 14.44
N ILE D 291 41.14 13.96 14.01
CA ILE D 291 40.64 13.38 12.77
C ILE D 291 39.16 13.04 12.90
N PHE D 292 38.68 13.12 14.14
CA PHE D 292 37.25 13.00 14.41
C PHE D 292 36.58 14.38 14.38
N LEU D 293 37.25 15.37 14.96
CA LEU D 293 36.70 16.72 15.02
C LEU D 293 36.33 17.17 13.61
N ILE D 294 37.26 16.98 12.68
CA ILE D 294 37.03 17.25 11.28
C ILE D 294 35.86 16.41 10.80
N GLY D 295 35.65 15.28 11.46
CA GLY D 295 34.56 14.39 11.14
C GLY D 295 33.21 15.08 11.24
N ILE D 296 32.89 15.59 12.42
CA ILE D 296 31.55 16.12 12.66
C ILE D 296 31.29 17.42 11.91
N ILE D 297 31.31 17.33 10.59
CA ILE D 297 30.97 18.45 9.74
C ILE D 297 29.91 18.00 8.75
N VAL D 298 30.24 17.01 7.92
CA VAL D 298 29.30 16.44 6.96
C VAL D 298 27.98 16.11 7.64
N ALA D 299 28.07 15.29 8.68
CA ALA D 299 26.92 14.94 9.47
C ALA D 299 26.17 16.20 9.89
N ASN D 300 26.91 17.27 10.17
CA ASN D 300 26.33 18.48 10.72
C ASN D 300 25.98 19.55 9.70
N VAL D 301 26.41 19.37 8.46
CA VAL D 301 26.12 20.36 7.43
C VAL D 301 25.33 19.76 6.27
N PRO D 302 24.08 20.23 6.12
CA PRO D 302 23.21 19.80 5.02
C PRO D 302 23.86 20.01 3.66
N GLU D 303 23.98 18.92 2.92
CA GLU D 303 24.59 18.94 1.61
C GLU D 303 23.51 19.25 0.58
N GLY D 304 22.32 18.74 0.83
CA GLY D 304 21.23 18.84 -0.11
C GLY D 304 20.33 20.01 0.22
N LEU D 305 20.49 20.60 1.39
CA LEU D 305 19.64 21.71 1.79
C LEU D 305 19.72 22.84 0.77
N LEU D 306 20.95 23.22 0.40
CA LEU D 306 21.13 24.31 -0.55
C LEU D 306 20.38 24.08 -1.84
N ALA D 307 20.69 22.97 -2.51
CA ALA D 307 19.98 22.63 -3.73
C ALA D 307 18.48 22.55 -3.49
N THR D 308 18.06 22.30 -2.25
CA THR D 308 16.63 22.25 -1.93
C THR D 308 16.02 23.65 -1.97
N VAL D 309 16.36 24.47 -0.98
CA VAL D 309 15.87 25.84 -0.91
C VAL D 309 15.79 26.45 -2.29
N THR D 310 16.90 26.39 -3.01
CA THR D 310 16.98 26.98 -4.35
C THR D 310 15.88 26.45 -5.25
N VAL D 311 15.72 25.14 -5.31
CA VAL D 311 14.68 24.56 -6.15
C VAL D 311 13.31 25.09 -5.71
N CYS D 312 13.13 25.22 -4.40
CA CYS D 312 11.89 25.76 -3.85
C CYS D 312 11.60 27.13 -4.42
N LEU D 313 12.47 28.10 -4.11
CA LEU D 313 12.29 29.45 -4.59
C LEU D 313 12.06 29.50 -6.09
N THR D 314 12.96 28.90 -6.86
CA THR D 314 12.79 28.85 -8.31
C THR D 314 11.36 28.46 -8.61
N LEU D 315 10.91 27.37 -8.01
CA LEU D 315 9.55 26.88 -8.26
C LEU D 315 8.49 27.94 -7.95
N THR D 316 8.45 28.43 -6.72
CA THR D 316 7.46 29.43 -6.34
C THR D 316 7.43 30.59 -7.35
N ALA D 317 8.61 31.04 -7.75
CA ALA D 317 8.71 32.14 -8.71
C ALA D 317 8.14 31.77 -10.08
N LYS D 318 8.17 30.48 -10.40
CA LYS D 318 7.61 29.99 -11.66
C LYS D 318 6.08 30.06 -11.60
N ARG D 319 5.55 29.97 -10.38
CA ARG D 319 4.11 30.00 -10.17
C ARG D 319 3.61 31.44 -10.21
N MET D 320 4.55 32.38 -10.26
CA MET D 320 4.22 33.80 -10.35
C MET D 320 4.34 34.29 -11.79
N ALA D 321 5.28 33.74 -12.52
CA ALA D 321 5.38 34.03 -13.94
C ALA D 321 4.13 33.51 -14.65
N ARG D 322 3.47 32.54 -14.04
CA ARG D 322 2.22 32.01 -14.56
C ARG D 322 1.07 32.99 -14.28
N LYS D 323 1.24 33.84 -13.27
CA LYS D 323 0.24 34.86 -12.98
C LYS D 323 0.75 36.24 -13.41
N ASN D 324 1.63 36.25 -14.42
CA ASN D 324 2.12 37.49 -15.03
C ASN D 324 2.98 38.38 -14.14
N CYS D 325 3.54 37.79 -13.08
CA CYS D 325 4.46 38.52 -12.22
C CYS D 325 5.87 37.97 -12.40
N LEU D 326 6.75 38.81 -12.94
CA LEU D 326 8.12 38.40 -13.25
C LEU D 326 9.12 38.95 -12.25
N VAL D 327 10.30 38.35 -12.22
CA VAL D 327 11.36 38.75 -11.30
C VAL D 327 12.71 38.67 -11.99
N LYS D 328 13.69 39.40 -11.46
CA LYS D 328 15.06 39.29 -11.93
C LYS D 328 15.92 38.58 -10.88
N ASN D 329 15.53 38.70 -9.61
CA ASN D 329 16.28 38.09 -8.51
C ASN D 329 15.54 36.95 -7.86
N LEU D 330 16.29 36.00 -7.31
CA LEU D 330 15.65 34.84 -6.75
C LEU D 330 15.25 35.08 -5.30
N GLU D 331 15.98 35.96 -4.62
CA GLU D 331 15.67 36.25 -3.23
C GLU D 331 14.42 37.11 -3.11
N ALA D 332 14.18 37.92 -4.14
CA ALA D 332 13.04 38.82 -4.16
C ALA D 332 11.73 38.09 -3.92
N VAL D 333 11.58 36.94 -4.57
CA VAL D 333 10.35 36.16 -4.49
C VAL D 333 9.79 36.15 -3.08
N GLU D 334 10.66 36.24 -2.09
CA GLU D 334 10.21 36.19 -0.70
C GLU D 334 9.81 37.55 -0.13
N THR D 335 10.60 38.58 -0.44
CA THR D 335 10.43 39.88 0.21
C THR D 335 9.00 40.42 0.30
N LEU D 336 8.20 40.14 -0.72
CA LEU D 336 6.87 40.74 -0.85
C LEU D 336 5.90 40.43 0.30
N GLY D 337 6.18 39.38 1.06
CA GLY D 337 5.31 38.99 2.15
C GLY D 337 5.93 39.28 3.50
N SER D 338 7.21 39.69 3.47
CA SER D 338 7.91 40.12 4.66
C SER D 338 7.76 41.63 4.77
N THR D 339 7.01 42.19 3.84
CA THR D 339 6.83 43.62 3.75
C THR D 339 5.86 44.11 4.82
N SER D 340 6.14 45.29 5.35
CA SER D 340 5.30 45.88 6.39
C SER D 340 4.78 47.26 5.99
N THR D 341 5.41 47.86 4.98
CA THR D 341 5.06 49.20 4.52
C THR D 341 5.35 49.39 3.03
N ILE D 342 4.31 49.63 2.25
CA ILE D 342 4.50 49.81 0.81
C ILE D 342 4.50 51.29 0.42
N CYS D 343 5.57 51.72 -0.23
CA CYS D 343 5.62 53.05 -0.81
C CYS D 343 5.24 52.98 -2.29
N SER D 344 4.30 53.82 -2.70
CA SER D 344 3.79 53.78 -4.06
C SER D 344 3.84 55.12 -4.81
N LYS D 346 2.19 57.49 -7.66
CA LYS D 346 0.79 57.72 -7.98
C LYS D 346 0.53 57.55 -9.48
N THR D 347 1.16 58.39 -10.29
CA THR D 347 0.97 58.33 -11.73
C THR D 347 1.73 57.17 -12.36
N GLY D 348 1.05 56.42 -13.21
CA GLY D 348 1.64 55.29 -13.88
C GLY D 348 1.61 54.04 -13.02
N THR D 349 1.51 54.23 -11.71
CA THR D 349 1.52 53.14 -10.76
C THR D 349 0.11 52.83 -10.26
N LEU D 350 -0.40 53.69 -9.39
CA LEU D 350 -1.75 53.56 -8.88
C LEU D 350 -2.76 53.93 -9.96
N THR D 351 -2.34 54.78 -10.90
CA THR D 351 -3.25 55.27 -11.94
C THR D 351 -2.92 54.67 -13.31
N GLN D 352 -3.57 55.19 -14.34
CA GLN D 352 -3.36 54.73 -15.69
C GLN D 352 -2.67 55.79 -16.53
N ASN D 353 -2.53 56.99 -15.97
CA ASN D 353 -1.90 58.10 -16.69
C ASN D 353 -2.56 58.31 -18.05
N ARG D 354 -3.85 58.63 -18.05
CA ARG D 354 -4.57 58.92 -19.28
C ARG D 354 -5.86 59.66 -18.96
N MET D 355 -5.93 60.93 -19.36
CA MET D 355 -7.11 61.73 -19.10
C MET D 355 -8.34 60.95 -19.54
N THR D 356 -9.35 60.88 -18.67
CA THR D 356 -10.56 60.13 -18.99
C THR D 356 -11.82 60.72 -18.39
N VAL D 357 -12.87 60.75 -19.20
CA VAL D 357 -14.12 61.37 -18.78
C VAL D 357 -14.69 60.67 -17.56
N ALA D 358 -14.72 61.41 -16.46
CA ALA D 358 -15.07 60.87 -15.15
C ALA D 358 -16.55 61.07 -14.79
N HIS D 359 -16.99 62.33 -14.82
CA HIS D 359 -18.36 62.67 -14.44
C HIS D 359 -19.02 63.63 -15.41
N MET D 360 -20.35 63.73 -15.32
CA MET D 360 -21.11 64.64 -16.17
C MET D 360 -22.33 65.18 -15.43
N TRP D 361 -22.64 66.46 -15.65
CA TRP D 361 -23.81 67.07 -15.04
C TRP D 361 -24.85 67.46 -16.09
N SER D 362 -25.73 66.52 -16.41
CA SER D 362 -26.83 66.77 -17.32
C SER D 362 -28.15 66.39 -16.65
N ASP D 363 -29.21 67.12 -16.98
CA ASP D 363 -30.51 66.93 -16.33
C ASP D 363 -30.45 67.25 -14.84
N ASN D 364 -29.68 68.27 -14.48
CA ASN D 364 -29.48 68.66 -13.10
C ASN D 364 -29.17 67.45 -12.22
N GLN D 365 -28.39 66.53 -12.78
CA GLN D 365 -28.06 65.29 -12.11
C GLN D 365 -26.61 64.88 -12.37
N ILE D 366 -25.90 64.56 -11.31
CA ILE D 366 -24.52 64.09 -11.43
C ILE D 366 -24.49 62.64 -11.88
N HIS D 367 -23.92 62.40 -13.06
CA HIS D 367 -23.72 61.05 -13.56
C HIS D 367 -22.23 60.71 -13.44
N GLU D 368 -21.91 59.42 -13.51
CA GLU D 368 -20.50 59.01 -13.46
C GLU D 368 -20.18 57.94 -14.49
N ALA D 369 -19.11 58.18 -15.25
CA ALA D 369 -18.69 57.26 -16.30
C ALA D 369 -17.83 56.14 -15.75
N ASP D 370 -17.68 55.08 -16.54
CA ASP D 370 -16.80 53.99 -16.18
C ASP D 370 -15.37 54.37 -16.55
N THR D 371 -14.43 54.13 -15.63
CA THR D 371 -13.09 54.69 -15.76
C THR D 371 -11.97 53.67 -15.87
N THR D 372 -12.31 52.39 -15.86
CA THR D 372 -11.30 51.34 -15.93
C THR D 372 -10.84 51.10 -17.36
N GLU D 373 -9.71 50.40 -17.51
CA GLU D 373 -9.16 50.11 -18.83
C GLU D 373 -10.13 49.23 -19.62
N ASN D 374 -10.64 48.20 -18.96
CA ASN D 374 -11.50 47.21 -19.62
C ASN D 374 -12.98 47.46 -19.37
N GLN D 375 -13.31 48.68 -18.97
CA GLN D 375 -14.69 49.04 -18.72
C GLN D 375 -15.41 47.96 -17.93
N SER D 376 -15.00 47.79 -16.67
CA SER D 376 -15.57 46.77 -15.80
C SER D 376 -16.81 47.30 -15.08
N GLY D 377 -16.96 48.62 -15.08
CA GLY D 377 -18.10 49.26 -14.44
C GLY D 377 -19.38 49.14 -15.23
N VAL D 378 -20.25 50.15 -15.10
CA VAL D 378 -21.54 50.11 -15.77
C VAL D 378 -21.86 51.46 -16.41
N SER D 379 -22.79 51.45 -17.36
CA SER D 379 -23.20 52.69 -18.02
C SER D 379 -24.06 53.55 -17.10
N PHE D 380 -24.05 54.84 -17.36
CA PHE D 380 -24.77 55.81 -16.54
C PHE D 380 -26.20 56.00 -17.04
N ASP D 381 -26.34 56.49 -18.26
CA ASP D 381 -27.64 56.75 -18.84
C ASP D 381 -27.49 57.05 -20.32
N LYS D 382 -28.48 56.66 -21.11
CA LYS D 382 -28.45 56.91 -22.55
C LYS D 382 -29.84 57.26 -23.07
N THR D 383 -30.83 57.15 -22.19
CA THR D 383 -32.22 57.39 -22.57
C THR D 383 -32.52 58.88 -22.75
N SER D 384 -32.25 59.69 -21.73
CA SER D 384 -32.53 61.12 -21.78
C SER D 384 -32.05 61.74 -23.09
N ALA D 385 -32.83 62.68 -23.60
CA ALA D 385 -32.48 63.38 -24.82
C ALA D 385 -31.26 64.25 -24.59
N THR D 386 -31.18 64.87 -23.42
CA THR D 386 -30.09 65.78 -23.09
C THR D 386 -28.73 65.15 -23.36
N TRP D 387 -28.61 63.88 -22.99
CA TRP D 387 -27.38 63.14 -23.23
C TRP D 387 -26.94 63.25 -24.68
N LEU D 388 -27.88 63.04 -25.59
CA LEU D 388 -27.58 63.07 -27.02
C LEU D 388 -27.09 64.45 -27.46
N ALA D 389 -27.75 65.49 -26.98
CA ALA D 389 -27.36 66.85 -27.29
C ALA D 389 -26.00 67.17 -26.67
N LEU D 390 -25.64 66.44 -25.63
CA LEU D 390 -24.34 66.59 -24.99
C LEU D 390 -23.29 65.78 -25.74
N SER D 391 -23.65 64.56 -26.10
CA SER D 391 -22.76 63.65 -26.82
C SER D 391 -22.38 64.21 -28.18
N ARG D 392 -23.35 64.85 -28.83
CA ARG D 392 -23.13 65.46 -30.12
C ARG D 392 -22.07 66.56 -30.03
N ILE D 393 -22.21 67.42 -29.03
CA ILE D 393 -21.31 68.56 -28.83
C ILE D 393 -19.86 68.14 -28.57
N ALA D 394 -19.69 67.17 -27.68
CA ALA D 394 -18.36 66.68 -27.35
C ALA D 394 -17.75 65.99 -28.56
N GLY D 395 -18.59 65.41 -29.40
CA GLY D 395 -18.13 64.70 -30.58
C GLY D 395 -17.86 65.60 -31.77
N LEU D 396 -18.59 66.70 -31.86
CA LEU D 396 -18.46 67.61 -33.00
C LEU D 396 -17.59 68.83 -32.69
N CYS D 397 -17.86 69.50 -31.57
CA CYS D 397 -16.95 70.54 -31.09
C CYS D 397 -15.71 69.86 -30.55
N ASN D 398 -14.89 69.36 -31.47
CA ASN D 398 -13.76 68.53 -31.11
C ASN D 398 -12.89 68.28 -32.33
N ARG D 399 -11.57 68.33 -32.14
CA ARG D 399 -10.64 68.24 -33.25
C ARG D 399 -9.72 67.02 -33.14
N ALA D 400 -9.91 66.23 -32.10
CA ALA D 400 -9.12 65.02 -31.91
C ALA D 400 -9.58 63.93 -32.87
N VAL D 401 -8.62 63.15 -33.38
CA VAL D 401 -8.93 62.05 -34.30
C VAL D 401 -8.06 60.84 -33.96
N PHE D 402 -8.62 59.66 -34.11
CA PHE D 402 -7.87 58.44 -33.87
C PHE D 402 -6.78 58.24 -34.91
N GLN D 403 -5.55 58.05 -34.46
CA GLN D 403 -4.44 57.77 -35.37
C GLN D 403 -4.87 56.66 -36.32
N ALA D 404 -4.38 56.72 -37.55
CA ALA D 404 -4.75 55.74 -38.56
C ALA D 404 -4.28 54.34 -38.21
N ASN D 405 -5.07 53.34 -38.59
CA ASN D 405 -4.72 51.93 -38.39
C ASN D 405 -4.72 51.51 -36.93
N GLN D 406 -5.88 51.57 -36.28
CA GLN D 406 -5.96 51.19 -34.88
C GLN D 406 -7.29 50.51 -34.56
N GLU D 407 -7.99 50.07 -35.58
CA GLU D 407 -9.26 49.41 -35.40
C GLU D 407 -9.08 48.04 -34.74
N ASN D 408 -7.84 47.68 -34.47
CA ASN D 408 -7.51 46.44 -33.80
C ASN D 408 -7.47 46.61 -32.28
N LEU D 409 -6.76 47.64 -31.82
CA LEU D 409 -6.61 47.90 -30.40
C LEU D 409 -7.87 48.53 -29.81
N PRO D 410 -8.19 48.17 -28.55
CA PRO D 410 -9.36 48.72 -27.86
C PRO D 410 -9.34 50.24 -27.89
N ILE D 411 -10.51 50.84 -27.75
CA ILE D 411 -10.64 52.27 -27.83
C ILE D 411 -9.73 52.99 -26.83
N LEU D 412 -9.69 52.48 -25.60
CA LEU D 412 -8.96 53.16 -24.54
C LEU D 412 -7.44 53.02 -24.68
N LYS D 413 -6.99 52.19 -25.61
CA LYS D 413 -5.55 51.96 -25.78
C LYS D 413 -4.98 52.53 -27.09
N ARG D 414 -5.87 52.94 -27.99
CA ARG D 414 -5.42 53.50 -29.27
C ARG D 414 -4.99 54.96 -29.13
N ALA D 415 -3.80 55.26 -29.64
CA ALA D 415 -3.25 56.61 -29.56
C ALA D 415 -4.18 57.62 -30.22
N VAL D 416 -4.15 58.85 -29.73
CA VAL D 416 -4.99 59.90 -30.28
C VAL D 416 -4.17 61.13 -30.62
N ALA D 417 -4.47 61.73 -31.77
CA ALA D 417 -3.85 62.97 -32.17
C ALA D 417 -4.65 64.14 -31.62
N GLY D 418 -4.20 64.69 -30.50
CA GLY D 418 -4.87 65.79 -29.85
C GLY D 418 -4.38 65.97 -28.43
N ASP D 419 -4.86 67.03 -27.78
CA ASP D 419 -4.46 67.32 -26.41
C ASP D 419 -5.18 66.41 -25.40
N ALA D 420 -4.85 66.60 -24.13
CA ALA D 420 -5.41 65.79 -23.06
C ALA D 420 -6.93 65.71 -23.11
N SER D 421 -7.58 66.79 -22.71
CA SER D 421 -9.03 66.81 -22.57
C SER D 421 -9.78 66.27 -23.80
N GLU D 422 -9.41 66.74 -24.98
CA GLU D 422 -10.13 66.35 -26.20
C GLU D 422 -9.96 64.89 -26.58
N SER D 423 -8.80 64.31 -26.27
CA SER D 423 -8.60 62.88 -26.49
C SER D 423 -9.63 62.13 -25.66
N ALA D 424 -9.75 62.53 -24.39
CA ALA D 424 -10.70 61.94 -23.47
C ALA D 424 -12.10 61.92 -24.06
N LEU D 425 -12.57 63.10 -24.48
CA LEU D 425 -13.89 63.20 -25.09
C LEU D 425 -14.02 62.24 -26.25
N LEU D 426 -13.09 62.35 -27.19
CA LEU D 426 -13.11 61.52 -28.39
C LEU D 426 -13.35 60.08 -28.02
N LYS D 427 -12.55 59.59 -27.08
CA LYS D 427 -12.62 58.20 -26.63
C LYS D 427 -13.95 57.90 -25.94
N CYS D 428 -14.42 58.83 -25.12
CA CYS D 428 -15.61 58.63 -24.31
C CYS D 428 -16.88 58.50 -25.16
N ILE D 429 -16.99 59.31 -26.20
CA ILE D 429 -18.12 59.23 -27.10
C ILE D 429 -17.99 58.03 -28.04
N GLU D 430 -16.78 57.82 -28.55
CA GLU D 430 -16.49 56.71 -29.43
C GLU D 430 -16.89 55.39 -28.79
N LEU D 431 -16.87 55.36 -27.46
CA LEU D 431 -17.12 54.14 -26.71
C LEU D 431 -18.62 53.82 -26.65
N CYS D 432 -19.39 54.68 -25.98
CA CYS D 432 -20.79 54.40 -25.73
C CYS D 432 -21.78 55.09 -26.67
N CYS D 433 -21.32 55.47 -27.87
CA CYS D 433 -22.19 56.09 -28.86
C CYS D 433 -21.75 55.84 -30.30
N GLY D 434 -20.86 54.88 -30.48
CA GLY D 434 -20.38 54.50 -31.81
C GLY D 434 -19.31 55.43 -32.34
N SER D 435 -19.00 55.30 -33.62
CA SER D 435 -17.97 56.10 -34.26
C SER D 435 -18.32 57.59 -34.25
N VAL D 436 -17.35 58.42 -33.87
CA VAL D 436 -17.55 59.87 -33.85
C VAL D 436 -17.39 60.46 -35.24
N LYS D 437 -16.58 59.82 -36.08
CA LYS D 437 -16.44 60.25 -37.46
C LYS D 437 -17.79 60.15 -38.16
N GLU D 438 -18.64 59.24 -37.69
CA GLU D 438 -20.00 59.13 -38.20
C GLU D 438 -20.75 60.42 -37.91
N MET D 439 -20.40 61.07 -36.80
CA MET D 439 -21.06 62.31 -36.39
C MET D 439 -20.49 63.54 -37.10
N ARG D 440 -19.19 63.52 -37.40
CA ARG D 440 -18.57 64.64 -38.10
C ARG D 440 -18.77 64.57 -39.61
N GLU D 441 -19.39 63.49 -40.08
CA GLU D 441 -19.74 63.34 -41.49
C GLU D 441 -21.19 63.73 -41.74
N ARG D 442 -22.09 63.15 -40.95
CA ARG D 442 -23.51 63.49 -41.01
C ARG D 442 -23.69 64.97 -40.71
N TYR D 443 -22.88 65.49 -39.79
CA TYR D 443 -22.93 66.88 -39.39
C TYR D 443 -21.68 67.62 -39.86
N THR D 444 -21.65 68.07 -41.11
CA THR D 444 -20.44 68.71 -41.64
C THR D 444 -20.14 70.09 -41.03
N LYS D 445 -18.89 70.28 -40.63
CA LYS D 445 -18.43 71.53 -40.04
C LYS D 445 -18.17 72.56 -41.13
N ILE D 446 -18.78 73.75 -41.01
CA ILE D 446 -18.58 74.79 -42.01
C ILE D 446 -17.59 75.88 -41.56
N VAL D 447 -17.80 76.40 -40.35
CA VAL D 447 -16.88 77.39 -39.79
C VAL D 447 -16.76 77.23 -38.28
N GLU D 448 -15.54 77.40 -37.75
CA GLU D 448 -15.33 77.25 -36.31
C GLU D 448 -14.27 78.20 -35.73
N ILE D 449 -14.43 78.55 -34.46
CA ILE D 449 -13.47 79.38 -33.74
C ILE D 449 -12.64 78.53 -32.80
N PRO D 450 -11.49 78.01 -33.28
CA PRO D 450 -10.61 77.22 -32.41
C PRO D 450 -10.42 77.87 -31.04
N PHE D 451 -10.22 77.04 -30.02
CA PHE D 451 -10.11 77.52 -28.65
C PHE D 451 -9.11 78.66 -28.49
N ASN D 452 -9.62 79.84 -28.17
CA ASN D 452 -8.78 81.01 -27.97
C ASN D 452 -8.30 81.16 -26.53
N SER D 453 -7.07 81.65 -26.38
CA SER D 453 -6.53 81.94 -25.06
C SER D 453 -7.36 82.99 -24.31
N THR D 454 -7.85 84.02 -25.01
CA THR D 454 -8.77 84.99 -24.39
C THR D 454 -10.20 84.52 -24.31
N ASN D 455 -10.68 83.96 -25.41
CA ASN D 455 -12.06 83.51 -25.48
C ASN D 455 -12.37 82.55 -24.36
N LYS D 456 -11.42 81.65 -24.09
CA LYS D 456 -11.58 80.62 -23.07
C LYS D 456 -12.59 79.56 -23.52
N TYR D 457 -12.96 79.63 -24.80
CA TYR D 457 -13.95 78.69 -25.34
C TYR D 457 -13.67 78.33 -26.80
N GLN D 458 -14.28 77.23 -27.25
CA GLN D 458 -14.17 76.76 -28.63
C GLN D 458 -15.55 76.44 -29.20
N LEU D 459 -15.88 77.02 -30.34
CA LEU D 459 -17.20 76.81 -30.93
C LEU D 459 -17.15 76.29 -32.37
N SER D 460 -18.31 75.85 -32.88
CA SER D 460 -18.41 75.31 -34.23
C SER D 460 -19.80 75.55 -34.83
N ILE D 461 -19.89 75.45 -36.15
CA ILE D 461 -21.14 75.64 -36.87
C ILE D 461 -21.33 74.50 -37.86
N HIS D 462 -22.27 73.61 -37.57
CA HIS D 462 -22.43 72.38 -38.34
C HIS D 462 -23.74 72.29 -39.11
N LYS D 463 -23.69 71.62 -40.27
CA LYS D 463 -24.88 71.38 -41.07
C LYS D 463 -25.71 70.24 -40.49
N ASN D 464 -26.87 70.61 -39.93
CA ASN D 464 -27.81 69.64 -39.39
C ASN D 464 -28.16 68.55 -40.41
N PRO D 465 -28.13 67.28 -39.97
CA PRO D 465 -28.40 66.11 -40.81
C PRO D 465 -29.89 65.80 -40.94
N ASN D 466 -30.68 66.22 -39.95
CA ASN D 466 -32.12 66.00 -39.99
C ASN D 466 -32.72 66.56 -41.27
N THR D 467 -33.43 65.72 -42.01
CA THR D 467 -34.06 66.18 -43.24
C THR D 467 -35.25 67.09 -42.95
N ALA D 468 -35.54 67.29 -41.66
CA ALA D 468 -36.67 68.11 -41.24
C ALA D 468 -36.27 69.52 -40.78
N GLU D 469 -35.39 69.58 -39.77
CA GLU D 469 -34.92 70.86 -39.29
C GLU D 469 -33.40 70.96 -39.45
N PRO D 470 -32.90 70.69 -40.66
CA PRO D 470 -31.45 70.63 -40.92
C PRO D 470 -30.86 72.02 -41.00
N ARG D 471 -31.06 72.80 -39.94
CA ARG D 471 -30.67 74.17 -39.94
C ARG D 471 -29.38 74.34 -39.14
N HIS D 472 -28.60 75.37 -39.48
CA HIS D 472 -27.28 75.57 -38.88
C HIS D 472 -27.32 75.36 -37.38
N LEU D 473 -26.38 74.56 -36.89
CA LEU D 473 -26.28 74.30 -35.46
C LEU D 473 -24.97 74.85 -34.92
N LEU D 474 -25.06 75.49 -33.76
CA LEU D 474 -23.89 76.08 -33.11
C LEU D 474 -23.52 75.28 -31.87
N VAL D 475 -22.25 74.95 -31.74
CA VAL D 475 -21.75 74.19 -30.59
C VAL D 475 -20.46 74.78 -30.03
N MET D 476 -20.42 75.01 -28.72
CA MET D 476 -19.20 75.51 -28.08
C MET D 476 -18.93 74.85 -26.73
N LYS D 477 -17.65 74.78 -26.35
CA LYS D 477 -17.25 74.21 -25.08
C LYS D 477 -16.06 74.98 -24.49
N GLY D 478 -16.06 75.14 -23.16
CA GLY D 478 -14.99 75.85 -22.48
C GLY D 478 -15.25 75.95 -20.98
N ALA D 479 -14.47 76.78 -20.30
CA ALA D 479 -14.65 76.93 -18.86
C ALA D 479 -16.13 77.06 -18.49
N PRO D 480 -16.52 76.40 -17.39
CA PRO D 480 -17.91 76.35 -16.90
C PRO D 480 -18.49 77.73 -16.63
N GLU D 481 -17.62 78.69 -16.33
CA GLU D 481 -18.05 80.07 -16.05
C GLU D 481 -18.30 80.85 -17.34
N ARG D 482 -17.42 80.66 -18.31
CA ARG D 482 -17.53 81.32 -19.61
C ARG D 482 -18.75 80.82 -20.39
N ILE D 483 -19.07 79.54 -20.22
CA ILE D 483 -20.21 78.94 -20.90
C ILE D 483 -21.53 79.41 -20.31
N LEU D 484 -21.61 79.44 -18.98
CA LEU D 484 -22.83 79.87 -18.29
C LEU D 484 -23.04 81.37 -18.47
N ASP D 485 -21.95 82.08 -18.73
CA ASP D 485 -21.99 83.54 -18.94
C ASP D 485 -22.61 83.86 -20.28
N ARG D 486 -22.71 82.86 -21.15
CA ARG D 486 -23.30 83.04 -22.47
C ARG D 486 -24.51 82.13 -22.66
N CYS D 487 -25.35 82.05 -21.63
CA CYS D 487 -26.50 81.14 -21.68
C CYS D 487 -27.82 81.76 -21.22
N SER D 488 -28.88 81.43 -21.94
CA SER D 488 -30.22 81.94 -21.65
C SER D 488 -31.14 80.79 -21.28
N SER D 489 -30.92 79.64 -21.91
CA SER D 489 -31.74 78.46 -21.67
C SER D 489 -30.89 77.26 -21.28
N ILE D 490 -31.55 76.15 -20.95
CA ILE D 490 -30.87 74.96 -20.48
C ILE D 490 -31.66 73.72 -20.85
N LEU D 491 -31.23 73.03 -21.91
CA LEU D 491 -31.92 71.83 -22.38
C LEU D 491 -32.07 70.81 -21.27
N ILE D 492 -33.28 70.68 -20.72
CA ILE D 492 -33.56 69.71 -19.66
C ILE D 492 -34.62 68.68 -20.11
N HIS D 493 -34.18 67.43 -20.25
CA HIS D 493 -35.06 66.34 -20.68
C HIS D 493 -35.52 66.47 -22.13
N GLY D 494 -34.84 67.30 -22.92
CA GLY D 494 -35.18 67.48 -24.31
C GLY D 494 -35.61 68.90 -24.63
N LYS D 495 -36.63 69.36 -23.92
CA LYS D 495 -37.18 70.71 -24.13
C LYS D 495 -36.37 71.74 -23.36
N GLU D 496 -36.19 72.92 -23.96
CA GLU D 496 -35.47 74.00 -23.33
C GLU D 496 -36.19 74.53 -22.10
N GLN D 497 -35.57 75.50 -21.42
CA GLN D 497 -36.12 76.09 -20.21
C GLN D 497 -35.24 77.24 -19.73
N PRO D 498 -35.84 78.18 -18.98
CA PRO D 498 -35.15 79.36 -18.46
C PRO D 498 -33.96 79.03 -17.58
N LEU D 499 -32.92 79.86 -17.66
CA LEU D 499 -31.75 79.74 -16.79
C LEU D 499 -32.06 80.39 -15.44
N ASP D 500 -33.02 79.80 -14.73
CA ASP D 500 -33.40 80.25 -13.40
C ASP D 500 -32.15 80.43 -12.54
N GLU D 501 -32.24 81.28 -11.52
CA GLU D 501 -31.14 81.39 -10.58
C GLU D 501 -31.18 80.22 -9.60
N GLU D 502 -32.13 79.32 -9.81
CA GLU D 502 -32.20 78.07 -9.07
C GLU D 502 -31.24 77.07 -9.68
N LEU D 503 -31.29 76.99 -11.00
CA LEU D 503 -30.43 76.10 -11.76
C LEU D 503 -29.08 76.78 -12.01
N LYS D 504 -29.05 78.11 -11.89
CA LYS D 504 -27.81 78.87 -11.93
C LYS D 504 -27.11 78.70 -10.60
N ASP D 505 -27.56 77.69 -9.84
CA ASP D 505 -27.02 77.38 -8.53
C ASP D 505 -26.73 75.88 -8.42
N ALA D 506 -27.64 75.06 -8.95
CA ALA D 506 -27.45 73.62 -8.98
C ALA D 506 -26.37 73.24 -10.00
N PHE D 507 -25.94 74.22 -10.78
CA PHE D 507 -24.80 74.07 -11.67
C PHE D 507 -23.56 74.54 -10.95
N GLN D 508 -23.75 75.51 -10.06
CA GLN D 508 -22.66 76.03 -9.24
C GLN D 508 -22.37 75.08 -8.09
N ASN D 509 -23.30 74.14 -7.87
CA ASN D 509 -23.07 73.07 -6.90
C ASN D 509 -22.23 71.96 -7.51
N ALA D 510 -22.61 71.53 -8.70
CA ALA D 510 -21.89 70.48 -9.41
C ALA D 510 -20.48 70.93 -9.79
N TYR D 511 -20.38 72.13 -10.35
CA TYR D 511 -19.10 72.62 -10.81
C TYR D 511 -18.07 72.78 -9.69
N LEU D 512 -18.54 72.93 -8.46
CA LEU D 512 -17.62 73.02 -7.33
C LEU D 512 -17.41 71.67 -6.66
N GLU D 513 -18.32 70.73 -6.91
CA GLU D 513 -18.20 69.39 -6.37
C GLU D 513 -17.23 68.53 -7.17
N LEU D 514 -17.43 68.51 -8.48
CA LEU D 514 -16.56 67.76 -9.37
C LEU D 514 -15.16 68.35 -9.35
N GLY D 515 -15.08 69.68 -9.20
CA GLY D 515 -13.82 70.37 -9.13
C GLY D 515 -13.06 70.03 -7.85
N GLY D 516 -13.80 69.90 -6.75
CA GLY D 516 -13.22 69.55 -5.47
C GLY D 516 -12.63 68.15 -5.47
N LEU D 517 -13.10 67.33 -6.41
CA LEU D 517 -12.57 65.99 -6.57
C LEU D 517 -11.35 65.98 -7.48
N GLY D 518 -10.65 67.11 -7.52
CA GLY D 518 -9.46 67.25 -8.34
C GLY D 518 -9.67 66.86 -9.80
N GLU D 519 -10.82 67.25 -10.36
CA GLU D 519 -11.14 66.91 -11.74
C GLU D 519 -11.25 68.16 -12.61
N ARG D 520 -10.79 68.06 -13.85
CA ARG D 520 -10.97 69.15 -14.81
C ARG D 520 -12.40 69.17 -15.30
N VAL D 521 -12.98 70.36 -15.39
CA VAL D 521 -14.39 70.52 -15.76
C VAL D 521 -14.58 71.28 -17.08
N LEU D 522 -15.49 70.79 -17.91
CA LEU D 522 -15.87 71.48 -19.13
C LEU D 522 -17.37 71.71 -19.20
N GLY D 523 -17.77 72.91 -19.64
CA GLY D 523 -19.17 73.25 -19.81
C GLY D 523 -19.59 73.15 -21.27
N PHE D 524 -20.80 72.64 -21.51
CA PHE D 524 -21.26 72.43 -22.88
C PHE D 524 -22.59 73.11 -23.15
N CYS D 525 -22.73 73.64 -24.36
CA CYS D 525 -23.96 74.29 -24.79
C CYS D 525 -24.06 74.33 -26.31
N HIS D 526 -25.30 74.39 -26.83
CA HIS D 526 -25.51 74.52 -28.25
C HIS D 526 -26.64 75.50 -28.56
N LEU D 527 -26.78 75.85 -29.83
CA LEU D 527 -27.81 76.78 -30.27
C LEU D 527 -28.32 76.32 -31.64
N PHE D 528 -29.64 76.30 -31.81
CA PHE D 528 -30.20 76.16 -33.15
C PHE D 528 -30.45 77.56 -33.72
N LEU D 529 -29.56 78.00 -34.61
CA LEU D 529 -29.63 79.35 -35.18
C LEU D 529 -30.99 79.65 -35.80
N PRO D 530 -31.31 80.94 -35.97
CA PRO D 530 -32.55 81.32 -36.68
C PRO D 530 -32.36 81.24 -38.19
N ASP D 531 -33.00 80.26 -38.83
CA ASP D 531 -32.80 80.01 -40.25
C ASP D 531 -33.23 81.16 -41.15
N GLU D 532 -33.73 82.22 -40.53
CA GLU D 532 -34.16 83.40 -41.27
C GLU D 532 -32.98 84.33 -41.48
N GLN D 533 -32.14 84.42 -40.46
CA GLN D 533 -30.96 85.27 -40.51
C GLN D 533 -29.79 84.46 -41.06
N PHE D 534 -30.09 83.22 -41.42
CA PHE D 534 -29.09 82.30 -41.97
C PHE D 534 -29.75 81.38 -43.00
N PRO D 535 -29.51 81.66 -44.30
CA PRO D 535 -30.03 80.87 -45.44
C PRO D 535 -29.29 79.55 -45.62
N GLU D 536 -29.61 78.83 -46.70
CA GLU D 536 -28.97 77.55 -46.98
C GLU D 536 -27.48 77.71 -47.28
N GLY D 537 -27.11 78.87 -47.83
CA GLY D 537 -25.73 79.12 -48.19
C GLY D 537 -25.13 80.33 -47.50
N PHE D 538 -25.52 80.56 -46.26
CA PHE D 538 -25.00 81.68 -45.48
C PHE D 538 -23.52 81.49 -45.21
N GLN D 539 -22.75 82.55 -45.40
CA GLN D 539 -21.33 82.53 -45.11
C GLN D 539 -21.08 83.12 -43.73
N PHE D 540 -20.33 82.41 -42.90
CA PHE D 540 -20.03 82.87 -41.56
C PHE D 540 -18.63 83.48 -41.50
N ASP D 541 -18.48 84.49 -40.66
CA ASP D 541 -17.19 85.15 -40.50
C ASP D 541 -16.56 84.70 -39.18
N THR D 542 -15.57 83.82 -39.27
CA THR D 542 -14.89 83.33 -38.07
C THR D 542 -14.09 84.44 -37.39
N ASP D 543 -13.77 85.49 -38.13
CA ASP D 543 -12.98 86.60 -37.61
C ASP D 543 -13.86 87.72 -37.04
N ASP D 544 -15.03 87.91 -37.64
CA ASP D 544 -15.99 88.91 -37.18
C ASP D 544 -17.26 88.25 -36.63
N VAL D 545 -18.04 89.01 -35.86
CA VAL D 545 -19.28 88.48 -35.29
C VAL D 545 -20.39 88.45 -36.34
N ASN D 546 -20.53 87.30 -37.00
CA ASN D 546 -21.57 87.14 -38.02
C ASN D 546 -22.77 86.34 -37.49
N PHE D 547 -22.60 85.72 -36.33
CA PHE D 547 -23.64 84.88 -35.74
C PHE D 547 -23.87 85.20 -34.27
N PRO D 548 -24.77 84.47 -33.59
CA PRO D 548 -25.00 84.74 -32.17
C PRO D 548 -24.04 83.98 -31.26
N LEU D 549 -23.39 84.69 -30.35
CA LEU D 549 -22.49 84.06 -29.38
C LEU D 549 -23.09 84.11 -27.98
N ASP D 550 -24.01 85.03 -27.76
CA ASP D 550 -24.67 85.17 -26.46
C ASP D 550 -26.03 84.49 -26.45
N ASN D 551 -26.53 84.20 -25.25
CA ASN D 551 -27.83 83.57 -25.07
C ASN D 551 -27.97 82.23 -25.80
N LEU D 552 -27.19 81.25 -25.36
CA LEU D 552 -27.20 79.93 -25.97
C LEU D 552 -27.89 78.94 -25.04
N CYS D 553 -28.13 77.73 -25.53
CA CYS D 553 -28.77 76.69 -24.75
C CYS D 553 -27.75 75.79 -24.06
N PHE D 554 -27.63 75.95 -22.73
CA PHE D 554 -26.72 75.13 -21.93
C PHE D 554 -27.20 73.69 -21.90
N VAL D 555 -26.32 72.75 -22.22
CA VAL D 555 -26.67 71.33 -22.27
C VAL D 555 -26.18 70.56 -21.05
N GLY D 556 -24.92 70.80 -20.66
CA GLY D 556 -24.38 70.15 -19.48
C GLY D 556 -22.88 70.22 -19.29
N LEU D 557 -22.42 69.78 -18.12
CA LEU D 557 -21.01 69.69 -17.81
C LEU D 557 -20.49 68.29 -18.07
N ILE D 558 -19.18 68.18 -18.22
CA ILE D 558 -18.50 66.89 -18.15
C ILE D 558 -17.12 67.11 -17.55
N SER D 559 -16.71 66.21 -16.66
CA SER D 559 -15.42 66.33 -16.00
C SER D 559 -14.52 65.15 -16.35
N MET D 560 -13.22 65.32 -16.12
CA MET D 560 -12.27 64.26 -16.43
C MET D 560 -11.02 64.38 -15.56
N ILE D 561 -10.40 63.23 -15.29
CA ILE D 561 -9.19 63.21 -14.48
C ILE D 561 -8.32 62.01 -14.84
N ASP D 562 -7.22 61.86 -14.11
CA ASP D 562 -6.33 60.73 -14.20
C ASP D 562 -6.90 59.59 -13.36
N PRO D 563 -7.80 58.78 -13.94
CA PRO D 563 -8.42 57.67 -13.22
C PRO D 563 -7.39 56.65 -12.75
N PRO D 564 -7.66 55.98 -11.63
CA PRO D 564 -6.78 54.95 -11.09
C PRO D 564 -6.83 53.70 -11.96
N ARG D 565 -6.17 52.63 -11.55
CA ARG D 565 -6.17 51.39 -12.33
C ARG D 565 -7.48 50.64 -12.20
N ALA D 566 -7.49 49.41 -12.72
CA ALA D 566 -8.68 48.59 -12.67
C ALA D 566 -9.05 48.26 -11.22
N ALA D 567 -8.18 47.52 -10.57
CA ALA D 567 -8.46 47.02 -9.23
C ALA D 567 -7.57 47.68 -8.20
N VAL D 568 -6.79 48.66 -8.63
CA VAL D 568 -5.90 49.36 -7.73
C VAL D 568 -6.53 49.51 -6.35
N PRO D 569 -7.74 50.09 -6.29
CA PRO D 569 -8.35 50.32 -4.98
C PRO D 569 -8.53 49.03 -4.23
N ASP D 570 -9.30 48.11 -4.79
CA ASP D 570 -9.57 46.85 -4.13
C ASP D 570 -8.26 46.24 -3.64
N ALA D 571 -7.23 46.35 -4.47
CA ALA D 571 -5.94 45.81 -4.10
C ALA D 571 -5.43 46.43 -2.80
N VAL D 572 -5.25 47.75 -2.81
CA VAL D 572 -4.71 48.46 -1.66
C VAL D 572 -5.38 47.99 -0.38
N GLY D 573 -6.70 47.87 -0.45
CA GLY D 573 -7.49 47.43 0.67
C GLY D 573 -6.94 46.13 1.22
N LYS D 574 -6.71 45.18 0.33
CA LYS D 574 -6.17 43.89 0.72
C LYS D 574 -4.99 44.08 1.66
N CYS D 575 -3.99 44.83 1.21
CA CYS D 575 -2.74 44.96 1.95
C CYS D 575 -2.98 45.56 3.33
N ARG D 576 -3.94 46.47 3.41
CA ARG D 576 -4.31 47.06 4.69
C ARG D 576 -4.99 46.04 5.61
N SER D 577 -5.78 45.13 5.04
CA SER D 577 -6.42 44.07 5.80
C SER D 577 -5.36 43.14 6.36
N ALA D 578 -4.21 43.14 5.70
CA ALA D 578 -3.08 42.30 6.09
C ALA D 578 -2.21 43.01 7.12
N GLY D 579 -2.39 44.32 7.24
CA GLY D 579 -1.64 45.08 8.22
C GLY D 579 -0.43 45.74 7.60
N ILE D 580 -0.45 45.85 6.28
CA ILE D 580 0.60 46.56 5.57
C ILE D 580 0.27 48.03 5.43
N LYS D 581 1.21 48.89 5.81
CA LYS D 581 1.00 50.33 5.75
C LYS D 581 1.16 50.84 4.33
N VAL D 582 0.14 51.51 3.83
CA VAL D 582 0.20 52.07 2.49
C VAL D 582 0.53 53.55 2.56
N ILE D 583 1.53 53.95 1.78
CA ILE D 583 2.00 55.32 1.81
C ILE D 583 2.22 55.82 0.39
N MET D 584 1.53 56.90 0.03
CA MET D 584 1.67 57.50 -1.29
C MET D 584 2.84 58.48 -1.34
N VAL D 585 3.78 58.22 -2.22
CA VAL D 585 4.88 59.15 -2.45
C VAL D 585 4.88 59.60 -3.91
N THR D 586 4.24 60.75 -4.15
CA THR D 586 4.17 61.31 -5.49
C THR D 586 4.63 62.76 -5.50
N GLY D 587 5.21 63.17 -6.62
CA GLY D 587 5.68 64.54 -6.79
C GLY D 587 4.59 65.45 -7.33
N ASP D 588 3.34 65.02 -7.20
CA ASP D 588 2.22 65.81 -7.70
C ASP D 588 1.77 66.86 -6.68
N HIS D 589 0.76 67.65 -7.04
CA HIS D 589 0.21 68.68 -6.17
C HIS D 589 -0.78 68.10 -5.17
N PRO D 590 -0.69 68.55 -3.91
CA PRO D 590 -1.53 68.04 -2.83
C PRO D 590 -2.96 67.82 -3.30
N ILE D 591 -3.55 68.85 -3.89
CA ILE D 591 -4.93 68.82 -4.34
C ILE D 591 -5.34 67.49 -4.96
N THR D 592 -4.72 67.15 -6.08
CA THR D 592 -5.05 65.91 -6.78
C THR D 592 -4.54 64.69 -6.03
N ALA D 593 -3.39 64.86 -5.36
CA ALA D 593 -2.77 63.77 -4.62
C ALA D 593 -3.70 63.20 -3.56
N LYS D 594 -3.98 64.02 -2.55
CA LYS D 594 -4.91 63.64 -1.50
C LYS D 594 -6.19 63.08 -2.10
N ALA D 595 -6.51 63.51 -3.31
CA ALA D 595 -7.73 63.08 -3.98
C ALA D 595 -7.71 61.59 -4.32
N ILE D 596 -6.79 61.21 -5.20
CA ILE D 596 -6.66 59.83 -5.60
C ILE D 596 -6.48 58.94 -4.36
N ALA D 597 -5.92 59.53 -3.31
CA ALA D 597 -5.68 58.82 -2.05
C ALA D 597 -6.96 58.27 -1.41
N LYS D 598 -7.95 59.14 -1.24
CA LYS D 598 -9.23 58.74 -0.67
C LYS D 598 -9.99 57.85 -1.64
N GLY D 599 -9.58 57.91 -2.91
CA GLY D 599 -10.23 57.13 -3.95
C GLY D 599 -9.70 55.72 -4.09
N VAL D 600 -8.51 55.50 -3.56
CA VAL D 600 -7.90 54.18 -3.61
C VAL D 600 -7.90 53.52 -2.23
N GLY D 601 -8.14 54.31 -1.19
CA GLY D 601 -8.24 53.77 0.15
C GLY D 601 -6.95 53.85 0.94
N ILE D 602 -6.01 54.64 0.44
CA ILE D 602 -4.81 54.95 1.20
C ILE D 602 -5.27 55.80 2.35
N ILE D 603 -6.30 56.59 2.07
CA ILE D 603 -6.96 57.42 3.06
C ILE D 603 -8.43 57.05 3.11
N SER D 604 -8.85 56.43 4.22
CA SER D 604 -10.20 55.92 4.36
C SER D 604 -11.19 57.02 4.71
N GLU D 605 -12.46 56.64 4.77
CA GLU D 605 -13.53 57.58 5.07
C GLU D 605 -13.45 58.07 6.51
N GLY D 606 -13.87 59.30 6.74
CA GLY D 606 -13.97 59.83 8.08
C GLY D 606 -12.67 60.31 8.69
N ASN D 607 -11.55 59.92 8.12
CA ASN D 607 -10.27 60.41 8.60
C ASN D 607 -9.94 61.78 8.03
N GLU D 608 -9.13 62.53 8.77
CA GLU D 608 -8.88 63.92 8.44
C GLU D 608 -7.42 64.30 8.62
N THR D 609 -7.01 65.34 7.89
CA THR D 609 -5.71 65.94 8.08
C THR D 609 -5.85 67.04 9.13
N VAL D 610 -4.73 67.46 9.69
CA VAL D 610 -4.74 68.58 10.62
C VAL D 610 -5.49 69.76 9.98
N GLU D 611 -5.37 69.88 8.66
CA GLU D 611 -6.02 70.94 7.89
C GLU D 611 -7.54 70.75 7.81
N ASP D 612 -7.97 69.52 7.53
CA ASP D 612 -9.39 69.20 7.45
C ASP D 612 -10.11 69.68 8.70
N ILE D 613 -9.51 69.39 9.84
CA ILE D 613 -10.05 69.83 11.12
C ILE D 613 -10.11 71.33 11.14
N ALA D 614 -8.99 71.97 10.78
CA ALA D 614 -8.90 73.42 10.75
C ALA D 614 -10.04 74.03 9.94
N ALA D 615 -10.44 73.37 8.86
CA ALA D 615 -11.51 73.86 8.01
C ALA D 615 -12.89 73.65 8.63
N ARG D 616 -13.09 72.47 9.23
CA ARG D 616 -14.38 72.15 9.82
C ARG D 616 -14.75 73.09 10.96
N LEU D 617 -13.91 73.16 11.98
CA LEU D 617 -14.14 74.07 13.11
C LEU D 617 -13.76 75.51 12.77
N ASN D 618 -13.35 75.72 11.52
CA ASN D 618 -12.98 77.04 11.02
C ASN D 618 -11.98 77.73 11.92
N ILE D 619 -10.94 77.00 12.31
CA ILE D 619 -9.93 77.53 13.21
C ILE D 619 -8.57 77.63 12.52
N PRO D 620 -7.61 78.28 13.17
CA PRO D 620 -6.29 78.38 12.57
C PRO D 620 -5.64 77.01 12.39
N VAL D 621 -4.46 77.00 11.80
CA VAL D 621 -3.74 75.76 11.54
C VAL D 621 -3.09 75.28 12.84
N SER D 622 -2.48 76.21 13.57
CA SER D 622 -1.68 75.90 14.75
C SER D 622 -2.55 75.91 16.00
N GLN D 623 -3.76 75.39 15.87
CA GLN D 623 -4.68 75.35 17.00
C GLN D 623 -5.35 73.99 17.11
N VAL D 624 -5.01 73.09 16.20
CA VAL D 624 -5.55 71.74 16.26
C VAL D 624 -4.47 70.76 16.71
N ASN D 625 -4.74 70.04 17.80
CA ASN D 625 -3.80 69.03 18.28
C ASN D 625 -3.48 68.04 17.18
N PRO D 626 -2.22 68.03 16.72
CA PRO D 626 -1.78 67.16 15.63
C PRO D 626 -2.17 65.70 15.81
N ARG D 627 -2.29 65.25 17.07
CA ARG D 627 -2.58 63.86 17.37
C ARG D 627 -3.98 63.42 16.95
N ASP D 628 -4.91 64.37 16.86
CA ASP D 628 -6.26 64.07 16.40
C ASP D 628 -6.30 63.83 14.88
N ALA D 629 -5.20 64.17 14.20
CA ALA D 629 -5.11 64.00 12.76
C ALA D 629 -4.41 62.68 12.44
N LYS D 630 -5.19 61.63 12.26
CA LYS D 630 -4.62 60.33 11.95
C LYS D 630 -3.96 60.34 10.57
N ALA D 631 -4.54 61.10 9.66
CA ALA D 631 -3.96 61.26 8.34
C ALA D 631 -3.18 62.56 8.28
N CYS D 632 -2.55 62.79 7.14
CA CYS D 632 -1.93 64.07 6.87
C CYS D 632 -1.48 64.07 5.43
N VAL D 633 -0.94 65.21 5.00
CA VAL D 633 -0.38 65.34 3.66
C VAL D 633 0.79 66.31 3.74
N VAL D 634 1.88 65.98 3.07
CA VAL D 634 3.09 66.79 3.15
C VAL D 634 3.62 67.20 1.78
N HIS D 635 3.65 68.50 1.53
CA HIS D 635 4.20 69.02 0.29
C HIS D 635 5.72 68.97 0.36
N GLY D 636 6.35 68.67 -0.77
CA GLY D 636 7.80 68.57 -0.83
C GLY D 636 8.51 69.84 -0.40
N SER D 637 7.79 70.95 -0.47
CA SER D 637 8.35 72.24 -0.07
C SER D 637 8.52 72.33 1.44
N ASP D 638 7.81 71.48 2.17
CA ASP D 638 7.84 71.50 3.63
C ASP D 638 8.88 70.54 4.14
N LEU D 639 9.20 69.57 3.29
CA LEU D 639 10.15 68.52 3.65
C LEU D 639 11.56 69.02 3.51
N LYS D 640 11.75 70.02 2.66
CA LYS D 640 13.09 70.51 2.31
C LYS D 640 13.92 70.86 3.54
N ASP D 641 13.26 71.39 4.55
CA ASP D 641 13.94 71.79 5.78
C ASP D 641 13.65 70.85 6.94
N MET D 642 13.15 69.66 6.65
CA MET D 642 12.81 68.73 7.71
C MET D 642 13.93 67.77 8.06
N THR D 643 14.24 67.70 9.35
CA THR D 643 15.25 66.79 9.85
C THR D 643 14.67 65.38 9.95
N SER D 644 15.52 64.38 9.79
CA SER D 644 15.08 62.99 9.77
C SER D 644 14.27 62.61 11.00
N GLU D 645 14.58 63.22 12.14
CA GLU D 645 13.84 62.97 13.38
C GLU D 645 12.38 63.35 13.19
N GLN D 646 12.13 64.39 12.41
CA GLN D 646 10.77 64.84 12.14
C GLN D 646 10.01 63.87 11.25
N LEU D 647 10.62 63.46 10.14
CA LEU D 647 10.00 62.49 9.24
C LEU D 647 9.73 61.25 10.05
N ASP D 648 10.76 60.82 10.79
CA ASP D 648 10.61 59.74 11.76
C ASP D 648 9.30 59.94 12.48
N ASP D 649 9.18 61.07 13.18
CA ASP D 649 8.01 61.35 13.99
C ASP D 649 6.73 61.42 13.16
N ILE D 650 6.83 61.90 11.94
CA ILE D 650 5.66 61.97 11.07
C ILE D 650 5.15 60.58 10.74
N LEU D 651 6.09 59.67 10.48
CA LEU D 651 5.75 58.30 10.14
C LEU D 651 5.19 57.54 11.34
N LYS D 652 5.58 57.95 12.54
CA LYS D 652 5.18 57.25 13.76
C LYS D 652 3.74 57.53 14.19
N TYR D 653 3.34 58.79 14.14
CA TYR D 653 2.05 59.18 14.69
C TYR D 653 0.90 59.21 13.66
N HIS D 654 1.21 58.94 12.40
CA HIS D 654 0.18 58.91 11.37
C HIS D 654 0.03 57.50 10.80
N THR D 655 -1.14 57.21 10.26
CA THR D 655 -1.44 55.89 9.73
C THR D 655 -1.61 55.94 8.23
N GLU D 656 -2.21 57.04 7.76
CA GLU D 656 -2.40 57.25 6.34
C GLU D 656 -1.70 58.54 5.95
N ILE D 657 -0.56 58.39 5.30
CA ILE D 657 0.26 59.53 4.95
C ILE D 657 0.36 59.68 3.43
N VAL D 658 0.50 60.91 2.98
CA VAL D 658 0.70 61.16 1.55
C VAL D 658 1.73 62.27 1.34
N PHE D 659 2.96 61.88 1.04
CA PHE D 659 3.99 62.84 0.68
C PHE D 659 3.79 63.29 -0.77
N ALA D 660 3.49 64.56 -0.96
CA ALA D 660 3.18 65.09 -2.29
C ALA D 660 4.27 66.00 -2.81
N ARG D 661 4.19 66.29 -4.10
CA ARG D 661 5.14 67.19 -4.77
C ARG D 661 6.56 66.93 -4.30
N THR D 662 6.89 65.66 -4.11
CA THR D 662 8.21 65.27 -3.64
C THR D 662 9.20 65.09 -4.79
N SER D 663 10.45 65.45 -4.54
CA SER D 663 11.51 65.25 -5.50
C SER D 663 11.95 63.79 -5.43
N PRO D 664 12.44 63.25 -6.55
CA PRO D 664 12.96 61.88 -6.54
C PRO D 664 13.69 61.61 -5.24
N GLN D 665 14.63 62.49 -4.89
CA GLN D 665 15.51 62.28 -3.74
C GLN D 665 14.75 62.16 -2.44
N GLN D 666 13.56 62.74 -2.40
CA GLN D 666 12.75 62.65 -1.20
C GLN D 666 12.16 61.26 -1.06
N LYS D 667 11.67 60.71 -2.17
CA LYS D 667 11.25 59.32 -2.20
C LYS D 667 12.27 58.55 -1.41
N LEU D 668 13.53 58.66 -1.84
CA LEU D 668 14.65 58.04 -1.16
C LEU D 668 14.55 58.23 0.36
N ILE D 669 14.61 59.49 0.81
CA ILE D 669 14.63 59.77 2.25
C ILE D 669 13.41 59.21 2.96
N ILE D 670 12.28 59.22 2.27
CA ILE D 670 11.05 58.66 2.82
C ILE D 670 11.26 57.17 3.09
N VAL D 671 11.58 56.45 2.03
CA VAL D 671 11.88 55.04 2.16
C VAL D 671 12.86 54.83 3.32
N GLU D 672 14.04 55.44 3.19
CA GLU D 672 15.07 55.35 4.23
C GLU D 672 14.47 55.53 5.62
N GLY D 673 13.70 56.60 5.79
CA GLY D 673 13.09 56.90 7.05
C GLY D 673 12.18 55.80 7.55
N CYS D 674 11.48 55.15 6.63
CA CYS D 674 10.62 54.04 6.99
C CYS D 674 11.48 52.86 7.43
N GLN D 675 12.56 52.62 6.70
CA GLN D 675 13.49 51.55 7.04
C GLN D 675 14.14 51.82 8.39
N ARG D 676 14.32 53.10 8.71
CA ARG D 676 14.95 53.52 9.95
C ARG D 676 14.13 53.06 11.16
N GLN D 677 12.87 52.70 10.91
CA GLN D 677 12.01 52.15 11.95
C GLN D 677 12.32 50.66 12.11
N GLY D 678 12.83 50.05 11.05
CA GLY D 678 13.18 48.64 11.04
C GLY D 678 12.27 47.83 10.13
N ALA D 679 11.39 48.52 9.42
CA ALA D 679 10.38 47.86 8.60
C ALA D 679 10.95 47.38 7.27
N ILE D 680 10.19 46.49 6.63
CA ILE D 680 10.51 45.99 5.31
C ILE D 680 9.62 46.70 4.31
N VAL D 681 10.23 47.56 3.48
CA VAL D 681 9.45 48.45 2.63
C VAL D 681 9.66 48.20 1.14
N ALA D 682 8.55 48.17 0.41
CA ALA D 682 8.60 47.91 -1.02
C ALA D 682 8.18 49.14 -1.79
N VAL D 683 8.92 49.45 -2.85
CA VAL D 683 8.60 50.60 -3.68
C VAL D 683 8.08 50.17 -5.03
N THR D 684 6.97 50.76 -5.45
CA THR D 684 6.35 50.44 -6.72
C THR D 684 6.11 51.70 -7.53
N GLY D 685 7.04 52.02 -8.44
CA GLY D 685 6.91 53.20 -9.26
C GLY D 685 7.08 52.91 -10.74
N ASP D 686 6.87 53.93 -11.58
CA ASP D 686 7.05 53.79 -13.03
C ASP D 686 7.96 54.88 -13.59
N GLY D 687 7.77 56.11 -13.13
CA GLY D 687 8.52 57.25 -13.60
C GLY D 687 9.96 57.17 -13.15
N VAL D 688 10.88 57.66 -13.96
CA VAL D 688 12.28 57.55 -13.61
C VAL D 688 12.59 58.21 -12.27
N ASN D 689 11.72 59.14 -11.86
CA ASN D 689 11.92 59.83 -10.60
C ASN D 689 11.63 58.93 -9.41
N ASP D 690 11.58 57.63 -9.69
CA ASP D 690 11.24 56.65 -8.68
C ASP D 690 12.39 55.70 -8.44
N SER D 691 13.27 55.57 -9.42
CA SER D 691 14.41 54.69 -9.28
C SER D 691 15.08 54.80 -7.92
N PRO D 692 15.57 55.99 -7.56
CA PRO D 692 16.38 56.12 -6.34
C PRO D 692 15.64 55.59 -5.13
N ALA D 693 14.32 55.54 -5.24
CA ALA D 693 13.49 55.01 -4.18
C ALA D 693 13.33 53.50 -4.33
N SER D 694 13.23 53.04 -5.57
CA SER D 694 12.94 51.64 -5.83
C SER D 694 14.18 50.75 -5.72
N LYS D 695 15.35 51.34 -5.90
CA LYS D 695 16.58 50.55 -5.85
C LYS D 695 17.05 50.44 -4.40
N LYS D 696 16.64 51.41 -3.58
CA LYS D 696 17.00 51.44 -2.17
C LYS D 696 16.01 50.61 -1.36
N ALA D 697 14.95 50.18 -2.02
CA ALA D 697 13.90 49.43 -1.36
C ALA D 697 14.32 47.98 -1.22
N ASP D 698 14.00 47.40 -0.06
CA ASP D 698 14.22 45.98 0.14
C ASP D 698 13.85 45.25 -1.15
N ILE D 699 12.66 45.54 -1.66
CA ILE D 699 12.27 45.11 -3.00
C ILE D 699 11.55 46.22 -3.74
N GLY D 700 11.99 46.49 -4.96
CA GLY D 700 11.29 47.45 -5.79
C GLY D 700 10.40 46.72 -6.77
N VAL D 701 9.41 47.41 -7.30
CA VAL D 701 8.53 46.82 -8.30
C VAL D 701 8.06 47.83 -9.33
N ALA D 702 8.24 47.48 -10.60
CA ALA D 702 8.03 48.40 -11.69
C ALA D 702 6.77 48.10 -12.50
N MET D 703 6.35 49.10 -13.28
CA MET D 703 5.23 48.96 -14.22
C MET D 703 5.78 48.58 -15.59
N GLY D 704 5.47 47.37 -16.04
CA GLY D 704 6.03 46.85 -17.27
C GLY D 704 5.83 47.75 -18.48
N ILE D 705 4.57 47.98 -18.84
CA ILE D 705 4.27 48.71 -20.05
C ILE D 705 4.62 50.20 -19.93
N ALA D 706 3.93 50.91 -19.05
CA ALA D 706 4.09 52.37 -18.95
C ALA D 706 5.38 52.80 -18.27
N GLY D 707 6.02 51.90 -17.53
CA GLY D 707 7.24 52.23 -16.82
C GLY D 707 8.39 52.60 -17.74
N SER D 708 9.20 53.56 -17.29
CA SER D 708 10.38 53.97 -18.05
C SER D 708 11.50 52.93 -17.95
N ASP D 709 12.54 53.07 -18.78
CA ASP D 709 13.64 52.13 -18.73
C ASP D 709 14.28 52.11 -17.35
N VAL D 710 14.87 53.23 -16.93
CA VAL D 710 15.72 53.23 -15.74
C VAL D 710 15.04 52.78 -14.45
N SER D 711 13.73 52.93 -14.37
CA SER D 711 13.04 52.35 -13.23
C SER D 711 13.04 50.82 -13.36
N LYS D 712 12.79 50.32 -14.57
CA LYS D 712 12.83 48.89 -14.84
C LYS D 712 14.16 48.31 -14.39
N GLN D 713 15.23 49.04 -14.69
CA GLN D 713 16.57 48.57 -14.37
C GLN D 713 16.81 48.47 -12.88
N ALA D 714 16.65 49.58 -12.17
CA ALA D 714 16.92 49.61 -10.74
C ALA D 714 15.91 48.78 -9.96
N ALA D 715 14.94 48.21 -10.67
CA ALA D 715 13.86 47.45 -10.04
C ALA D 715 14.21 45.99 -9.82
N ASP D 716 13.59 45.38 -8.81
CA ASP D 716 13.80 43.97 -8.51
C ASP D 716 12.66 43.11 -9.07
N MET D 717 11.54 43.74 -9.42
CA MET D 717 10.37 43.02 -9.95
C MET D 717 9.73 43.71 -11.15
N ILE D 718 9.13 42.93 -12.04
CA ILE D 718 8.48 43.49 -13.22
C ILE D 718 7.06 42.99 -13.39
N LEU D 719 6.10 43.88 -13.25
CA LEU D 719 4.73 43.53 -13.58
C LEU D 719 4.56 43.70 -15.08
N LEU D 720 4.28 42.60 -15.78
CA LEU D 720 4.24 42.61 -17.24
C LEU D 720 2.94 43.13 -17.82
N ASP D 721 1.87 43.08 -17.04
CA ASP D 721 0.56 43.57 -17.47
C ASP D 721 0.06 44.67 -16.55
N ASP D 722 0.86 44.97 -15.53
CA ASP D 722 0.57 46.05 -14.58
C ASP D 722 -0.57 45.72 -13.63
N ASN D 723 -1.01 44.46 -13.66
CA ASN D 723 -2.05 43.98 -12.75
C ASN D 723 -1.59 44.04 -11.31
N PHE D 724 -1.99 45.09 -10.62
CA PHE D 724 -1.66 45.25 -9.21
C PHE D 724 -2.07 44.02 -8.41
N ALA D 725 -3.27 43.51 -8.66
CA ALA D 725 -3.82 42.39 -7.90
C ALA D 725 -2.83 41.22 -7.77
N SER D 726 -1.85 41.18 -8.66
CA SER D 726 -0.80 40.17 -8.56
C SER D 726 -0.01 40.37 -7.27
N ILE D 727 0.07 41.63 -6.84
CA ILE D 727 0.78 42.01 -5.63
C ILE D 727 0.31 41.20 -4.44
N VAL D 728 -1.01 41.25 -4.24
CA VAL D 728 -1.64 40.45 -3.21
C VAL D 728 -1.26 38.99 -3.41
N THR D 729 -1.55 38.46 -4.60
CA THR D 729 -1.14 37.11 -4.95
C THR D 729 0.33 36.97 -4.61
N GLY D 730 1.08 38.06 -4.73
CA GLY D 730 2.50 38.05 -4.48
C GLY D 730 2.87 37.85 -3.03
N VAL D 731 2.31 38.68 -2.16
CA VAL D 731 2.56 38.58 -0.73
C VAL D 731 2.01 37.27 -0.16
N GLU D 732 0.86 36.83 -0.67
CA GLU D 732 0.31 35.55 -0.27
C GLU D 732 1.35 34.45 -0.54
N GLU D 733 1.71 34.25 -1.81
CA GLU D 733 2.71 33.25 -2.16
C GLU D 733 3.97 33.44 -1.33
N GLY D 734 4.37 34.68 -1.14
CA GLY D 734 5.55 35.00 -0.35
C GLY D 734 5.44 34.46 1.06
N ARG D 735 4.28 34.66 1.68
CA ARG D 735 4.08 34.16 3.03
C ARG D 735 3.90 32.65 3.04
N LEU D 736 3.31 32.10 1.99
CA LEU D 736 3.11 30.65 1.92
C LEU D 736 4.45 29.93 1.79
N ILE D 737 5.27 30.37 0.85
CA ILE D 737 6.55 29.73 0.61
C ILE D 737 7.48 29.87 1.82
N PHE D 738 7.23 30.87 2.64
CA PHE D 738 8.01 31.08 3.85
C PHE D 738 7.86 29.91 4.80
N ASP D 739 6.64 29.67 5.29
CA ASP D 739 6.37 28.56 6.20
C ASP D 739 6.85 27.22 5.64
N ASN D 740 6.39 26.90 4.44
CA ASN D 740 6.78 25.64 3.80
C ASN D 740 8.29 25.46 3.69
N LEU D 741 9.02 26.57 3.71
CA LEU D 741 10.47 26.48 3.77
C LEU D 741 10.90 25.94 5.13
N LYS D 742 10.31 26.47 6.18
CA LYS D 742 10.50 25.95 7.53
C LYS D 742 10.30 24.45 7.51
N LYS D 743 9.08 24.04 7.18
CA LYS D 743 8.71 22.63 7.21
C LYS D 743 9.75 21.75 6.51
N SER D 744 10.39 22.28 5.46
CA SER D 744 11.39 21.53 4.73
C SER D 744 12.75 21.50 5.44
N ILE D 745 13.14 22.61 6.03
CA ILE D 745 14.36 22.61 6.84
C ILE D 745 14.18 21.59 7.95
N ALA D 746 13.01 21.60 8.57
CA ALA D 746 12.68 20.66 9.61
C ALA D 746 12.92 19.22 9.14
N TYR D 747 12.09 18.78 8.21
CA TYR D 747 12.25 17.45 7.64
C TYR D 747 13.72 17.14 7.44
N THR D 748 14.43 17.99 6.72
CA THR D 748 15.82 17.73 6.39
C THR D 748 16.73 17.56 7.61
N LEU D 749 16.71 18.55 8.51
CA LEU D 749 17.61 18.53 9.67
C LEU D 749 17.31 17.38 10.63
N THR D 750 16.06 16.95 10.68
CA THR D 750 15.68 15.81 11.51
C THR D 750 16.47 14.60 11.05
N SER D 751 16.61 14.47 9.73
CA SER D 751 17.34 13.36 9.15
C SER D 751 18.77 13.37 9.66
N ASN D 752 19.22 14.51 10.16
CA ASN D 752 20.61 14.64 10.56
C ASN D 752 20.97 13.88 11.83
N ILE D 753 20.16 13.96 12.87
CA ILE D 753 20.52 13.29 14.13
C ILE D 753 20.81 11.80 14.02
N PRO D 754 20.00 11.06 13.25
CA PRO D 754 20.30 9.63 13.05
C PRO D 754 21.43 9.38 12.04
N GLU D 755 22.07 10.46 11.57
CA GLU D 755 23.23 10.35 10.69
C GLU D 755 24.54 10.56 11.47
N ILE D 756 24.49 11.34 12.54
CA ILE D 756 25.67 11.67 13.34
C ILE D 756 25.95 10.59 14.37
N THR D 757 25.01 10.45 15.31
CA THR D 757 25.15 9.51 16.43
C THR D 757 25.85 8.16 16.10
N PRO D 758 25.50 7.52 14.97
CA PRO D 758 26.14 6.24 14.60
C PRO D 758 27.66 6.35 14.54
N PHE D 759 28.17 7.56 14.43
CA PHE D 759 29.60 7.77 14.29
C PHE D 759 30.15 8.29 15.61
N LEU D 760 29.24 8.66 16.50
CA LEU D 760 29.61 9.22 17.78
C LEU D 760 29.84 8.11 18.77
N ILE D 761 28.77 7.39 19.07
CA ILE D 761 28.86 6.26 19.98
C ILE D 761 29.85 5.23 19.47
N PHE D 762 30.00 5.16 18.15
CA PHE D 762 30.98 4.27 17.55
C PHE D 762 32.30 4.45 18.27
N ILE D 763 32.53 5.67 18.75
CA ILE D 763 33.78 6.05 19.39
C ILE D 763 33.66 5.93 20.91
N ILE D 764 32.43 5.89 21.38
CA ILE D 764 32.16 5.89 22.82
C ILE D 764 32.01 4.48 23.40
N ALA D 765 31.33 3.61 22.66
CA ALA D 765 31.07 2.24 23.11
C ALA D 765 31.85 1.22 22.29
N ASN D 766 32.67 1.72 21.38
CA ASN D 766 33.54 0.87 20.57
C ASN D 766 32.82 -0.30 19.92
N ILE D 767 31.81 0.02 19.12
CA ILE D 767 31.03 -0.99 18.41
C ILE D 767 31.21 -0.81 16.91
N PRO D 768 31.00 -1.88 16.13
CA PRO D 768 31.25 -1.78 14.68
C PRO D 768 30.48 -0.59 14.12
N LEU D 769 30.89 -0.08 12.96
CA LEU D 769 30.27 1.11 12.39
C LEU D 769 28.86 0.87 11.87
N PRO D 770 27.84 1.30 12.64
CA PRO D 770 26.43 1.05 12.30
C PRO D 770 26.08 1.65 10.95
N LEU D 771 26.47 2.90 10.74
CA LEU D 771 26.13 3.60 9.52
C LEU D 771 27.38 4.07 8.78
N GLY D 772 27.49 3.67 7.51
CA GLY D 772 28.61 4.05 6.68
C GLY D 772 28.37 5.35 5.95
N THR D 773 29.44 5.91 5.40
CA THR D 773 29.35 7.21 4.74
C THR D 773 28.56 7.14 3.44
N VAL D 774 28.99 6.28 2.53
CA VAL D 774 28.27 6.09 1.29
C VAL D 774 26.77 6.01 1.55
N THR D 775 26.40 5.59 2.76
CA THR D 775 25.00 5.52 3.13
C THR D 775 24.38 6.91 3.27
N ILE D 776 24.92 7.73 4.16
CA ILE D 776 24.41 9.08 4.38
C ILE D 776 24.11 9.81 3.08
N LEU D 777 25.05 9.75 2.13
CA LEU D 777 24.86 10.39 0.83
C LEU D 777 23.70 9.80 0.04
N CYS D 778 23.16 8.69 0.51
CA CYS D 778 22.00 8.10 -0.15
C CYS D 778 20.71 8.50 0.55
N ILE D 779 20.83 9.46 1.46
CA ILE D 779 19.68 10.03 2.14
C ILE D 779 19.64 11.52 1.87
N ASP D 780 20.67 12.24 2.31
CA ASP D 780 20.75 13.69 2.07
C ASP D 780 20.57 14.07 0.59
N LEU D 781 20.81 13.12 -0.32
CA LEU D 781 20.62 13.37 -1.77
C LEU D 781 19.92 12.23 -2.52
N GLY D 782 19.64 11.14 -1.81
CA GLY D 782 18.98 10.01 -2.43
C GLY D 782 17.47 10.05 -2.24
N THR D 783 17.07 9.79 -1.01
CA THR D 783 15.67 9.67 -0.69
C THR D 783 15.15 10.94 -0.03
N ASP D 784 16.03 11.68 0.63
CA ASP D 784 15.67 12.92 1.30
C ASP D 784 15.77 14.14 0.39
N MET D 785 15.56 13.93 -0.90
CA MET D 785 15.59 15.02 -1.86
C MET D 785 14.22 15.24 -2.45
N VAL D 786 13.52 14.14 -2.73
CA VAL D 786 12.17 14.25 -3.24
C VAL D 786 11.25 14.83 -2.19
N PRO D 787 11.15 14.16 -1.02
CA PRO D 787 10.20 14.60 0.03
C PRO D 787 10.32 16.08 0.30
N ALA D 788 11.53 16.54 0.60
CA ALA D 788 11.76 17.95 0.91
C ALA D 788 11.07 18.84 -0.10
N ILE D 789 11.54 18.78 -1.34
CA ILE D 789 10.97 19.55 -2.44
C ILE D 789 9.44 19.50 -2.46
N SER D 790 8.90 18.31 -2.20
CA SER D 790 7.46 18.13 -2.22
C SER D 790 6.82 19.03 -1.19
N LEU D 791 7.57 19.43 -0.18
CA LEU D 791 6.99 20.24 0.87
C LEU D 791 6.69 21.65 0.39
N ALA D 792 7.29 22.03 -0.73
CA ALA D 792 7.04 23.34 -1.32
C ALA D 792 5.54 23.55 -1.52
N TYR D 793 4.83 22.45 -1.77
CA TYR D 793 3.45 22.52 -2.22
C TYR D 793 2.42 22.37 -1.09
N GLU D 794 2.82 22.60 0.15
CA GLU D 794 1.84 22.60 1.23
C GLU D 794 0.99 23.88 1.12
N GLN D 795 -0.28 23.79 1.51
CA GLN D 795 -1.15 24.96 1.47
C GLN D 795 -1.04 25.70 2.80
N ALA D 796 -2.02 26.56 3.08
CA ALA D 796 -2.00 27.31 4.32
C ALA D 796 -2.81 26.61 5.41
N GLU D 797 -2.21 26.46 6.59
CA GLU D 797 -2.91 25.85 7.72
C GLU D 797 -3.93 26.82 8.33
N SER D 798 -4.21 27.90 7.60
CA SER D 798 -5.18 28.91 8.01
C SER D 798 -5.19 29.99 6.93
N ASP D 799 -6.00 31.02 7.11
CA ASP D 799 -5.91 32.16 6.22
C ASP D 799 -4.73 33.00 6.66
N ILE D 800 -3.73 33.09 5.79
CA ILE D 800 -2.53 33.82 6.16
C ILE D 800 -2.65 35.31 5.87
N MET D 801 -3.40 35.65 4.82
CA MET D 801 -3.63 37.06 4.54
C MET D 801 -4.24 37.72 5.77
N LYS D 802 -4.78 36.88 6.64
CA LYS D 802 -5.49 37.35 7.82
C LYS D 802 -4.55 37.66 8.99
N ARG D 803 -3.25 37.54 8.77
CA ARG D 803 -2.28 37.76 9.85
C ARG D 803 -1.27 38.85 9.51
N GLN D 804 -0.77 39.52 10.55
CA GLN D 804 0.17 40.61 10.39
C GLN D 804 1.46 40.16 9.73
N PRO D 805 2.21 41.11 9.13
CA PRO D 805 3.51 40.76 8.55
C PRO D 805 4.49 40.35 9.64
N ARG D 806 5.30 39.33 9.37
CA ARG D 806 6.28 38.87 10.34
C ARG D 806 7.21 39.99 10.77
N ASN D 807 7.61 39.97 12.04
CA ASN D 807 8.61 40.91 12.53
C ASN D 807 10.00 40.40 12.18
N PRO D 808 10.58 40.93 11.09
CA PRO D 808 11.83 40.42 10.53
C PRO D 808 12.92 40.19 11.59
N LYS D 809 12.86 40.95 12.68
CA LYS D 809 13.91 40.91 13.70
C LYS D 809 13.65 39.83 14.73
N THR D 810 12.42 39.32 14.78
CA THR D 810 12.00 38.40 15.84
C THR D 810 11.66 36.98 15.38
N ASP D 811 10.82 36.89 14.35
CA ASP D 811 10.34 35.59 13.87
C ASP D 811 11.25 35.05 12.78
N LYS D 812 12.37 34.48 13.18
CA LYS D 812 13.37 33.99 12.23
C LYS D 812 12.86 32.77 11.45
N LEU D 813 13.54 32.43 10.38
CA LEU D 813 13.13 31.33 9.52
C LEU D 813 13.55 30.02 10.13
N VAL D 814 14.69 30.01 10.80
CA VAL D 814 15.15 28.84 11.52
C VAL D 814 15.50 29.25 12.94
N ASN D 815 14.48 29.32 13.78
CA ASN D 815 14.65 29.72 15.16
C ASN D 815 14.97 28.53 16.04
N GLU D 816 15.38 28.83 17.27
CA GLU D 816 15.84 27.82 18.21
C GLU D 816 14.77 26.76 18.52
N GLN D 817 13.51 27.16 18.47
CA GLN D 817 12.39 26.27 18.70
C GLN D 817 12.35 25.12 17.71
N LEU D 818 12.60 25.41 16.43
CA LEU D 818 12.61 24.35 15.41
C LEU D 818 13.81 23.43 15.59
N ILE D 819 14.88 23.98 16.14
CA ILE D 819 16.05 23.17 16.40
C ILE D 819 15.72 22.08 17.40
N SER D 820 15.09 22.44 18.51
CA SER D 820 14.84 21.52 19.60
C SER D 820 13.74 20.50 19.34
N MET D 821 13.27 20.44 18.11
CA MET D 821 12.31 19.41 17.72
C MET D 821 12.97 18.36 16.82
N ALA D 822 13.59 18.81 15.73
CA ALA D 822 14.27 17.91 14.81
C ALA D 822 15.50 17.27 15.44
N TYR D 823 16.20 18.05 16.27
CA TYR D 823 17.40 17.56 16.94
C TYR D 823 17.08 16.91 18.28
N GLY D 824 16.52 17.69 19.20
CA GLY D 824 16.32 17.22 20.56
C GLY D 824 15.08 16.36 20.80
N GLN D 825 14.31 16.09 19.77
CA GLN D 825 13.09 15.31 19.96
C GLN D 825 12.82 14.24 18.88
N ILE D 826 12.50 14.67 17.67
CA ILE D 826 12.15 13.71 16.61
C ILE D 826 13.33 12.89 16.08
N GLY D 827 14.41 13.58 15.73
CA GLY D 827 15.60 12.92 15.26
C GLY D 827 16.00 11.84 16.24
N MET D 828 15.83 12.14 17.52
CA MET D 828 16.18 11.21 18.58
C MET D 828 15.42 9.90 18.41
N ILE D 829 14.10 9.99 18.25
CA ILE D 829 13.31 8.80 18.01
C ILE D 829 13.70 8.18 16.68
N GLN D 830 14.16 9.01 15.76
CA GLN D 830 14.62 8.51 14.48
C GLN D 830 15.96 7.80 14.61
N ALA D 831 16.75 8.18 15.60
CA ALA D 831 18.04 7.56 15.84
C ALA D 831 17.85 6.17 16.42
N LEU D 832 17.02 6.10 17.46
CA LEU D 832 16.77 4.86 18.16
C LEU D 832 16.17 3.82 17.22
N GLY D 833 15.33 4.27 16.30
CA GLY D 833 14.80 3.36 15.30
C GLY D 833 15.96 2.81 14.47
N GLY D 834 17.00 3.63 14.33
CA GLY D 834 18.16 3.25 13.55
C GLY D 834 18.97 2.15 14.19
N PHE D 835 19.24 2.29 15.48
CA PHE D 835 20.02 1.29 16.20
C PHE D 835 19.25 0.01 16.44
N PHE D 836 17.94 0.12 16.61
CA PHE D 836 17.14 -1.06 16.82
C PHE D 836 17.37 -2.01 15.66
N THR D 837 17.20 -1.51 14.45
CA THR D 837 17.46 -2.31 13.27
C THR D 837 18.90 -2.86 13.29
N TYR D 838 19.82 -2.07 13.84
CA TYR D 838 21.23 -2.43 13.95
C TYR D 838 21.43 -3.72 14.74
N PHE D 839 21.07 -3.68 16.01
CA PHE D 839 21.25 -4.82 16.90
C PHE D 839 20.47 -6.04 16.41
N VAL D 840 19.37 -5.79 15.71
CA VAL D 840 18.61 -6.89 15.12
C VAL D 840 19.48 -7.67 14.17
N ILE D 841 19.93 -7.01 13.11
CA ILE D 841 20.72 -7.66 12.07
C ILE D 841 21.92 -8.39 12.64
N LEU D 842 22.61 -7.77 13.58
CA LEU D 842 23.75 -8.43 14.21
C LEU D 842 23.31 -9.61 15.07
N ALA D 843 22.32 -9.39 15.93
CA ALA D 843 21.85 -10.42 16.85
C ALA D 843 21.41 -11.69 16.13
N GLU D 844 20.56 -11.53 15.13
CA GLU D 844 20.08 -12.66 14.36
C GLU D 844 21.24 -13.33 13.63
N ASN D 845 22.33 -12.60 13.45
CA ASN D 845 23.50 -13.13 12.78
C ASN D 845 24.62 -13.52 13.75
N GLY D 846 24.28 -13.58 15.03
CA GLY D 846 25.15 -14.22 16.00
C GLY D 846 26.03 -13.33 16.84
N PHE D 847 25.67 -12.06 16.97
CA PHE D 847 26.44 -11.15 17.80
C PHE D 847 25.50 -10.36 18.69
N LEU D 848 25.28 -10.84 19.91
CA LEU D 848 24.39 -10.17 20.83
C LEU D 848 24.88 -8.75 21.14
N PRO D 849 23.96 -7.90 21.65
CA PRO D 849 24.29 -6.50 21.96
C PRO D 849 25.44 -6.44 22.95
N ILE D 850 25.15 -6.92 24.15
CA ILE D 850 26.13 -7.02 25.21
C ILE D 850 27.57 -7.29 24.71
N HIS D 851 27.75 -8.38 23.96
CA HIS D 851 29.07 -8.76 23.43
C HIS D 851 29.63 -7.73 22.46
N LEU D 852 28.82 -6.75 22.05
CA LEU D 852 29.21 -5.80 21.00
C LEU D 852 30.02 -4.60 21.48
N LEU D 853 30.22 -4.51 22.79
CA LEU D 853 31.01 -3.42 23.35
C LEU D 853 32.51 -3.65 23.18
N GLY D 854 33.19 -2.67 22.61
CA GLY D 854 34.64 -2.72 22.49
C GLY D 854 35.14 -3.66 21.41
N LEU D 855 34.25 -4.04 20.49
CA LEU D 855 34.60 -4.99 19.43
C LEU D 855 35.33 -4.32 18.30
N ARG D 856 34.90 -3.10 17.96
CA ARG D 856 35.43 -2.41 16.80
C ARG D 856 36.91 -2.69 16.59
N VAL D 857 37.68 -2.62 17.66
CA VAL D 857 39.13 -2.84 17.57
C VAL D 857 39.42 -4.09 16.74
N ASN D 858 39.17 -5.25 17.32
CA ASN D 858 39.33 -6.50 16.60
C ASN D 858 38.43 -6.56 15.37
N TRP D 859 37.21 -6.06 15.50
CA TRP D 859 36.26 -6.11 14.40
C TRP D 859 36.96 -5.56 13.14
N ASP D 860 37.33 -4.28 13.19
CA ASP D 860 37.97 -3.62 12.05
C ASP D 860 39.41 -4.09 11.81
N ASP D 861 39.90 -4.98 12.66
CA ASP D 861 41.18 -5.62 12.42
C ASP D 861 41.08 -6.43 11.13
N ARG D 862 41.97 -6.15 10.17
CA ARG D 862 41.92 -6.83 8.88
C ARG D 862 42.81 -8.06 8.83
N TRP D 863 43.33 -8.45 9.99
CA TRP D 863 44.19 -9.61 10.06
C TRP D 863 43.44 -10.75 10.73
N ILE D 864 42.97 -10.51 11.95
CA ILE D 864 42.16 -11.50 12.62
C ILE D 864 41.13 -12.00 11.64
N ASN D 865 41.29 -13.23 11.15
CA ASN D 865 40.28 -13.80 10.28
C ASN D 865 39.46 -14.85 11.01
N ASP D 866 39.46 -14.76 12.34
CA ASP D 866 38.69 -15.67 13.17
C ASP D 866 38.17 -14.96 14.42
N VAL D 867 37.48 -13.84 14.24
CA VAL D 867 36.87 -13.17 15.39
C VAL D 867 35.67 -13.95 15.87
N GLU D 868 35.50 -14.04 17.18
CA GLU D 868 34.50 -14.91 17.76
C GLU D 868 33.22 -14.17 18.14
N ASP D 869 32.10 -14.75 17.74
CA ASP D 869 30.79 -14.21 18.08
C ASP D 869 30.39 -14.64 19.47
N SER D 870 29.11 -14.47 19.80
CA SER D 870 28.60 -14.85 21.11
C SER D 870 28.11 -16.29 21.09
N TYR D 871 28.25 -16.93 19.93
CA TYR D 871 27.85 -18.32 19.76
C TYR D 871 29.08 -19.21 19.61
N GLY D 872 30.25 -18.59 19.63
CA GLY D 872 31.49 -19.33 19.51
C GLY D 872 31.91 -19.58 18.08
N GLN D 873 31.07 -19.21 17.13
CA GLN D 873 31.45 -19.31 15.72
C GLN D 873 32.54 -18.30 15.42
N GLN D 874 33.25 -18.50 14.30
CA GLN D 874 34.41 -17.68 13.96
C GLN D 874 34.31 -17.05 12.56
N TRP D 875 34.54 -15.76 12.46
CA TRP D 875 34.32 -15.02 11.22
C TRP D 875 35.62 -14.49 10.61
N THR D 876 35.75 -14.61 9.29
CA THR D 876 36.90 -14.05 8.58
C THR D 876 36.82 -12.54 8.62
N TYR D 877 37.70 -11.87 7.88
CA TYR D 877 37.60 -10.42 7.77
C TYR D 877 36.35 -10.10 6.98
N GLU D 878 36.38 -10.44 5.69
CA GLU D 878 35.32 -10.05 4.77
C GLU D 878 33.92 -10.51 5.16
N GLN D 879 33.81 -11.69 5.75
CA GLN D 879 32.49 -12.22 6.12
C GLN D 879 31.74 -11.30 7.09
N ARG D 880 32.35 -11.01 8.24
CA ARG D 880 31.73 -10.12 9.22
C ARG D 880 31.46 -8.73 8.60
N LYS D 881 32.33 -8.32 7.69
CA LYS D 881 32.18 -7.05 7.01
C LYS D 881 30.89 -7.03 6.22
N ILE D 882 30.65 -8.10 5.46
CA ILE D 882 29.44 -8.20 4.67
C ILE D 882 28.23 -7.97 5.57
N VAL D 883 28.36 -8.29 6.86
CA VAL D 883 27.29 -7.99 7.79
C VAL D 883 27.26 -6.52 8.18
N GLU D 884 28.43 -5.94 8.44
CA GLU D 884 28.53 -4.51 8.72
C GLU D 884 27.83 -3.72 7.62
N PHE D 885 28.25 -3.98 6.38
CA PHE D 885 27.68 -3.28 5.24
C PHE D 885 26.20 -3.61 5.04
N THR D 886 25.80 -4.85 5.32
CA THR D 886 24.39 -5.19 5.29
C THR D 886 23.71 -4.64 6.53
N CYS D 887 24.51 -4.12 7.46
CA CYS D 887 23.94 -3.45 8.61
C CYS D 887 23.90 -1.95 8.34
N HIS D 888 24.64 -1.52 7.32
CA HIS D 888 24.56 -0.15 6.85
C HIS D 888 23.27 0.00 6.08
N THR D 889 23.07 -0.90 5.13
CA THR D 889 21.93 -0.83 4.24
C THR D 889 20.57 -0.66 4.93
N PRO D 890 20.31 -1.45 5.97
CA PRO D 890 18.99 -1.34 6.60
C PRO D 890 18.84 -0.07 7.46
N PHE D 891 19.95 0.37 8.06
CA PHE D 891 19.95 1.64 8.78
C PHE D 891 19.47 2.66 7.79
N PHE D 892 19.91 2.49 6.55
CA PHE D 892 19.50 3.35 5.44
C PHE D 892 18.02 3.17 5.12
N VAL D 893 17.57 1.92 4.96
CA VAL D 893 16.15 1.68 4.76
C VAL D 893 15.43 2.24 5.97
N THR D 894 15.78 1.73 7.15
CA THR D 894 15.13 2.14 8.38
C THR D 894 14.93 3.65 8.46
N ILE D 895 15.97 4.44 8.16
CA ILE D 895 15.82 5.89 8.14
C ILE D 895 14.65 6.27 7.26
N VAL D 896 14.70 5.85 6.01
CA VAL D 896 13.60 6.10 5.08
C VAL D 896 12.24 5.86 5.73
N VAL D 897 12.12 4.77 6.49
CA VAL D 897 10.83 4.47 7.12
C VAL D 897 10.47 5.47 8.20
N VAL D 898 11.45 6.16 8.77
CA VAL D 898 11.11 7.23 9.71
C VAL D 898 10.97 8.58 9.02
N GLN D 899 11.46 8.66 7.79
CA GLN D 899 11.23 9.86 6.97
C GLN D 899 9.86 9.79 6.32
N TRP D 900 9.26 8.61 6.33
CA TRP D 900 7.84 8.50 6.02
C TRP D 900 7.18 9.37 7.07
N ALA D 901 7.30 8.95 8.33
CA ALA D 901 6.66 9.64 9.45
C ALA D 901 6.99 11.14 9.50
N ASP D 902 8.27 11.47 9.51
CA ASP D 902 8.66 12.87 9.61
C ASP D 902 7.96 13.69 8.53
N LEU D 903 7.95 13.17 7.31
CA LEU D 903 7.39 13.89 6.16
C LEU D 903 5.93 14.30 6.33
N VAL D 904 5.21 13.57 7.16
CA VAL D 904 3.79 13.85 7.34
C VAL D 904 3.54 14.78 8.52
N ILE D 905 4.27 14.57 9.61
CA ILE D 905 4.14 15.44 10.77
C ILE D 905 4.72 16.82 10.47
N CYS D 906 5.51 16.90 9.40
CA CYS D 906 6.10 18.18 9.02
C CYS D 906 5.26 18.88 7.96
N LYS D 907 4.41 18.15 7.26
CA LYS D 907 3.47 18.75 6.32
C LYS D 907 2.62 19.83 6.99
N THR D 908 2.52 19.75 8.32
CA THR D 908 1.72 20.70 9.09
C THR D 908 2.56 21.36 10.20
N ARG D 909 1.98 22.34 10.88
CA ARG D 909 2.66 22.99 11.99
C ARG D 909 1.81 22.97 13.25
N ARG D 910 0.50 23.09 13.07
CA ARG D 910 -0.43 23.19 14.19
C ARG D 910 -1.68 22.37 13.90
N ASN D 911 -2.01 22.26 12.61
CA ASN D 911 -3.19 21.50 12.20
C ASN D 911 -2.91 20.02 12.19
N SER D 912 -3.86 19.23 12.69
CA SER D 912 -3.72 17.78 12.68
C SER D 912 -3.81 17.27 11.24
N VAL D 913 -3.09 16.19 10.95
CA VAL D 913 -3.06 15.62 9.61
C VAL D 913 -4.45 15.25 9.13
N PHE D 914 -5.35 14.99 10.07
CA PHE D 914 -6.72 14.71 9.70
C PHE D 914 -7.40 15.99 9.23
N GLN D 915 -7.02 17.11 9.85
CA GLN D 915 -7.60 18.40 9.51
C GLN D 915 -7.13 18.86 8.14
N GLN D 916 -5.82 18.72 7.90
CA GLN D 916 -5.23 19.16 6.64
C GLN D 916 -5.24 18.03 5.60
N GLY D 917 -5.71 16.86 6.00
CA GLY D 917 -5.82 15.71 5.11
C GLY D 917 -4.59 15.49 4.25
N MET D 918 -4.77 14.81 3.11
CA MET D 918 -3.65 14.56 2.22
C MET D 918 -3.92 15.07 0.81
N LYS D 919 -3.97 16.39 0.68
CA LYS D 919 -4.26 17.03 -0.59
C LYS D 919 -3.00 17.05 -1.46
N ASN D 920 -1.86 17.24 -0.84
CA ASN D 920 -0.61 17.34 -1.58
C ASN D 920 -0.34 16.07 -2.37
N LYS D 921 -0.34 16.19 -3.70
CA LYS D 921 -0.17 15.04 -4.58
C LYS D 921 1.29 14.69 -4.84
N ILE D 922 2.16 15.68 -4.72
CA ILE D 922 3.58 15.43 -4.89
C ILE D 922 4.07 14.71 -3.66
N LEU D 923 3.89 15.33 -2.49
CA LEU D 923 4.36 14.75 -1.24
C LEU D 923 4.03 13.27 -1.18
N ILE D 924 2.93 12.89 -1.81
CA ILE D 924 2.51 11.51 -1.85
C ILE D 924 3.47 10.67 -2.68
N PHE D 925 3.58 11.00 -3.96
CA PHE D 925 4.46 10.28 -4.88
C PHE D 925 5.90 10.16 -4.36
N GLY D 926 6.31 11.08 -3.50
CA GLY D 926 7.65 11.07 -2.94
C GLY D 926 7.89 9.87 -2.06
N LEU D 927 6.91 9.51 -1.24
CA LEU D 927 7.03 8.32 -0.42
C LEU D 927 7.30 7.09 -1.28
N PHE D 928 6.53 6.94 -2.36
CA PHE D 928 6.70 5.83 -3.28
C PHE D 928 8.08 5.82 -3.92
N GLU D 929 8.58 6.98 -4.31
CA GLU D 929 9.90 7.05 -4.94
C GLU D 929 11.03 6.95 -3.93
N GLU D 930 10.93 7.72 -2.86
CA GLU D 930 11.88 7.59 -1.74
C GLU D 930 12.03 6.13 -1.32
N THR D 931 10.91 5.42 -1.28
CA THR D 931 10.92 4.00 -0.96
C THR D 931 11.50 3.19 -2.12
N ALA D 932 10.81 3.21 -3.25
CA ALA D 932 11.26 2.47 -4.42
C ALA D 932 12.76 2.62 -4.63
N LEU D 933 13.31 3.75 -4.22
CA LEU D 933 14.72 4.01 -4.39
C LEU D 933 15.54 3.18 -3.42
N ALA D 934 15.22 3.27 -2.13
CA ALA D 934 15.89 2.46 -1.13
C ALA D 934 15.87 0.98 -1.52
N ALA D 935 14.66 0.45 -1.66
CA ALA D 935 14.49 -0.89 -2.20
C ALA D 935 15.45 -1.16 -3.35
N PHE D 936 15.51 -0.27 -4.33
CA PHE D 936 16.38 -0.50 -5.48
C PHE D 936 17.86 -0.50 -5.12
N LEU D 937 18.26 0.47 -4.30
CA LEU D 937 19.65 0.58 -3.85
C LEU D 937 20.07 -0.61 -3.02
N SER D 938 19.16 -1.56 -2.84
CA SER D 938 19.46 -2.76 -2.07
C SER D 938 19.56 -4.00 -2.96
N TYR D 939 18.44 -4.40 -3.54
CA TYR D 939 18.45 -5.59 -4.37
C TYR D 939 18.93 -5.26 -5.77
N CYS D 940 20.08 -4.62 -5.87
CA CYS D 940 20.59 -4.31 -7.19
C CYS D 940 21.85 -5.08 -7.48
N PRO D 941 21.82 -5.85 -8.56
CA PRO D 941 22.92 -6.72 -8.99
C PRO D 941 24.20 -5.91 -9.22
N GLY D 942 25.01 -5.75 -8.18
CA GLY D 942 26.25 -5.01 -8.28
C GLY D 942 26.39 -3.89 -7.26
N MET D 943 25.27 -3.31 -6.85
CA MET D 943 25.27 -2.25 -5.85
C MET D 943 26.04 -2.69 -4.61
N GLY D 944 26.01 -3.99 -4.35
CA GLY D 944 26.76 -4.55 -3.24
C GLY D 944 28.23 -4.20 -3.31
N VAL D 945 28.64 -3.67 -4.45
CA VAL D 945 30.04 -3.32 -4.65
C VAL D 945 30.18 -1.84 -4.97
N ALA D 946 29.33 -1.35 -5.85
CA ALA D 946 29.36 0.05 -6.25
C ALA D 946 29.02 0.97 -5.08
N LEU D 947 28.22 0.46 -4.15
CA LEU D 947 27.83 1.24 -2.99
C LEU D 947 27.86 0.41 -1.71
N ARG D 948 28.46 -0.77 -1.77
CA ARG D 948 28.48 -1.67 -0.63
C ARG D 948 27.08 -1.77 -0.04
N MET D 949 26.09 -1.83 -0.93
CA MET D 949 24.70 -2.02 -0.51
C MET D 949 24.32 -3.48 -0.74
N TYR D 950 23.94 -4.15 0.34
CA TYR D 950 23.54 -5.54 0.25
C TYR D 950 22.06 -5.66 0.51
N PRO D 951 21.44 -6.69 -0.06
CA PRO D 951 19.99 -6.94 0.03
C PRO D 951 19.52 -7.12 1.47
N LEU D 952 18.23 -6.90 1.70
CA LEU D 952 17.69 -7.05 3.05
C LEU D 952 16.66 -8.19 3.15
N LYS D 953 16.73 -8.95 4.23
CA LYS D 953 15.79 -10.04 4.48
C LYS D 953 14.39 -9.53 4.82
N PRO D 954 13.36 -10.32 4.51
CA PRO D 954 11.98 -9.93 4.85
C PRO D 954 11.88 -9.24 6.20
N THR D 955 12.21 -9.98 7.26
CA THR D 955 12.10 -9.47 8.62
C THR D 955 12.89 -8.18 8.88
N TRP D 956 13.65 -7.72 7.89
CA TRP D 956 14.49 -6.54 8.04
C TRP D 956 13.71 -5.22 8.03
N TRP D 957 12.87 -5.04 7.01
CA TRP D 957 12.23 -3.76 6.80
C TRP D 957 11.44 -3.31 8.02
N PHE D 958 10.76 -4.27 8.63
CA PHE D 958 9.81 -3.94 9.67
C PHE D 958 10.51 -3.62 10.99
N CYS D 959 11.79 -3.27 10.93
CA CYS D 959 12.53 -3.00 12.15
C CYS D 959 12.23 -1.62 12.69
N ALA D 960 11.95 -0.69 11.80
CA ALA D 960 11.72 0.70 12.19
C ALA D 960 10.25 0.93 12.50
N PHE D 961 9.41 0.10 11.91
CA PHE D 961 7.98 0.29 12.02
C PHE D 961 7.55 0.81 13.38
N PRO D 962 7.77 0.01 14.44
CA PRO D 962 7.26 0.41 15.76
C PRO D 962 7.72 1.80 16.15
N TYR D 963 8.87 2.22 15.64
CA TYR D 963 9.36 3.56 15.94
C TYR D 963 8.69 4.61 15.07
N SER D 964 8.69 4.37 13.77
CA SER D 964 8.10 5.32 12.82
C SER D 964 6.70 5.74 13.24
N LEU D 965 5.88 4.75 13.61
CA LEU D 965 4.55 5.04 14.07
C LEU D 965 4.57 5.81 15.37
N LEU D 966 5.54 5.54 16.24
CA LEU D 966 5.64 6.33 17.47
C LEU D 966 5.74 7.80 17.13
N ILE D 967 6.66 8.13 16.23
CA ILE D 967 6.84 9.51 15.83
C ILE D 967 5.50 10.12 15.44
N PHE D 968 4.91 9.62 14.36
CA PHE D 968 3.61 10.10 13.91
C PHE D 968 2.71 10.53 15.06
N VAL D 969 2.59 9.66 16.04
CA VAL D 969 1.73 9.92 17.18
C VAL D 969 2.25 11.07 18.02
N TYR D 970 3.49 10.94 18.51
CA TYR D 970 4.05 11.94 19.40
C TYR D 970 3.79 13.34 18.89
N ASP D 971 3.84 13.51 17.57
CA ASP D 971 3.65 14.82 16.97
C ASP D 971 2.17 15.18 16.85
N GLU D 972 1.34 14.23 16.44
CA GLU D 972 -0.07 14.49 16.32
C GLU D 972 -0.64 14.92 17.67
N VAL D 973 -0.25 14.20 18.72
CA VAL D 973 -0.61 14.55 20.08
C VAL D 973 -0.11 15.93 20.49
N ARG D 974 1.19 16.16 20.34
CA ARG D 974 1.78 17.44 20.67
C ARG D 974 1.03 18.61 20.02
N LYS D 975 0.68 18.43 18.76
CA LYS D 975 -0.01 19.48 18.02
C LYS D 975 -1.43 19.69 18.53
N LEU D 976 -2.11 18.60 18.86
CA LEU D 976 -3.43 18.71 19.47
C LEU D 976 -3.32 19.56 20.73
N ILE D 977 -2.22 19.44 21.46
CA ILE D 977 -2.08 20.22 22.69
C ILE D 977 -1.85 21.69 22.35
N ILE D 978 -1.04 21.95 21.33
CA ILE D 978 -0.84 23.31 20.86
C ILE D 978 -2.16 23.96 20.49
N ARG D 979 -3.03 23.21 19.82
CA ARG D 979 -4.34 23.72 19.46
C ARG D 979 -5.19 24.03 20.70
N ARG D 980 -5.33 23.08 21.60
CA ARG D 980 -6.13 23.26 22.80
C ARG D 980 -5.61 24.40 23.68
N ARG D 981 -4.31 24.39 23.94
CA ARG D 981 -3.70 25.46 24.74
C ARG D 981 -2.80 26.36 23.91
N PRO D 982 -3.38 27.35 23.24
CA PRO D 982 -2.61 28.30 22.44
C PRO D 982 -1.98 29.34 23.36
N GLY D 983 -1.16 28.88 24.30
CA GLY D 983 -0.45 29.78 25.18
C GLY D 983 0.82 30.24 24.51
N GLY D 984 1.94 29.61 24.84
CA GLY D 984 1.95 28.53 25.81
C GLY D 984 3.28 27.84 25.90
N TRP D 985 3.45 27.01 26.93
CA TRP D 985 4.70 26.28 27.13
C TRP D 985 4.74 25.10 26.19
N VAL D 986 3.67 24.94 25.43
CA VAL D 986 3.53 23.85 24.48
C VAL D 986 3.83 24.37 23.10
N GLU D 987 3.38 25.60 22.83
CA GLU D 987 3.56 26.22 21.53
C GLU D 987 4.81 27.08 21.50
N LYS D 988 4.97 27.93 22.50
CA LYS D 988 6.13 28.82 22.54
C LYS D 988 7.40 28.08 22.93
N GLU D 989 7.32 26.75 22.96
CA GLU D 989 8.47 25.92 23.27
C GLU D 989 8.79 24.96 22.13
N THR D 990 7.74 24.41 21.53
CA THR D 990 7.88 23.37 20.52
C THR D 990 7.34 23.82 19.18
N TYR D 991 6.41 24.75 19.21
CA TYR D 991 5.76 25.23 18.00
C TYR D 991 6.77 26.00 17.15
N TYR D 992 7.33 25.34 16.13
CA TYR D 992 8.33 25.91 15.23
C TYR D 992 8.26 27.42 15.11
N ARG E 1 18.99 33.85 26.11
CA ARG E 1 19.23 33.83 27.56
C ARG E 1 17.93 33.95 28.35
N THR E 2 17.25 32.82 28.51
CA THR E 2 15.97 32.80 29.21
C THR E 2 16.08 32.27 30.64
N GLY E 3 15.28 32.82 31.55
CA GLY E 3 15.32 32.36 32.94
C GLY E 3 13.99 31.88 33.48
N GLY E 4 14.03 31.07 34.53
CA GLY E 4 12.83 30.59 35.18
C GLY E 4 12.08 29.53 34.40
N SER E 5 12.38 29.43 33.12
CA SER E 5 11.75 28.44 32.25
C SER E 5 12.71 27.29 32.01
N TRP E 6 13.95 27.44 32.47
CA TRP E 6 14.94 26.39 32.33
C TRP E 6 14.43 25.08 32.92
N PHE E 7 13.76 25.18 34.05
CA PHE E 7 13.23 24.00 34.72
C PHE E 7 12.14 23.35 33.87
N LYS E 8 11.54 24.14 32.99
CA LYS E 8 10.50 23.64 32.09
C LYS E 8 11.08 22.78 30.97
N ILE E 9 12.27 23.16 30.49
CA ILE E 9 13.00 22.36 29.51
C ILE E 9 13.58 21.10 30.16
N LEU E 10 14.36 21.28 31.21
CA LEU E 10 15.00 20.16 31.92
C LEU E 10 14.00 19.06 32.23
N LEU E 11 12.91 19.42 32.92
CA LEU E 11 11.89 18.45 33.29
C LEU E 11 11.28 17.77 32.07
N PHE E 12 11.19 18.50 30.97
CA PHE E 12 10.63 17.96 29.74
C PHE E 12 11.53 16.85 29.19
N TYR E 13 12.74 17.19 28.77
CA TYR E 13 13.66 16.19 28.23
C TYR E 13 13.87 15.03 29.19
N VAL E 14 14.13 15.35 30.45
CA VAL E 14 14.33 14.31 31.44
C VAL E 14 13.34 13.18 31.26
N ILE E 15 12.05 13.51 31.31
CA ILE E 15 11.00 12.50 31.12
C ILE E 15 10.51 12.46 29.67
N PHE E 16 11.44 12.63 28.73
CA PHE E 16 11.13 12.44 27.31
C PHE E 16 12.19 11.53 26.72
N TYR E 17 13.44 11.97 26.80
CA TYR E 17 14.54 11.07 26.54
C TYR E 17 14.34 9.89 27.48
N GLY E 18 13.79 10.18 28.65
CA GLY E 18 13.52 9.16 29.66
C GLY E 18 12.61 8.06 29.16
N CYS E 19 11.53 8.44 28.48
CA CYS E 19 10.61 7.46 27.92
C CYS E 19 11.08 6.93 26.55
N LEU E 20 11.68 7.81 25.74
CA LEU E 20 12.30 7.39 24.48
C LEU E 20 13.32 6.31 24.76
N ALA E 21 14.11 6.50 25.81
CA ALA E 21 15.08 5.49 26.24
C ALA E 21 14.34 4.26 26.72
N GLY E 22 13.18 4.47 27.33
CA GLY E 22 12.34 3.38 27.77
C GLY E 22 11.93 2.50 26.60
N ILE E 23 11.42 3.12 25.53
CA ILE E 23 10.94 2.38 24.38
C ILE E 23 12.06 1.71 23.61
N PHE E 24 13.16 2.42 23.45
CA PHE E 24 14.30 1.86 22.74
C PHE E 24 14.83 0.61 23.42
N ILE E 25 14.80 0.62 24.75
CA ILE E 25 15.20 -0.55 25.52
C ILE E 25 14.11 -1.61 25.47
N GLY E 26 12.87 -1.17 25.68
CA GLY E 26 11.73 -2.06 25.61
C GLY E 26 11.87 -3.00 24.44
N THR E 27 11.84 -2.45 23.24
CA THR E 27 11.94 -3.25 22.03
C THR E 27 13.20 -4.10 22.05
N ILE E 28 14.33 -3.48 22.39
CA ILE E 28 15.58 -4.20 22.44
C ILE E 28 15.39 -5.51 23.21
N GLN E 29 14.71 -5.42 24.35
CA GLN E 29 14.47 -6.56 25.23
C GLN E 29 13.62 -7.67 24.59
N VAL E 30 12.73 -7.27 23.70
CA VAL E 30 11.83 -8.22 23.08
C VAL E 30 12.52 -8.98 21.95
N MET E 31 13.32 -8.27 21.15
CA MET E 31 14.05 -8.90 20.05
C MET E 31 15.24 -9.67 20.60
N LEU E 32 15.57 -9.40 21.85
CA LEU E 32 16.47 -10.27 22.58
C LEU E 32 15.72 -11.57 22.91
N LEU E 33 14.39 -11.51 22.86
CA LEU E 33 13.56 -12.65 23.26
C LEU E 33 13.26 -13.67 22.15
N THR E 34 13.62 -13.37 20.91
CA THR E 34 13.47 -14.35 19.84
C THR E 34 14.79 -14.67 19.15
N ILE E 35 15.70 -15.26 19.90
CA ILE E 35 16.93 -15.85 19.39
C ILE E 35 17.32 -16.90 20.41
N SER E 36 17.87 -18.02 19.94
CA SER E 36 18.23 -19.12 20.84
C SER E 36 19.37 -18.79 21.79
N GLU E 37 19.57 -19.64 22.78
CA GLU E 37 20.79 -19.59 23.57
C GLU E 37 21.78 -20.45 22.83
N PHE E 38 21.23 -21.47 22.18
CA PHE E 38 22.03 -22.56 21.64
C PHE E 38 22.52 -22.33 20.21
N LYS E 39 21.78 -21.56 19.42
CA LYS E 39 22.06 -21.49 17.98
C LYS E 39 21.71 -20.15 17.36
N PRO E 40 22.61 -19.60 16.55
CA PRO E 40 22.35 -18.33 15.87
C PRO E 40 21.25 -18.52 14.86
N THR E 41 20.29 -17.59 14.83
CA THR E 41 19.16 -17.69 13.92
C THR E 41 19.56 -17.63 12.44
N TYR E 42 20.67 -16.96 12.14
CA TYR E 42 21.23 -16.92 10.79
C TYR E 42 22.73 -17.35 10.73
N GLN E 43 23.10 -18.16 9.76
CA GLN E 43 24.48 -18.59 9.67
C GLN E 43 24.92 -18.60 8.23
N ASP E 44 24.02 -18.21 7.35
CA ASP E 44 24.32 -18.16 5.93
C ASP E 44 25.46 -17.19 5.61
N ARG E 45 25.92 -16.45 6.61
CA ARG E 45 27.00 -15.50 6.39
C ARG E 45 28.37 -16.14 6.52
N VAL E 46 28.46 -17.19 7.32
CA VAL E 46 29.72 -17.90 7.53
C VAL E 46 29.82 -19.17 6.69
N ALA E 47 28.97 -19.27 5.66
CA ALA E 47 28.88 -20.49 4.87
C ALA E 47 30.25 -21.12 4.63
N PRO E 48 31.15 -20.41 3.95
CA PRO E 48 32.48 -20.99 3.82
C PRO E 48 33.32 -20.71 5.07
N PRO E 49 33.77 -21.76 5.75
CA PRO E 49 34.64 -21.63 6.93
C PRO E 49 35.92 -20.93 6.54
N GLY E 50 36.60 -20.33 7.51
CA GLY E 50 37.81 -19.57 7.24
C GLY E 50 39.03 -20.06 8.00
N LEU E 51 40.09 -20.37 7.27
CA LEU E 51 41.28 -20.93 7.88
C LEU E 51 42.15 -19.82 8.47
N THR E 52 42.19 -19.76 9.81
CA THR E 52 42.97 -18.73 10.52
C THR E 52 44.34 -19.25 10.97
N GLN E 53 45.27 -18.32 11.22
CA GLN E 53 46.65 -18.67 11.56
C GLN E 53 47.09 -18.20 12.94
N ILE E 54 47.79 -19.07 13.67
CA ILE E 54 48.24 -18.74 15.02
C ILE E 54 49.32 -17.66 15.05
N PRO E 55 50.35 -17.78 14.22
CA PRO E 55 51.32 -16.69 14.26
C PRO E 55 50.63 -15.42 13.78
N GLN E 56 50.46 -14.48 14.69
CA GLN E 56 49.75 -13.24 14.43
C GLN E 56 50.52 -12.34 13.45
N SER E 57 50.20 -12.46 12.16
CA SER E 57 50.97 -11.80 11.10
C SER E 57 50.50 -10.37 10.82
N GLN E 58 51.31 -9.39 11.23
CA GLN E 58 50.95 -7.99 11.06
C GLN E 58 50.18 -7.77 9.76
N LYS E 59 50.76 -8.18 8.64
CA LYS E 59 50.11 -8.05 7.33
C LYS E 59 50.24 -9.32 6.51
N THR E 60 50.01 -10.47 7.14
CA THR E 60 50.13 -11.79 6.52
C THR E 60 51.59 -12.20 6.30
N GLU E 61 52.49 -11.67 7.12
CA GLU E 61 53.92 -11.87 6.91
C GLU E 61 54.69 -12.21 8.19
N ILE E 62 55.67 -13.10 8.06
CA ILE E 62 56.54 -13.49 9.17
C ILE E 62 58.01 -13.33 8.83
N SER E 63 58.45 -12.07 8.73
CA SER E 63 59.87 -11.75 8.52
C SER E 63 60.56 -11.60 9.87
N PHE E 64 61.73 -12.23 10.00
CA PHE E 64 62.45 -12.16 11.26
C PHE E 64 63.85 -12.76 11.11
N ARG E 65 64.73 -12.35 12.00
CA ARG E 65 66.14 -12.72 11.90
C ARG E 65 66.49 -13.89 12.82
N PRO E 66 66.98 -14.98 12.23
CA PRO E 66 67.44 -16.14 13.00
C PRO E 66 68.50 -15.74 14.03
N ASN E 67 69.29 -14.73 13.71
CA ASN E 67 70.39 -14.30 14.57
C ASN E 67 69.97 -13.50 15.80
N ASP E 68 68.73 -13.06 15.83
CA ASP E 68 68.20 -12.36 16.99
C ASP E 68 67.22 -13.27 17.74
N PRO E 69 67.37 -13.36 19.06
CA PRO E 69 66.43 -14.11 19.88
C PRO E 69 65.08 -13.38 19.93
N GLN E 70 65.16 -12.07 20.11
CA GLN E 70 63.96 -11.25 20.23
C GLN E 70 63.39 -10.82 18.88
N SER E 71 64.01 -11.26 17.80
CA SER E 71 63.51 -10.89 16.47
C SER E 71 62.28 -11.68 16.10
N TYR E 72 61.84 -12.55 17.00
CA TYR E 72 60.63 -13.33 16.79
C TYR E 72 59.97 -13.72 18.10
N GLU E 73 60.16 -12.89 19.12
CA GLU E 73 59.45 -13.07 20.39
C GLU E 73 57.96 -12.83 20.19
N SER E 74 57.63 -11.94 19.25
CA SER E 74 56.24 -11.61 18.94
C SER E 74 55.47 -12.80 18.38
N TYR E 75 56.10 -13.51 17.46
CA TYR E 75 55.51 -14.70 16.87
C TYR E 75 55.47 -15.85 17.87
N VAL E 76 56.33 -15.75 18.90
CA VAL E 76 56.42 -16.78 19.94
C VAL E 76 55.32 -16.63 20.96
N VAL E 77 55.15 -15.40 21.42
CA VAL E 77 54.10 -15.08 22.38
C VAL E 77 52.74 -15.62 21.94
N SER E 78 52.22 -15.12 20.83
CA SER E 78 50.89 -15.50 20.37
C SER E 78 50.73 -17.00 20.11
N ILE E 79 51.74 -17.63 19.50
CA ILE E 79 51.71 -19.08 19.31
C ILE E 79 51.68 -19.79 20.65
N VAL E 80 52.24 -19.13 21.67
CA VAL E 80 52.15 -19.63 23.03
C VAL E 80 50.70 -19.60 23.51
N ARG E 81 50.06 -18.44 23.43
CA ARG E 81 48.70 -18.28 23.91
C ARG E 81 47.73 -19.32 23.33
N PHE E 82 47.73 -19.49 22.02
CA PHE E 82 46.83 -20.46 21.38
C PHE E 82 47.00 -21.84 21.93
N LEU E 83 48.20 -22.13 22.42
CA LEU E 83 48.57 -23.49 22.79
C LEU E 83 48.44 -23.80 24.29
N GLU E 84 48.56 -22.77 25.13
CA GLU E 84 48.36 -22.91 26.57
C GLU E 84 46.98 -23.45 26.89
N LYS E 85 46.09 -23.39 25.89
CA LYS E 85 44.73 -23.90 26.03
C LYS E 85 44.73 -25.43 25.96
N TYR E 86 45.49 -25.95 25.00
CA TYR E 86 45.48 -27.38 24.73
C TYR E 86 46.28 -28.19 25.75
N LYS E 87 46.59 -27.56 26.87
CA LYS E 87 47.36 -28.23 27.92
C LYS E 87 46.73 -29.56 28.32
N ASP E 88 47.58 -30.55 28.55
CA ASP E 88 47.13 -31.83 29.08
C ASP E 88 46.68 -31.65 30.53
N LEU E 89 47.00 -30.49 31.10
CA LEU E 89 46.63 -30.18 32.47
C LEU E 89 45.26 -29.51 32.52
N ALA E 90 44.91 -28.79 31.47
CA ALA E 90 43.62 -28.14 31.41
C ALA E 90 42.51 -29.19 31.34
N GLN E 91 42.78 -30.25 30.59
CA GLN E 91 41.83 -31.33 30.39
C GLN E 91 42.39 -32.59 31.02
N LYS E 92 41.93 -32.92 32.21
CA LYS E 92 42.42 -34.11 32.89
C LYS E 92 41.30 -35.11 33.14
N ASP E 93 40.24 -34.63 33.78
CA ASP E 93 39.15 -35.49 34.18
C ASP E 93 38.15 -35.63 33.04
N ASP E 94 37.70 -36.86 32.80
CA ASP E 94 36.73 -37.15 31.75
C ASP E 94 35.62 -36.12 31.77
N MET E 95 35.48 -35.43 32.90
CA MET E 95 34.56 -34.32 33.02
C MET E 95 35.32 -33.04 32.76
N ILE E 96 35.02 -32.40 31.64
CA ILE E 96 34.03 -32.94 30.71
C ILE E 96 34.68 -33.38 29.42
N PHE E 97 35.79 -34.11 29.54
CA PHE E 97 36.51 -34.56 28.37
C PHE E 97 36.36 -36.05 28.07
N GLU E 98 36.77 -36.45 26.87
CA GLU E 98 36.67 -37.84 26.44
C GLU E 98 37.81 -38.20 25.50
N ASP E 99 38.63 -39.17 25.92
CA ASP E 99 39.77 -39.61 25.13
C ASP E 99 39.30 -40.25 23.81
N CYS E 100 39.01 -39.42 22.82
CA CYS E 100 38.56 -39.91 21.53
C CYS E 100 39.63 -40.75 20.85
N GLY E 101 39.30 -41.31 19.68
CA GLY E 101 40.22 -42.13 18.94
C GLY E 101 41.55 -41.43 18.71
N ASN E 102 42.63 -42.09 19.13
CA ASN E 102 43.98 -41.54 18.98
C ASN E 102 44.28 -41.17 17.53
N VAL E 103 43.38 -41.53 16.62
CA VAL E 103 43.56 -41.23 15.21
C VAL E 103 42.29 -40.63 14.61
N PRO E 104 42.19 -40.70 13.29
CA PRO E 104 41.01 -40.16 12.59
C PRO E 104 39.79 -41.06 12.75
N SER E 105 38.99 -40.78 13.77
CA SER E 105 37.78 -41.57 14.04
C SER E 105 36.58 -40.99 13.30
N GLU E 106 35.38 -41.45 13.68
CA GLU E 106 34.15 -40.97 13.07
C GLU E 106 33.42 -39.99 13.98
N LEU E 107 32.60 -39.14 13.37
CA LEU E 107 31.83 -38.16 14.12
C LEU E 107 30.67 -38.80 14.86
N LYS E 108 30.22 -38.16 15.93
CA LYS E 108 29.11 -38.67 16.72
C LYS E 108 28.32 -37.51 17.31
N GLU E 109 27.25 -37.18 16.61
CA GLU E 109 26.26 -36.22 17.08
C GLU E 109 25.91 -36.55 18.53
N ARG E 110 26.20 -35.62 19.44
CA ARG E 110 25.92 -35.82 20.84
C ARG E 110 24.52 -35.31 21.18
N GLY E 111 23.52 -35.97 20.63
CA GLY E 111 22.14 -35.57 20.82
C GLY E 111 21.78 -34.45 19.86
N GLU E 112 21.02 -33.49 20.35
CA GLU E 112 20.63 -32.33 19.57
C GLU E 112 21.11 -31.06 20.24
N TYR E 113 20.51 -29.93 19.87
CA TYR E 113 20.92 -28.64 20.43
C TYR E 113 20.05 -28.23 21.62
N ASN E 114 19.98 -29.12 22.60
CA ASN E 114 19.15 -28.88 23.78
C ASN E 114 19.96 -28.83 25.04
N ASN E 115 19.39 -28.20 26.06
CA ASN E 115 19.95 -28.30 27.39
C ASN E 115 19.18 -29.36 28.17
N GLU E 116 18.69 -30.35 27.44
CA GLU E 116 17.90 -31.43 28.03
C GLU E 116 18.80 -32.44 28.71
N ARG E 117 20.05 -32.51 28.25
CA ARG E 117 21.08 -33.27 28.93
C ARG E 117 22.14 -32.32 29.46
N GLY E 118 23.25 -32.87 29.92
CA GLY E 118 24.30 -32.05 30.52
C GLY E 118 25.12 -31.25 29.52
N GLU E 119 26.34 -30.94 29.92
CA GLU E 119 27.31 -30.28 29.06
C GLU E 119 27.87 -31.25 28.05
N ARG E 120 27.48 -31.09 26.80
CA ARG E 120 27.95 -31.96 25.73
C ARG E 120 29.44 -32.27 25.88
N LYS E 121 29.77 -33.56 25.80
CA LYS E 121 31.14 -34.04 25.94
C LYS E 121 32.07 -33.41 24.92
N VAL E 122 33.32 -33.19 25.31
CA VAL E 122 34.29 -32.52 24.45
C VAL E 122 35.55 -33.36 24.20
N CYS E 123 35.79 -33.71 22.94
CA CYS E 123 36.97 -34.50 22.60
C CYS E 123 38.28 -33.80 22.91
N ARG E 124 39.24 -34.57 23.41
CA ARG E 124 40.53 -34.02 23.82
C ARG E 124 41.44 -33.79 22.63
N PHE E 125 42.64 -33.30 22.91
CA PHE E 125 43.65 -33.12 21.89
C PHE E 125 45.01 -32.78 22.52
N ARG E 126 45.99 -33.64 22.27
CA ARG E 126 47.30 -33.57 22.93
C ARG E 126 48.28 -32.67 22.22
N LEU E 127 48.88 -31.75 22.96
CA LEU E 127 49.89 -30.88 22.41
C LEU E 127 50.98 -31.70 21.74
N GLU E 128 51.02 -32.98 22.09
CA GLU E 128 52.01 -33.91 21.57
C GLU E 128 51.74 -34.26 20.11
N TRP E 129 50.47 -34.31 19.76
CA TRP E 129 50.10 -34.60 18.38
C TRP E 129 50.85 -33.72 17.38
N LEU E 130 51.34 -32.57 17.85
CA LEU E 130 52.05 -31.60 17.00
C LEU E 130 53.56 -31.69 17.21
N GLY E 131 54.16 -32.72 16.63
CA GLY E 131 55.60 -32.92 16.77
C GLY E 131 56.38 -31.66 16.47
N ASN E 132 57.61 -31.61 16.96
CA ASN E 132 58.49 -30.47 16.74
C ASN E 132 57.77 -29.12 16.79
N CYS E 133 56.60 -29.12 17.41
CA CYS E 133 55.84 -27.89 17.70
C CYS E 133 54.50 -28.13 18.36
N GLY E 142 60.29 -25.86 21.15
CA GLY E 142 61.32 -24.85 20.98
C GLY E 142 60.87 -23.47 21.41
N TYR E 143 60.34 -22.71 20.46
CA TYR E 143 60.20 -23.18 19.09
C TYR E 143 61.49 -22.97 18.31
N LYS E 144 61.63 -23.68 17.19
CA LYS E 144 62.82 -23.57 16.36
C LYS E 144 62.93 -22.18 15.74
N ASP E 145 64.16 -21.79 15.41
CA ASP E 145 64.43 -20.48 14.82
C ASP E 145 64.57 -20.59 13.31
N GLY E 146 65.48 -21.45 12.87
CA GLY E 146 65.73 -21.64 11.44
C GLY E 146 64.45 -21.80 10.65
N LYS E 147 63.56 -22.67 11.15
CA LYS E 147 62.29 -22.91 10.47
C LYS E 147 61.12 -22.81 11.46
N PRO E 148 60.66 -21.59 11.69
CA PRO E 148 59.55 -21.36 12.61
C PRO E 148 58.35 -22.23 12.29
N CYS E 149 57.71 -22.77 13.33
CA CYS E 149 56.54 -23.63 13.15
C CYS E 149 55.26 -22.82 13.13
N VAL E 150 54.43 -23.04 12.12
CA VAL E 150 53.16 -22.32 11.99
C VAL E 150 51.99 -23.30 11.94
N ILE E 151 51.17 -23.28 12.99
CA ILE E 151 50.01 -24.15 13.07
C ILE E 151 48.78 -23.48 12.45
N ILE E 152 47.90 -24.30 11.86
CA ILE E 152 46.69 -23.79 11.24
C ILE E 152 45.45 -24.22 12.02
N LYS E 153 44.31 -23.61 11.74
CA LYS E 153 43.09 -23.84 12.51
C LYS E 153 41.87 -23.70 11.62
N LEU E 154 40.80 -24.42 11.96
CA LEU E 154 39.56 -24.32 11.21
C LEU E 154 38.50 -23.55 11.98
N ASN E 155 37.78 -22.66 11.30
CA ASN E 155 36.82 -21.81 11.98
C ASN E 155 35.57 -22.55 12.48
N ARG E 156 35.24 -22.31 13.73
CA ARG E 156 34.11 -22.96 14.40
C ARG E 156 32.78 -22.69 13.70
N VAL E 157 31.97 -23.73 13.56
CA VAL E 157 30.70 -23.62 12.85
C VAL E 157 29.63 -24.56 13.41
N LEU E 158 28.65 -24.00 14.11
CA LEU E 158 27.60 -24.82 14.70
C LEU E 158 26.96 -25.71 13.65
N GLY E 159 26.98 -27.01 13.91
CA GLY E 159 26.33 -27.97 13.05
C GLY E 159 27.11 -28.31 11.80
N PHE E 160 28.27 -27.69 11.66
CA PHE E 160 29.09 -27.93 10.49
C PHE E 160 29.56 -29.38 10.43
N LYS E 161 29.23 -30.07 9.34
CA LYS E 161 29.71 -31.43 9.12
C LYS E 161 30.67 -31.51 7.91
N PRO E 162 31.95 -31.19 8.13
CA PRO E 162 32.89 -31.20 7.00
C PRO E 162 32.86 -32.54 6.29
N LYS E 163 32.83 -32.53 4.97
CA LYS E 163 32.76 -33.76 4.21
C LYS E 163 33.89 -33.82 3.18
N PRO E 164 35.03 -34.45 3.54
CA PRO E 164 36.21 -34.51 2.68
C PRO E 164 35.87 -35.04 1.30
N PRO E 165 36.55 -34.51 0.29
CA PRO E 165 36.29 -34.78 -1.13
C PRO E 165 36.24 -36.26 -1.40
N LYS E 166 35.44 -36.70 -2.37
CA LYS E 166 35.40 -38.11 -2.72
C LYS E 166 36.71 -38.50 -3.41
N ASN E 167 36.96 -39.81 -3.49
CA ASN E 167 38.18 -40.30 -4.13
C ASN E 167 38.26 -39.93 -5.60
N GLU E 168 37.23 -39.26 -6.08
CA GLU E 168 37.13 -38.88 -7.49
C GLU E 168 37.54 -37.43 -7.76
N SER E 169 37.75 -36.66 -6.70
CA SER E 169 38.16 -35.28 -6.84
C SER E 169 39.47 -35.00 -6.10
N LEU E 170 40.57 -34.98 -6.86
CA LEU E 170 41.90 -34.85 -6.27
C LEU E 170 42.96 -34.71 -7.36
N GLU E 171 43.78 -33.68 -7.27
CA GLU E 171 44.79 -33.39 -8.30
C GLU E 171 46.20 -33.43 -7.73
N THR E 172 47.18 -32.95 -8.49
CA THR E 172 48.57 -32.99 -8.07
C THR E 172 48.93 -31.90 -7.06
N TYR E 173 49.03 -32.25 -5.78
CA TYR E 173 48.76 -33.59 -5.25
C TYR E 173 48.54 -33.57 -3.74
N PRO E 174 47.27 -33.60 -3.30
CA PRO E 174 46.95 -33.74 -1.88
C PRO E 174 46.82 -35.19 -1.45
N VAL E 175 47.83 -35.69 -0.73
CA VAL E 175 47.88 -37.08 -0.31
C VAL E 175 48.28 -37.12 1.16
N MET E 176 47.95 -38.22 1.84
CA MET E 176 47.26 -39.33 1.20
C MET E 176 45.76 -39.12 1.16
N LYS E 177 45.03 -40.11 0.65
CA LYS E 177 43.58 -40.02 0.56
C LYS E 177 42.91 -40.60 1.81
N TYR E 178 42.64 -39.73 2.78
CA TYR E 178 42.00 -40.14 4.02
C TYR E 178 40.49 -40.02 3.93
N ASN E 179 39.94 -40.43 2.79
CA ASN E 179 38.49 -40.37 2.58
C ASN E 179 37.70 -40.61 3.86
N PRO E 180 38.21 -41.51 4.70
CA PRO E 180 37.55 -41.83 5.98
C PRO E 180 37.02 -40.57 6.66
N TYR E 181 37.78 -40.05 7.61
CA TYR E 181 37.38 -38.85 8.35
C TYR E 181 38.57 -37.94 8.62
N VAL E 182 38.88 -37.08 7.65
CA VAL E 182 40.00 -36.16 7.77
C VAL E 182 39.99 -35.13 6.65
N LEU E 183 40.16 -33.86 7.01
CA LEU E 183 40.17 -32.78 6.03
C LEU E 183 41.59 -32.46 5.58
N PRO E 184 41.92 -32.87 4.36
CA PRO E 184 43.25 -32.63 3.80
C PRO E 184 43.68 -31.17 3.96
N VAL E 185 44.98 -30.93 3.91
CA VAL E 185 45.51 -29.57 4.05
C VAL E 185 46.88 -29.45 3.40
N HIS E 186 46.90 -29.01 2.14
CA HIS E 186 48.15 -28.85 1.40
C HIS E 186 48.58 -27.39 1.40
N CYS E 187 49.87 -27.16 1.11
CA CYS E 187 50.41 -25.81 1.06
C CYS E 187 51.27 -25.60 -0.19
N THR E 188 51.20 -24.41 -0.74
CA THR E 188 51.97 -24.07 -1.95
C THR E 188 51.95 -22.57 -2.22
N GLY E 189 52.80 -22.13 -3.14
CA GLY E 189 52.88 -20.72 -3.49
C GLY E 189 52.43 -20.46 -4.91
N LYS E 195 55.97 -23.82 -10.12
CA LYS E 195 56.46 -22.45 -10.04
C LYS E 195 56.83 -22.06 -8.62
N GLU E 196 57.99 -21.43 -8.48
CA GLU E 196 58.34 -20.80 -7.22
C GLU E 196 58.57 -21.80 -6.10
N LYS E 197 58.69 -23.08 -6.44
CA LYS E 197 58.87 -24.12 -5.44
C LYS E 197 60.19 -23.94 -4.69
N VAL E 198 60.19 -23.10 -3.67
CA VAL E 198 61.37 -22.88 -2.85
C VAL E 198 61.08 -23.22 -1.40
N GLY E 199 60.68 -24.48 -1.18
CA GLY E 199 60.27 -24.99 0.12
C GLY E 199 60.27 -26.50 0.31
N THR E 200 60.07 -26.93 1.56
CA THR E 200 60.02 -28.35 1.91
C THR E 200 59.01 -28.60 3.03
N MET E 201 57.86 -29.15 2.67
CA MET E 201 56.70 -29.12 3.55
C MET E 201 56.55 -30.32 4.47
N GLU E 202 56.34 -30.06 5.75
CA GLU E 202 56.09 -31.14 6.71
C GLU E 202 54.88 -30.86 7.60
N TYR E 203 54.15 -31.93 7.94
CA TYR E 203 52.88 -31.82 8.65
C TYR E 203 52.78 -32.76 9.86
N PHE E 204 52.58 -32.19 11.04
CA PHE E 204 52.52 -32.95 12.29
C PHE E 204 51.09 -33.13 12.76
N GLY E 205 50.49 -34.29 12.47
CA GLY E 205 49.06 -34.43 12.62
C GLY E 205 48.51 -35.39 13.68
N LEU E 206 47.19 -35.40 13.77
CA LEU E 206 46.46 -36.36 14.59
C LEU E 206 46.41 -37.64 13.78
N GLY E 207 47.19 -38.62 14.23
CA GLY E 207 47.47 -39.79 13.42
C GLY E 207 48.70 -39.50 12.60
N GLY E 208 49.02 -38.23 12.49
CA GLY E 208 50.17 -37.78 11.71
C GLY E 208 49.71 -37.27 10.36
N TYR E 209 48.44 -37.49 10.06
CA TYR E 209 47.91 -37.08 8.77
C TYR E 209 47.84 -35.57 8.65
N PRO E 210 47.91 -35.06 7.42
CA PRO E 210 47.86 -33.62 7.17
C PRO E 210 46.42 -33.17 6.98
N GLY E 211 45.58 -33.43 7.98
CA GLY E 211 44.17 -33.08 7.90
C GLY E 211 43.45 -33.10 9.23
N PHE E 212 42.21 -32.61 9.24
CA PHE E 212 41.41 -32.56 10.46
C PHE E 212 40.59 -33.82 10.65
N PRO E 213 40.50 -34.28 11.90
CA PRO E 213 39.73 -35.48 12.26
C PRO E 213 38.24 -35.19 12.35
N LEU E 214 37.45 -35.93 11.59
CA LEU E 214 36.01 -35.80 11.66
C LEU E 214 35.46 -36.45 12.92
N GLN E 215 36.16 -36.27 14.02
CA GLN E 215 35.67 -36.79 15.29
C GLN E 215 35.39 -35.63 16.24
N TYR E 216 35.61 -34.42 15.75
CA TYR E 216 35.45 -33.24 16.58
C TYR E 216 34.24 -32.42 16.15
N TYR E 217 33.52 -32.90 15.15
CA TYR E 217 32.34 -32.20 14.67
C TYR E 217 31.08 -33.05 14.84
N PRO E 218 29.90 -32.41 14.81
CA PRO E 218 29.75 -30.95 14.74
C PRO E 218 29.99 -30.29 16.09
N TYR E 219 30.67 -29.15 16.08
CA TYR E 219 30.90 -28.38 17.29
C TYR E 219 29.57 -27.81 17.78
N TYR E 220 29.30 -27.97 19.08
CA TYR E 220 27.97 -27.69 19.65
C TYR E 220 27.77 -26.34 20.35
N GLY E 221 28.26 -25.25 19.76
CA GLY E 221 28.17 -23.94 20.38
C GLY E 221 29.19 -23.80 21.49
N LYS E 222 29.23 -22.65 22.15
CA LYS E 222 30.02 -22.56 23.36
C LYS E 222 29.08 -22.82 24.52
N LEU E 223 27.94 -22.14 24.48
CA LEU E 223 26.97 -22.25 25.55
C LEU E 223 26.60 -23.70 25.82
N LEU E 224 26.87 -24.57 24.85
CA LEU E 224 26.53 -25.98 25.01
C LEU E 224 27.75 -26.88 25.25
N GLN E 225 28.93 -26.32 25.02
CA GLN E 225 30.16 -27.08 25.16
C GLN E 225 31.33 -26.21 25.62
N PRO E 226 31.19 -25.55 26.77
CA PRO E 226 32.27 -24.70 27.25
C PRO E 226 33.53 -25.52 27.34
N LYS E 227 34.70 -24.88 27.26
CA LYS E 227 35.96 -25.58 27.32
C LYS E 227 36.21 -26.48 26.11
N TYR E 228 35.31 -26.42 25.12
CA TYR E 228 35.50 -27.18 23.89
C TYR E 228 36.84 -26.84 23.28
N LEU E 229 37.43 -27.79 22.55
CA LEU E 229 38.70 -27.51 21.87
C LEU E 229 38.70 -28.04 20.44
N GLN E 230 39.18 -27.21 19.52
CA GLN E 230 39.21 -27.55 18.11
C GLN E 230 40.57 -28.10 17.66
N PRO E 231 40.58 -28.93 16.59
CA PRO E 231 41.81 -29.56 16.12
C PRO E 231 42.90 -28.55 15.78
N LEU E 232 44.14 -29.04 15.71
CA LEU E 232 45.26 -28.23 15.26
C LEU E 232 46.02 -28.98 14.16
N MET E 233 46.88 -28.26 13.44
CA MET E 233 47.60 -28.84 12.31
C MET E 233 48.96 -28.18 12.10
N ALA E 234 49.94 -28.57 12.91
CA ALA E 234 51.30 -28.04 12.79
C ALA E 234 51.83 -28.17 11.37
N VAL E 235 52.41 -27.09 10.84
CA VAL E 235 53.02 -27.13 9.52
C VAL E 235 54.19 -26.18 9.42
N GLN E 236 55.40 -26.70 9.56
CA GLN E 236 56.59 -25.89 9.43
C GLN E 236 57.52 -26.43 8.34
N PHE E 237 58.18 -25.51 7.67
CA PHE E 237 59.10 -25.82 6.57
C PHE E 237 60.50 -25.94 7.15
N THR E 238 61.46 -26.47 6.36
CA THR E 238 62.87 -26.45 6.75
C THR E 238 63.76 -25.74 5.74
N ASN E 239 64.12 -26.45 4.68
CA ASN E 239 64.97 -25.87 3.66
C ASN E 239 64.24 -24.76 2.90
N LEU E 240 64.49 -23.51 3.29
CA LEU E 240 63.93 -22.36 2.61
C LEU E 240 64.97 -21.29 2.41
N THR E 241 64.71 -20.43 1.44
CA THR E 241 65.53 -19.25 1.23
C THR E 241 65.60 -18.41 2.51
N MET E 242 66.61 -17.55 2.63
CA MET E 242 66.78 -16.66 3.79
C MET E 242 67.15 -15.22 3.40
N ASP E 243 67.02 -14.92 2.11
CA ASP E 243 67.38 -13.60 1.57
C ASP E 243 66.28 -13.09 0.66
N THR E 244 65.12 -13.72 0.72
CA THR E 244 63.98 -13.27 -0.06
C THR E 244 62.65 -13.70 0.57
N GLU E 245 61.62 -12.90 0.32
CA GLU E 245 60.28 -13.20 0.78
C GLU E 245 59.68 -14.27 -0.11
N ILE E 246 59.03 -15.25 0.51
CA ILE E 246 58.43 -16.33 -0.23
C ILE E 246 56.94 -16.31 -0.04
N ARG E 247 56.20 -16.61 -1.11
CA ARG E 247 54.74 -16.57 -1.04
C ARG E 247 54.13 -17.97 -1.07
N ILE E 248 53.75 -18.47 0.10
CA ILE E 248 53.11 -19.77 0.22
C ILE E 248 51.66 -19.68 0.74
N GLU E 249 50.83 -20.63 0.33
CA GLU E 249 49.38 -20.60 0.59
C GLU E 249 48.82 -21.95 1.04
N CYS E 250 48.46 -22.07 2.31
CA CYS E 250 47.74 -23.25 2.76
C CYS E 250 46.35 -23.23 2.16
N LYS E 251 45.77 -24.41 1.98
CA LYS E 251 44.43 -24.51 1.45
C LYS E 251 43.75 -25.78 1.96
N ALA E 252 42.50 -25.63 2.36
CA ALA E 252 41.72 -26.78 2.78
C ALA E 252 40.92 -27.32 1.59
N TYR E 253 40.41 -28.55 1.71
CA TYR E 253 39.68 -29.18 0.61
C TYR E 253 38.49 -29.99 1.07
N GLY E 254 37.36 -29.80 0.39
CA GLY E 254 36.15 -30.55 0.67
C GLY E 254 34.91 -29.96 0.03
N GLU E 255 33.89 -30.79 -0.12
CA GLU E 255 32.60 -30.35 -0.62
C GLU E 255 32.14 -29.15 0.20
N ASN E 256 32.23 -29.28 1.53
CA ASN E 256 31.80 -28.22 2.44
C ASN E 256 32.83 -27.09 2.56
N ILE E 257 33.74 -27.01 1.60
CA ILE E 257 34.80 -26.01 1.66
C ILE E 257 34.85 -25.18 0.38
N GLY E 258 34.74 -23.86 0.55
CA GLY E 258 34.78 -22.94 -0.58
C GLY E 258 35.69 -21.76 -0.37
N TYR E 259 36.04 -21.08 -1.46
CA TYR E 259 36.90 -19.91 -1.37
C TYR E 259 36.35 -18.79 -2.25
N SER E 260 36.65 -17.56 -1.88
CA SER E 260 36.22 -16.37 -2.62
C SER E 260 37.39 -15.53 -3.08
N GLU E 261 37.15 -14.63 -4.03
CA GLU E 261 38.22 -13.79 -4.50
C GLU E 261 38.50 -12.65 -3.53
N LYS E 262 37.48 -12.16 -2.85
CA LYS E 262 37.68 -11.01 -1.97
C LYS E 262 38.28 -11.40 -0.63
N ASP E 263 37.77 -12.47 -0.04
CA ASP E 263 38.27 -12.91 1.25
C ASP E 263 39.47 -13.82 1.04
N ARG E 264 40.66 -13.31 1.34
CA ARG E 264 41.88 -14.09 1.19
C ARG E 264 42.10 -14.99 2.38
N PHE E 265 41.01 -15.41 3.01
CA PHE E 265 41.09 -16.24 4.20
C PHE E 265 40.04 -17.35 4.20
N GLN E 266 39.19 -17.35 3.18
CA GLN E 266 38.17 -18.39 3.07
C GLN E 266 38.78 -19.74 2.81
N GLY E 267 38.97 -20.51 3.87
CA GLY E 267 39.54 -21.84 3.77
C GLY E 267 40.94 -21.82 3.20
N ARG E 268 41.75 -20.86 3.65
CA ARG E 268 43.12 -20.75 3.19
C ARG E 268 43.82 -19.54 3.80
N PHE E 269 45.14 -19.58 3.86
CA PHE E 269 45.91 -18.40 4.20
C PHE E 269 46.78 -18.02 3.03
N ASP E 270 47.68 -17.09 3.29
CA ASP E 270 48.72 -16.68 2.37
C ASP E 270 49.76 -16.01 3.27
N VAL E 271 50.91 -16.65 3.43
CA VAL E 271 51.94 -16.13 4.33
C VAL E 271 53.23 -15.71 3.63
N LYS E 272 53.72 -14.54 4.00
CA LYS E 272 54.96 -14.00 3.45
C LYS E 272 56.09 -14.11 4.45
N ILE E 273 56.70 -15.28 4.50
CA ILE E 273 57.76 -15.56 5.46
C ILE E 273 59.11 -15.17 4.90
N GLU E 274 59.97 -14.71 5.79
CA GLU E 274 61.32 -14.35 5.41
C GLU E 274 62.19 -14.48 6.63
N VAL E 275 63.16 -15.36 6.55
CA VAL E 275 64.04 -15.61 7.67
C VAL E 275 65.37 -14.96 7.36
N LYS E 276 65.36 -13.64 7.44
CA LYS E 276 66.46 -12.82 6.99
C LYS E 276 67.59 -12.81 8.03
N SER E 277 68.81 -13.09 7.58
CA SER E 277 69.98 -13.00 8.43
C SER E 277 71.20 -13.55 7.69
N ASP F 1 20.94 -29.18 4.86
CA ASP F 1 21.83 -28.03 4.86
C ASP F 1 21.08 -26.76 5.20
N PRO F 2 20.64 -26.64 6.47
CA PRO F 2 19.92 -25.43 6.87
C PRO F 2 20.84 -24.21 6.85
N PHE F 3 22.01 -24.32 6.24
CA PHE F 3 22.89 -23.17 6.03
C PHE F 3 22.82 -22.71 4.60
N TYR F 4 21.71 -22.08 4.25
CA TYR F 4 21.47 -21.65 2.89
C TYR F 4 20.34 -20.67 2.88
N TYR F 5 20.46 -19.63 2.06
CA TYR F 5 19.33 -18.74 1.86
C TYR F 5 18.95 -18.69 0.39
N ASP F 6 17.67 -18.44 0.13
CA ASP F 6 17.20 -18.21 -1.21
C ASP F 6 17.26 -16.70 -1.46
N TYR F 7 18.45 -16.15 -1.26
CA TYR F 7 18.74 -14.77 -1.61
C TYR F 7 18.40 -14.52 -3.07
N GLU F 8 18.71 -15.47 -3.94
CA GLU F 8 18.51 -15.26 -5.37
C GLU F 8 17.05 -14.94 -5.70
N THR F 9 16.14 -15.35 -4.83
CA THR F 9 14.71 -15.15 -5.08
C THR F 9 14.10 -13.91 -4.41
N VAL F 10 14.74 -13.41 -3.36
CA VAL F 10 14.31 -12.15 -2.77
C VAL F 10 14.92 -11.00 -3.55
N ARG F 11 16.11 -11.21 -4.12
CA ARG F 11 16.67 -10.22 -5.03
C ARG F 11 15.76 -10.11 -6.24
N ASN F 12 15.40 -11.26 -6.80
CA ASN F 12 14.47 -11.30 -7.92
C ASN F 12 13.07 -10.88 -7.52
N GLY F 13 12.83 -10.80 -6.21
CA GLY F 13 11.50 -10.51 -5.68
C GLY F 13 11.35 -9.09 -5.17
N GLY F 14 12.46 -8.48 -4.79
CA GLY F 14 12.46 -7.08 -4.45
C GLY F 14 12.53 -6.28 -5.72
N LEU F 15 13.47 -6.64 -6.60
CA LEU F 15 13.62 -5.93 -7.85
C LEU F 15 12.34 -5.91 -8.67
N ILE F 16 11.35 -6.69 -8.25
CA ILE F 16 10.08 -6.73 -8.95
C ILE F 16 9.07 -5.79 -8.34
N PHE F 17 9.30 -5.38 -7.10
CA PHE F 17 8.38 -4.50 -6.37
C PHE F 17 8.88 -3.08 -6.21
N ALA F 18 10.17 -2.88 -6.46
CA ALA F 18 10.74 -1.54 -6.45
C ALA F 18 10.61 -1.01 -7.86
N ALA F 19 10.31 -1.90 -8.79
CA ALA F 19 10.03 -1.53 -10.16
C ALA F 19 8.53 -1.39 -10.37
N LEU F 20 7.75 -1.61 -9.31
CA LEU F 20 6.32 -1.42 -9.39
C LEU F 20 5.88 -0.10 -8.77
N ALA F 21 6.53 0.31 -7.69
CA ALA F 21 6.27 1.62 -7.13
C ALA F 21 6.87 2.69 -8.03
N PHE F 22 7.98 2.35 -8.68
CA PHE F 22 8.66 3.23 -9.64
C PHE F 22 7.71 3.62 -10.76
N ILE F 23 6.73 2.76 -11.01
CA ILE F 23 5.76 2.96 -12.09
C ILE F 23 4.39 3.35 -11.54
N VAL F 24 4.11 2.98 -10.30
CA VAL F 24 2.89 3.45 -9.65
C VAL F 24 2.97 4.95 -9.44
N GLY F 25 4.14 5.40 -8.99
CA GLY F 25 4.39 6.81 -8.76
C GLY F 25 4.44 7.60 -10.05
N LEU F 26 4.77 6.91 -11.15
CA LEU F 26 4.71 7.52 -12.47
C LEU F 26 3.27 7.62 -12.96
N ILE F 27 2.36 6.91 -12.28
CA ILE F 27 0.93 6.93 -12.62
C ILE F 27 0.24 8.08 -11.92
N ILE F 28 0.81 8.49 -10.80
CA ILE F 28 0.23 9.52 -9.97
C ILE F 28 0.83 10.91 -10.26
N ILE F 29 2.08 10.94 -10.69
CA ILE F 29 2.67 12.19 -11.12
C ILE F 29 2.12 12.54 -12.48
N LEU F 30 2.13 11.60 -13.42
CA LEU F 30 1.66 11.90 -14.78
C LEU F 30 0.14 11.73 -14.93
N SER F 31 -0.61 12.16 -13.91
CA SER F 31 -2.08 12.20 -13.99
C SER F 31 -2.63 13.62 -14.17
#